data_1ET9
# 
_entry.id   1ET9 
# 
_audit_conform.dict_name       mmcif_pdbx.dic 
_audit_conform.dict_version    5.385 
_audit_conform.dict_location   http://mmcif.pdb.org/dictionaries/ascii/mmcif_pdbx.dic 
# 
loop_
_database_2.database_id 
_database_2.database_code 
_database_2.pdbx_database_accession 
_database_2.pdbx_DOI 
PDB   1ET9         pdb_00001et9 10.2210/pdb1et9/pdb 
RCSB  RCSB010877   ?            ?                   
WWPDB D_1000010877 ?            ?                   
# 
loop_
_pdbx_audit_revision_history.ordinal 
_pdbx_audit_revision_history.data_content_type 
_pdbx_audit_revision_history.major_revision 
_pdbx_audit_revision_history.minor_revision 
_pdbx_audit_revision_history.revision_date 
1 'Structure model' 1 0 2000-04-26 
2 'Structure model' 1 1 2008-04-27 
3 'Structure model' 1 2 2011-07-13 
4 'Structure model' 1 3 2024-02-07 
# 
_pdbx_audit_revision_details.ordinal             1 
_pdbx_audit_revision_details.revision_ordinal    1 
_pdbx_audit_revision_details.data_content_type   'Structure model' 
_pdbx_audit_revision_details.provider            repository 
_pdbx_audit_revision_details.type                'Initial release' 
_pdbx_audit_revision_details.description         ? 
_pdbx_audit_revision_details.details             ? 
# 
loop_
_pdbx_audit_revision_group.ordinal 
_pdbx_audit_revision_group.revision_ordinal 
_pdbx_audit_revision_group.data_content_type 
_pdbx_audit_revision_group.group 
1 2 'Structure model' 'Version format compliance' 
2 3 'Structure model' 'Version format compliance' 
3 4 'Structure model' 'Data collection'           
4 4 'Structure model' 'Database references'       
# 
loop_
_pdbx_audit_revision_category.ordinal 
_pdbx_audit_revision_category.revision_ordinal 
_pdbx_audit_revision_category.data_content_type 
_pdbx_audit_revision_category.category 
1 4 'Structure model' chem_comp_atom 
2 4 'Structure model' chem_comp_bond 
3 4 'Structure model' database_2     
# 
loop_
_pdbx_audit_revision_item.ordinal 
_pdbx_audit_revision_item.revision_ordinal 
_pdbx_audit_revision_item.data_content_type 
_pdbx_audit_revision_item.item 
1 4 'Structure model' '_database_2.pdbx_DOI'                
2 4 'Structure model' '_database_2.pdbx_database_accession' 
# 
_pdbx_database_status.status_code                     REL 
_pdbx_database_status.entry_id                        1ET9 
_pdbx_database_status.recvd_initial_deposition_date   2000-04-12 
_pdbx_database_status.deposit_site                    RCSB 
_pdbx_database_status.process_site                    RCSB 
_pdbx_database_status.status_code_sf                  REL 
_pdbx_database_status.SG_entry                        . 
_pdbx_database_status.pdb_format_compatible           Y 
_pdbx_database_status.status_code_mr                  ? 
_pdbx_database_status.status_code_cs                  ? 
_pdbx_database_status.status_code_nmr_data            ? 
_pdbx_database_status.methods_development_category    ? 
# 
loop_
_pdbx_database_related.db_name 
_pdbx_database_related.db_id 
_pdbx_database_related.details 
_pdbx_database_related.content_type 
PDB 1ET6 APO-SMEZ-2                                                   unspecified 
PDB 1AN8 '1AN8 is a related superantigen from Streptococcus pyogenes' unspecified 
PDB 1EU3 ZN-SMEZ-2                                                    unspecified 
PDB 1EU4 ZN-SPE-H                                                     unspecified 
# 
loop_
_audit_author.name 
_audit_author.pdbx_ordinal 
'Arcus, V.L.'   1 
'Proft, T.'     2 
'Sigrell, J.A.' 3 
'Baker, H.M.'   4 
'Fraser, J.D.'  5 
'Baker, E.N.'   6 
# 
_citation.id                        primary 
_citation.title                     
;Conservation and variation in superantigen structure and activity highlighted by the three-dimensional structures of two new superantigens from Streptococcus pyogenes.
;
_citation.journal_abbrev            J.Mol.Biol. 
_citation.journal_volume            299 
_citation.page_first                157 
_citation.page_last                 168 
_citation.year                      2000 
_citation.journal_id_ASTM           JMOBAK 
_citation.country                   UK 
_citation.journal_id_ISSN           0022-2836 
_citation.journal_id_CSD            0070 
_citation.book_publisher            ? 
_citation.pdbx_database_id_PubMed   10860729 
_citation.pdbx_database_id_DOI      10.1006/jmbi.2000.3725 
# 
loop_
_citation_author.citation_id 
_citation_author.name 
_citation_author.ordinal 
_citation_author.identifier_ORCID 
primary 'Arcus, V.L.'   1 ? 
primary 'Proft, T.'     2 ? 
primary 'Sigrell, J.A.' 3 ? 
primary 'Baker, H.M.'   4 ? 
primary 'Fraser, J.D.'  5 ? 
primary 'Baker, E.N.'   6 ? 
# 
loop_
_entity.id 
_entity.type 
_entity.src_method 
_entity.pdbx_description 
_entity.formula_weight 
_entity.pdbx_number_of_molecules 
_entity.pdbx_ec 
_entity.pdbx_mutation 
_entity.pdbx_fragment 
_entity.details 
1 polymer man 'SUPERANTIGEN SPE-H' 23662.684 1  ? ? ? ? 
2 water   nat water                18.015    78 ? ? ? ? 
# 
_entity_poly.entity_id                      1 
_entity_poly.type                           'polypeptide(L)' 
_entity_poly.nstd_linkage                   no 
_entity_poly.nstd_monomer                   no 
_entity_poly.pdbx_seq_one_letter_code       
;NSYNTTNRHNLESLYKHDSNLIEADSIKNSPDIVTSHMLKYSVKDKNLSVFFEKDWISQEFKDKEVDIYALSAQEVCECP
GKRYEAFGGITLTNSEKKEIKVPVNVWDKSKQQPPMFITVNKPKVTAQEVDIKVRKLLIKKYDIYNNREQKYSKGTVTLD
LNSGKDIVFDLYYFGNGDFNSMLKIYSNNERIDSTQFHVDVSIS
;
_entity_poly.pdbx_seq_one_letter_code_can   
;NSYNTTNRHNLESLYKHDSNLIEADSIKNSPDIVTSHMLKYSVKDKNLSVFFEKDWISQEFKDKEVDIYALSAQEVCECP
GKRYEAFGGITLTNSEKKEIKVPVNVWDKSKQQPPMFITVNKPKVTAQEVDIKVRKLLIKKYDIYNNREQKYSKGTVTLD
LNSGKDIVFDLYYFGNGDFNSMLKIYSNNERIDSTQFHVDVSIS
;
_entity_poly.pdbx_strand_id                 A 
_entity_poly.pdbx_target_identifier         ? 
# 
_pdbx_entity_nonpoly.entity_id   2 
_pdbx_entity_nonpoly.name        water 
_pdbx_entity_nonpoly.comp_id     HOH 
# 
loop_
_entity_poly_seq.entity_id 
_entity_poly_seq.num 
_entity_poly_seq.mon_id 
_entity_poly_seq.hetero 
1 1   ASN n 
1 2   SER n 
1 3   TYR n 
1 4   ASN n 
1 5   THR n 
1 6   THR n 
1 7   ASN n 
1 8   ARG n 
1 9   HIS n 
1 10  ASN n 
1 11  LEU n 
1 12  GLU n 
1 13  SER n 
1 14  LEU n 
1 15  TYR n 
1 16  LYS n 
1 17  HIS n 
1 18  ASP n 
1 19  SER n 
1 20  ASN n 
1 21  LEU n 
1 22  ILE n 
1 23  GLU n 
1 24  ALA n 
1 25  ASP n 
1 26  SER n 
1 27  ILE n 
1 28  LYS n 
1 29  ASN n 
1 30  SER n 
1 31  PRO n 
1 32  ASP n 
1 33  ILE n 
1 34  VAL n 
1 35  THR n 
1 36  SER n 
1 37  HIS n 
1 38  MET n 
1 39  LEU n 
1 40  LYS n 
1 41  TYR n 
1 42  SER n 
1 43  VAL n 
1 44  LYS n 
1 45  ASP n 
1 46  LYS n 
1 47  ASN n 
1 48  LEU n 
1 49  SER n 
1 50  VAL n 
1 51  PHE n 
1 52  PHE n 
1 53  GLU n 
1 54  LYS n 
1 55  ASP n 
1 56  TRP n 
1 57  ILE n 
1 58  SER n 
1 59  GLN n 
1 60  GLU n 
1 61  PHE n 
1 62  LYS n 
1 63  ASP n 
1 64  LYS n 
1 65  GLU n 
1 66  VAL n 
1 67  ASP n 
1 68  ILE n 
1 69  TYR n 
1 70  ALA n 
1 71  LEU n 
1 72  SER n 
1 73  ALA n 
1 74  GLN n 
1 75  GLU n 
1 76  VAL n 
1 77  CYS n 
1 78  GLU n 
1 79  CYS n 
1 80  PRO n 
1 81  GLY n 
1 82  LYS n 
1 83  ARG n 
1 84  TYR n 
1 85  GLU n 
1 86  ALA n 
1 87  PHE n 
1 88  GLY n 
1 89  GLY n 
1 90  ILE n 
1 91  THR n 
1 92  LEU n 
1 93  THR n 
1 94  ASN n 
1 95  SER n 
1 96  GLU n 
1 97  LYS n 
1 98  LYS n 
1 99  GLU n 
1 100 ILE n 
1 101 LYS n 
1 102 VAL n 
1 103 PRO n 
1 104 VAL n 
1 105 ASN n 
1 106 VAL n 
1 107 TRP n 
1 108 ASP n 
1 109 LYS n 
1 110 SER n 
1 111 LYS n 
1 112 GLN n 
1 113 GLN n 
1 114 PRO n 
1 115 PRO n 
1 116 MET n 
1 117 PHE n 
1 118 ILE n 
1 119 THR n 
1 120 VAL n 
1 121 ASN n 
1 122 LYS n 
1 123 PRO n 
1 124 LYS n 
1 125 VAL n 
1 126 THR n 
1 127 ALA n 
1 128 GLN n 
1 129 GLU n 
1 130 VAL n 
1 131 ASP n 
1 132 ILE n 
1 133 LYS n 
1 134 VAL n 
1 135 ARG n 
1 136 LYS n 
1 137 LEU n 
1 138 LEU n 
1 139 ILE n 
1 140 LYS n 
1 141 LYS n 
1 142 TYR n 
1 143 ASP n 
1 144 ILE n 
1 145 TYR n 
1 146 ASN n 
1 147 ASN n 
1 148 ARG n 
1 149 GLU n 
1 150 GLN n 
1 151 LYS n 
1 152 TYR n 
1 153 SER n 
1 154 LYS n 
1 155 GLY n 
1 156 THR n 
1 157 VAL n 
1 158 THR n 
1 159 LEU n 
1 160 ASP n 
1 161 LEU n 
1 162 ASN n 
1 163 SER n 
1 164 GLY n 
1 165 LYS n 
1 166 ASP n 
1 167 ILE n 
1 168 VAL n 
1 169 PHE n 
1 170 ASP n 
1 171 LEU n 
1 172 TYR n 
1 173 TYR n 
1 174 PHE n 
1 175 GLY n 
1 176 ASN n 
1 177 GLY n 
1 178 ASP n 
1 179 PHE n 
1 180 ASN n 
1 181 SER n 
1 182 MET n 
1 183 LEU n 
1 184 LYS n 
1 185 ILE n 
1 186 TYR n 
1 187 SER n 
1 188 ASN n 
1 189 ASN n 
1 190 GLU n 
1 191 ARG n 
1 192 ILE n 
1 193 ASP n 
1 194 SER n 
1 195 THR n 
1 196 GLN n 
1 197 PHE n 
1 198 HIS n 
1 199 VAL n 
1 200 ASP n 
1 201 VAL n 
1 202 SER n 
1 203 ILE n 
1 204 SER n 
# 
_entity_src_gen.entity_id                          1 
_entity_src_gen.pdbx_src_id                        1 
_entity_src_gen.pdbx_alt_source_flag               sample 
_entity_src_gen.pdbx_seq_type                      ? 
_entity_src_gen.pdbx_beg_seq_num                   ? 
_entity_src_gen.pdbx_end_seq_num                   ? 
_entity_src_gen.gene_src_common_name               ? 
_entity_src_gen.gene_src_genus                     Streptococcus 
_entity_src_gen.pdbx_gene_src_gene                 ? 
_entity_src_gen.gene_src_species                   ? 
_entity_src_gen.gene_src_strain                    ? 
_entity_src_gen.gene_src_tissue                    ? 
_entity_src_gen.gene_src_tissue_fraction           ? 
_entity_src_gen.gene_src_details                   ? 
_entity_src_gen.pdbx_gene_src_fragment             ? 
_entity_src_gen.pdbx_gene_src_scientific_name      'Streptococcus pyogenes' 
_entity_src_gen.pdbx_gene_src_ncbi_taxonomy_id     1314 
_entity_src_gen.pdbx_gene_src_variant              ? 
_entity_src_gen.pdbx_gene_src_cell_line            ? 
_entity_src_gen.pdbx_gene_src_atcc                 ? 
_entity_src_gen.pdbx_gene_src_organ                ? 
_entity_src_gen.pdbx_gene_src_organelle            ? 
_entity_src_gen.pdbx_gene_src_cell                 ? 
_entity_src_gen.pdbx_gene_src_cellular_location    ? 
_entity_src_gen.host_org_common_name               ? 
_entity_src_gen.pdbx_host_org_scientific_name      'Escherichia coli' 
_entity_src_gen.pdbx_host_org_ncbi_taxonomy_id     562 
_entity_src_gen.host_org_genus                     Escherichia 
_entity_src_gen.pdbx_host_org_gene                 ? 
_entity_src_gen.pdbx_host_org_organ                ? 
_entity_src_gen.host_org_species                   ? 
_entity_src_gen.pdbx_host_org_tissue               ? 
_entity_src_gen.pdbx_host_org_tissue_fraction      ? 
_entity_src_gen.pdbx_host_org_strain               ? 
_entity_src_gen.pdbx_host_org_variant              ? 
_entity_src_gen.pdbx_host_org_cell_line            ? 
_entity_src_gen.pdbx_host_org_atcc                 ? 
_entity_src_gen.pdbx_host_org_culture_collection   ? 
_entity_src_gen.pdbx_host_org_cell                 ? 
_entity_src_gen.pdbx_host_org_organelle            ? 
_entity_src_gen.pdbx_host_org_cellular_location    ? 
_entity_src_gen.pdbx_host_org_vector_type          ? 
_entity_src_gen.pdbx_host_org_vector               ? 
_entity_src_gen.host_org_details                   ? 
_entity_src_gen.expression_system_id               ? 
_entity_src_gen.plasmid_name                       PGEX-2T 
_entity_src_gen.plasmid_details                    ? 
_entity_src_gen.pdbx_description                   ? 
# 
loop_
_chem_comp.id 
_chem_comp.type 
_chem_comp.mon_nstd_flag 
_chem_comp.name 
_chem_comp.pdbx_synonyms 
_chem_comp.formula 
_chem_comp.formula_weight 
ALA 'L-peptide linking' y ALANINE         ? 'C3 H7 N O2'     89.093  
ARG 'L-peptide linking' y ARGININE        ? 'C6 H15 N4 O2 1' 175.209 
ASN 'L-peptide linking' y ASPARAGINE      ? 'C4 H8 N2 O3'    132.118 
ASP 'L-peptide linking' y 'ASPARTIC ACID' ? 'C4 H7 N O4'     133.103 
CYS 'L-peptide linking' y CYSTEINE        ? 'C3 H7 N O2 S'   121.158 
GLN 'L-peptide linking' y GLUTAMINE       ? 'C5 H10 N2 O3'   146.144 
GLU 'L-peptide linking' y 'GLUTAMIC ACID' ? 'C5 H9 N O4'     147.129 
GLY 'peptide linking'   y GLYCINE         ? 'C2 H5 N O2'     75.067  
HIS 'L-peptide linking' y HISTIDINE       ? 'C6 H10 N3 O2 1' 156.162 
HOH non-polymer         . WATER           ? 'H2 O'           18.015  
ILE 'L-peptide linking' y ISOLEUCINE      ? 'C6 H13 N O2'    131.173 
LEU 'L-peptide linking' y LEUCINE         ? 'C6 H13 N O2'    131.173 
LYS 'L-peptide linking' y LYSINE          ? 'C6 H15 N2 O2 1' 147.195 
MET 'L-peptide linking' y METHIONINE      ? 'C5 H11 N O2 S'  149.211 
PHE 'L-peptide linking' y PHENYLALANINE   ? 'C9 H11 N O2'    165.189 
PRO 'L-peptide linking' y PROLINE         ? 'C5 H9 N O2'     115.130 
SER 'L-peptide linking' y SERINE          ? 'C3 H7 N O3'     105.093 
THR 'L-peptide linking' y THREONINE       ? 'C4 H9 N O3'     119.119 
TRP 'L-peptide linking' y TRYPTOPHAN      ? 'C11 H12 N2 O2'  204.225 
TYR 'L-peptide linking' y TYROSINE        ? 'C9 H11 N O3'    181.189 
VAL 'L-peptide linking' y VALINE          ? 'C5 H11 N O2'    117.146 
# 
loop_
_pdbx_poly_seq_scheme.asym_id 
_pdbx_poly_seq_scheme.entity_id 
_pdbx_poly_seq_scheme.seq_id 
_pdbx_poly_seq_scheme.mon_id 
_pdbx_poly_seq_scheme.ndb_seq_num 
_pdbx_poly_seq_scheme.pdb_seq_num 
_pdbx_poly_seq_scheme.auth_seq_num 
_pdbx_poly_seq_scheme.pdb_mon_id 
_pdbx_poly_seq_scheme.auth_mon_id 
_pdbx_poly_seq_scheme.pdb_strand_id 
_pdbx_poly_seq_scheme.pdb_ins_code 
_pdbx_poly_seq_scheme.hetero 
A 1 1   ASN 1   1   1   ASN ASN A . n 
A 1 2   SER 2   2   2   SER SER A . n 
A 1 3   TYR 3   3   3   TYR TYR A . n 
A 1 4   ASN 4   4   4   ASN ASN A . n 
A 1 5   THR 5   5   5   THR THR A . n 
A 1 6   THR 6   6   6   THR THR A . n 
A 1 7   ASN 7   7   7   ASN ASN A . n 
A 1 8   ARG 8   8   8   ARG ARG A . n 
A 1 9   HIS 9   9   9   HIS HIS A . n 
A 1 10  ASN 10  10  10  ASN ASN A . n 
A 1 11  LEU 11  11  11  LEU LEU A . n 
A 1 12  GLU 12  12  12  GLU GLU A . n 
A 1 13  SER 13  13  13  SER SER A . n 
A 1 14  LEU 14  14  14  LEU LEU A . n 
A 1 15  TYR 15  15  15  TYR TYR A . n 
A 1 16  LYS 16  16  16  LYS LYS A . n 
A 1 17  HIS 17  17  17  HIS HIS A . n 
A 1 18  ASP 18  18  18  ASP ASP A . n 
A 1 19  SER 19  19  19  SER SER A . n 
A 1 20  ASN 20  20  20  ASN ASN A . n 
A 1 21  LEU 21  21  21  LEU LEU A . n 
A 1 22  ILE 22  22  22  ILE ILE A . n 
A 1 23  GLU 23  23  23  GLU GLU A . n 
A 1 24  ALA 24  24  24  ALA ALA A . n 
A 1 25  ASP 25  25  25  ASP ASP A . n 
A 1 26  SER 26  26  26  SER SER A . n 
A 1 27  ILE 27  27  27  ILE ILE A . n 
A 1 28  LYS 28  28  28  LYS LYS A . n 
A 1 29  ASN 29  29  29  ASN ASN A . n 
A 1 30  SER 30  30  30  SER SER A . n 
A 1 31  PRO 31  31  31  PRO PRO A . n 
A 1 32  ASP 32  32  32  ASP ASP A . n 
A 1 33  ILE 33  33  33  ILE ILE A . n 
A 1 34  VAL 34  34  34  VAL VAL A . n 
A 1 35  THR 35  35  35  THR THR A . n 
A 1 36  SER 36  36  36  SER SER A . n 
A 1 37  HIS 37  37  37  HIS HIS A . n 
A 1 38  MET 38  38  38  MET MET A . n 
A 1 39  LEU 39  39  39  LEU LEU A . n 
A 1 40  LYS 40  40  40  LYS LYS A . n 
A 1 41  TYR 41  41  41  TYR TYR A . n 
A 1 42  SER 42  42  42  SER SER A . n 
A 1 43  VAL 43  43  43  VAL VAL A . n 
A 1 44  LYS 44  44  ?   ?   ?   A . n 
A 1 45  ASP 45  45  ?   ?   ?   A . n 
A 1 46  LYS 46  46  46  LYS LYS A . n 
A 1 47  ASN 47  47  47  ASN ASN A . n 
A 1 48  LEU 48  48  48  LEU LEU A . n 
A 1 49  SER 49  49  49  SER SER A . n 
A 1 50  VAL 50  50  50  VAL VAL A . n 
A 1 51  PHE 51  51  51  PHE PHE A . n 
A 1 52  PHE 52  52  52  PHE PHE A . n 
A 1 53  GLU 53  53  53  GLU GLU A . n 
A 1 54  LYS 54  54  54  LYS LYS A . n 
A 1 55  ASP 55  55  55  ASP ASP A . n 
A 1 56  TRP 56  56  56  TRP TRP A . n 
A 1 57  ILE 57  57  57  ILE ILE A . n 
A 1 58  SER 58  58  58  SER SER A . n 
A 1 59  GLN 59  59  59  GLN GLN A . n 
A 1 60  GLU 60  60  60  GLU GLU A . n 
A 1 61  PHE 61  61  61  PHE PHE A . n 
A 1 62  LYS 62  62  62  LYS LYS A . n 
A 1 63  ASP 63  63  63  ASP ASP A . n 
A 1 64  LYS 64  64  64  LYS LYS A . n 
A 1 65  GLU 65  65  65  GLU GLU A . n 
A 1 66  VAL 66  66  66  VAL VAL A . n 
A 1 67  ASP 67  67  67  ASP ASP A . n 
A 1 68  ILE 68  68  68  ILE ILE A . n 
A 1 69  TYR 69  69  69  TYR TYR A . n 
A 1 70  ALA 70  70  70  ALA ALA A . n 
A 1 71  LEU 71  71  71  LEU LEU A . n 
A 1 72  SER 72  72  72  SER SER A . n 
A 1 73  ALA 73  73  73  ALA ALA A . n 
A 1 74  GLN 74  74  74  GLN GLN A . n 
A 1 75  GLU 75  75  75  GLU GLU A . n 
A 1 76  VAL 76  76  ?   ?   ?   A . n 
A 1 77  CYS 77  77  ?   ?   ?   A . n 
A 1 78  GLU 78  78  ?   ?   ?   A . n 
A 1 79  CYS 79  79  ?   ?   ?   A . n 
A 1 80  PRO 80  80  ?   ?   ?   A . n 
A 1 81  GLY 81  81  ?   ?   ?   A . n 
A 1 82  LYS 82  82  ?   ?   ?   A . n 
A 1 83  ARG 83  83  83  ARG ARG A . n 
A 1 84  TYR 84  84  84  TYR TYR A . n 
A 1 85  GLU 85  85  85  GLU GLU A . n 
A 1 86  ALA 86  86  86  ALA ALA A . n 
A 1 87  PHE 87  87  87  PHE PHE A . n 
A 1 88  GLY 88  88  88  GLY GLY A . n 
A 1 89  GLY 89  89  89  GLY GLY A . n 
A 1 90  ILE 90  90  90  ILE ILE A . n 
A 1 91  THR 91  91  91  THR THR A . n 
A 1 92  LEU 92  92  92  LEU LEU A . n 
A 1 93  THR 93  93  93  THR THR A . n 
A 1 94  ASN 94  94  94  ASN ASN A . n 
A 1 95  SER 95  95  95  SER SER A . n 
A 1 96  GLU 96  96  96  GLU GLU A . n 
A 1 97  LYS 97  97  97  LYS LYS A . n 
A 1 98  LYS 98  98  98  LYS LYS A . n 
A 1 99  GLU 99  99  99  GLU GLU A . n 
A 1 100 ILE 100 100 100 ILE ILE A . n 
A 1 101 LYS 101 101 101 LYS LYS A . n 
A 1 102 VAL 102 102 102 VAL VAL A . n 
A 1 103 PRO 103 103 103 PRO PRO A . n 
A 1 104 VAL 104 104 104 VAL VAL A . n 
A 1 105 ASN 105 105 105 ASN ASN A . n 
A 1 106 VAL 106 106 106 VAL VAL A . n 
A 1 107 TRP 107 107 107 TRP TRP A . n 
A 1 108 ASP 108 108 108 ASP ASP A . n 
A 1 109 LYS 109 109 109 LYS LYS A . n 
A 1 110 SER 110 110 110 SER SER A . n 
A 1 111 LYS 111 111 111 LYS LYS A . n 
A 1 112 GLN 112 112 112 GLN GLN A . n 
A 1 113 GLN 113 113 113 GLN GLN A . n 
A 1 114 PRO 114 114 114 PRO PRO A . n 
A 1 115 PRO 115 115 115 PRO PRO A . n 
A 1 116 MET 116 116 116 MET MET A . n 
A 1 117 PHE 117 117 117 PHE PHE A . n 
A 1 118 ILE 118 118 118 ILE ILE A . n 
A 1 119 THR 119 119 119 THR THR A . n 
A 1 120 VAL 120 120 120 VAL VAL A . n 
A 1 121 ASN 121 121 121 ASN ASN A . n 
A 1 122 LYS 122 122 122 LYS LYS A . n 
A 1 123 PRO 123 123 123 PRO PRO A . n 
A 1 124 LYS 124 124 124 LYS LYS A . n 
A 1 125 VAL 125 125 125 VAL VAL A . n 
A 1 126 THR 126 126 126 THR THR A . n 
A 1 127 ALA 127 127 127 ALA ALA A . n 
A 1 128 GLN 128 128 128 GLN GLN A . n 
A 1 129 GLU 129 129 129 GLU GLU A . n 
A 1 130 VAL 130 130 130 VAL VAL A . n 
A 1 131 ASP 131 131 131 ASP ASP A . n 
A 1 132 ILE 132 132 132 ILE ILE A . n 
A 1 133 LYS 133 133 133 LYS LYS A . n 
A 1 134 VAL 134 134 134 VAL VAL A . n 
A 1 135 ARG 135 135 135 ARG ARG A . n 
A 1 136 LYS 136 136 136 LYS LYS A . n 
A 1 137 LEU 137 137 137 LEU LEU A . n 
A 1 138 LEU 138 138 138 LEU LEU A . n 
A 1 139 ILE 139 139 139 ILE ILE A . n 
A 1 140 LYS 140 140 140 LYS LYS A . n 
A 1 141 LYS 141 141 141 LYS LYS A . n 
A 1 142 TYR 142 142 142 TYR TYR A . n 
A 1 143 ASP 143 143 143 ASP ASP A . n 
A 1 144 ILE 144 144 144 ILE ILE A . n 
A 1 145 TYR 145 145 145 TYR TYR A . n 
A 1 146 ASN 146 146 146 ASN ASN A . n 
A 1 147 ASN 147 147 147 ASN ASN A . n 
A 1 148 ARG 148 148 148 ARG ARG A . n 
A 1 149 GLU 149 149 149 GLU GLU A . n 
A 1 150 GLN 150 150 150 GLN GLN A . n 
A 1 151 LYS 151 151 151 LYS LYS A . n 
A 1 152 TYR 152 152 152 TYR TYR A . n 
A 1 153 SER 153 153 153 SER SER A . n 
A 1 154 LYS 154 154 154 LYS LYS A . n 
A 1 155 GLY 155 155 155 GLY GLY A . n 
A 1 156 THR 156 156 156 THR THR A . n 
A 1 157 VAL 157 157 157 VAL VAL A . n 
A 1 158 THR 158 158 158 THR THR A . n 
A 1 159 LEU 159 159 159 LEU LEU A . n 
A 1 160 ASP 160 160 160 ASP ASP A . n 
A 1 161 LEU 161 161 161 LEU LEU A . n 
A 1 162 ASN 162 162 162 ASN ASN A . n 
A 1 163 SER 163 163 163 SER SER A . n 
A 1 164 GLY 164 164 164 GLY GLY A . n 
A 1 165 LYS 165 165 165 LYS LYS A . n 
A 1 166 ASP 166 166 166 ASP ASP A . n 
A 1 167 ILE 167 167 167 ILE ILE A . n 
A 1 168 VAL 168 168 168 VAL VAL A . n 
A 1 169 PHE 169 169 169 PHE PHE A . n 
A 1 170 ASP 170 170 170 ASP ASP A . n 
A 1 171 LEU 171 171 171 LEU LEU A . n 
A 1 172 TYR 172 172 172 TYR TYR A . n 
A 1 173 TYR 173 173 173 TYR TYR A . n 
A 1 174 PHE 174 174 174 PHE PHE A . n 
A 1 175 GLY 175 175 175 GLY GLY A . n 
A 1 176 ASN 176 176 176 ASN ASN A . n 
A 1 177 GLY 177 177 177 GLY GLY A . n 
A 1 178 ASP 178 178 178 ASP ASP A . n 
A 1 179 PHE 179 179 179 PHE PHE A . n 
A 1 180 ASN 180 180 180 ASN ASN A . n 
A 1 181 SER 181 181 181 SER SER A . n 
A 1 182 MET 182 182 182 MET MET A . n 
A 1 183 LEU 183 183 183 LEU LEU A . n 
A 1 184 LYS 184 184 184 LYS LYS A . n 
A 1 185 ILE 185 185 185 ILE ILE A . n 
A 1 186 TYR 186 186 186 TYR TYR A . n 
A 1 187 SER 187 187 187 SER SER A . n 
A 1 188 ASN 188 188 188 ASN ASN A . n 
A 1 189 ASN 189 189 189 ASN ASN A . n 
A 1 190 GLU 190 190 190 GLU GLU A . n 
A 1 191 ARG 191 191 191 ARG ARG A . n 
A 1 192 ILE 192 192 192 ILE ILE A . n 
A 1 193 ASP 193 193 193 ASP ASP A . n 
A 1 194 SER 194 194 194 SER SER A . n 
A 1 195 THR 195 195 195 THR THR A . n 
A 1 196 GLN 196 196 196 GLN GLN A . n 
A 1 197 PHE 197 197 197 PHE PHE A . n 
A 1 198 HIS 198 198 198 HIS HIS A . n 
A 1 199 VAL 199 199 199 VAL VAL A . n 
A 1 200 ASP 200 200 200 ASP ASP A . n 
A 1 201 VAL 201 201 201 VAL VAL A . n 
A 1 202 SER 202 202 202 SER SER A . n 
A 1 203 ILE 203 203 203 ILE ILE A . n 
A 1 204 SER 204 204 204 SER SER A . n 
# 
loop_
_pdbx_nonpoly_scheme.asym_id 
_pdbx_nonpoly_scheme.entity_id 
_pdbx_nonpoly_scheme.mon_id 
_pdbx_nonpoly_scheme.ndb_seq_num 
_pdbx_nonpoly_scheme.pdb_seq_num 
_pdbx_nonpoly_scheme.auth_seq_num 
_pdbx_nonpoly_scheme.pdb_mon_id 
_pdbx_nonpoly_scheme.auth_mon_id 
_pdbx_nonpoly_scheme.pdb_strand_id 
_pdbx_nonpoly_scheme.pdb_ins_code 
B 2 HOH 1  205 1  HOH HOH A . 
B 2 HOH 2  206 2  HOH HOH A . 
B 2 HOH 3  207 3  HOH HOH A . 
B 2 HOH 4  208 4  HOH HOH A . 
B 2 HOH 5  209 5  HOH HOH A . 
B 2 HOH 6  210 6  HOH HOH A . 
B 2 HOH 7  211 7  HOH HOH A . 
B 2 HOH 8  212 8  HOH HOH A . 
B 2 HOH 9  213 9  HOH HOH A . 
B 2 HOH 10 214 10 HOH HOH A . 
B 2 HOH 11 215 11 HOH HOH A . 
B 2 HOH 12 216 12 HOH HOH A . 
B 2 HOH 13 217 13 HOH HOH A . 
B 2 HOH 14 218 14 HOH HOH A . 
B 2 HOH 15 219 15 HOH HOH A . 
B 2 HOH 16 220 16 HOH HOH A . 
B 2 HOH 17 221 17 HOH HOH A . 
B 2 HOH 18 222 18 HOH HOH A . 
B 2 HOH 19 223 19 HOH HOH A . 
B 2 HOH 20 224 20 HOH HOH A . 
B 2 HOH 21 225 21 HOH HOH A . 
B 2 HOH 22 226 22 HOH HOH A . 
B 2 HOH 23 227 23 HOH HOH A . 
B 2 HOH 24 228 24 HOH HOH A . 
B 2 HOH 25 229 25 HOH HOH A . 
B 2 HOH 26 230 26 HOH HOH A . 
B 2 HOH 27 231 27 HOH HOH A . 
B 2 HOH 28 232 28 HOH HOH A . 
B 2 HOH 29 233 29 HOH HOH A . 
B 2 HOH 30 234 30 HOH HOH A . 
B 2 HOH 31 235 31 HOH HOH A . 
B 2 HOH 32 236 32 HOH HOH A . 
B 2 HOH 33 237 33 HOH HOH A . 
B 2 HOH 34 238 34 HOH HOH A . 
B 2 HOH 35 239 35 HOH HOH A . 
B 2 HOH 36 240 36 HOH HOH A . 
B 2 HOH 37 241 37 HOH HOH A . 
B 2 HOH 38 242 38 HOH HOH A . 
B 2 HOH 39 243 39 HOH HOH A . 
B 2 HOH 40 244 40 HOH HOH A . 
B 2 HOH 41 245 41 HOH HOH A . 
B 2 HOH 42 246 42 HOH HOH A . 
B 2 HOH 43 247 43 HOH HOH A . 
B 2 HOH 44 248 44 HOH HOH A . 
B 2 HOH 45 249 45 HOH HOH A . 
B 2 HOH 46 250 46 HOH HOH A . 
B 2 HOH 47 251 47 HOH HOH A . 
B 2 HOH 48 252 48 HOH HOH A . 
B 2 HOH 49 253 49 HOH HOH A . 
B 2 HOH 50 254 50 HOH HOH A . 
B 2 HOH 51 255 51 HOH HOH A . 
B 2 HOH 52 256 52 HOH HOH A . 
B 2 HOH 53 257 53 HOH HOH A . 
B 2 HOH 54 258 54 HOH HOH A . 
B 2 HOH 55 259 55 HOH HOH A . 
B 2 HOH 56 260 56 HOH HOH A . 
B 2 HOH 57 261 57 HOH HOH A . 
B 2 HOH 58 262 58 HOH HOH A . 
B 2 HOH 59 263 59 HOH HOH A . 
B 2 HOH 60 264 60 HOH HOH A . 
B 2 HOH 61 265 61 HOH HOH A . 
B 2 HOH 62 266 62 HOH HOH A . 
B 2 HOH 63 267 63 HOH HOH A . 
B 2 HOH 64 268 64 HOH HOH A . 
B 2 HOH 65 269 65 HOH HOH A . 
B 2 HOH 66 270 66 HOH HOH A . 
B 2 HOH 67 271 67 HOH HOH A . 
B 2 HOH 68 272 68 HOH HOH A . 
B 2 HOH 69 273 69 HOH HOH A . 
B 2 HOH 70 274 70 HOH HOH A . 
B 2 HOH 71 275 71 HOH HOH A . 
B 2 HOH 72 276 72 HOH HOH A . 
B 2 HOH 73 277 73 HOH HOH A . 
B 2 HOH 74 278 74 HOH HOH A . 
B 2 HOH 75 279 75 HOH HOH A . 
B 2 HOH 76 280 76 HOH HOH A . 
B 2 HOH 77 281 77 HOH HOH A . 
B 2 HOH 78 282 78 HOH HOH A . 
# 
loop_
_pdbx_unobs_or_zero_occ_atoms.id 
_pdbx_unobs_or_zero_occ_atoms.PDB_model_num 
_pdbx_unobs_or_zero_occ_atoms.polymer_flag 
_pdbx_unobs_or_zero_occ_atoms.occupancy_flag 
_pdbx_unobs_or_zero_occ_atoms.auth_asym_id 
_pdbx_unobs_or_zero_occ_atoms.auth_comp_id 
_pdbx_unobs_or_zero_occ_atoms.auth_seq_id 
_pdbx_unobs_or_zero_occ_atoms.PDB_ins_code 
_pdbx_unobs_or_zero_occ_atoms.auth_atom_id 
_pdbx_unobs_or_zero_occ_atoms.label_alt_id 
_pdbx_unobs_or_zero_occ_atoms.label_asym_id 
_pdbx_unobs_or_zero_occ_atoms.label_comp_id 
_pdbx_unobs_or_zero_occ_atoms.label_seq_id 
_pdbx_unobs_or_zero_occ_atoms.label_atom_id 
1  1 Y 0 A LYS 28  ? CD  ? A LYS 28  CD  
2  1 Y 0 A LYS 28  ? CE  ? A LYS 28  CE  
3  1 Y 0 A LYS 28  ? NZ  ? A LYS 28  NZ  
4  1 Y 0 A LYS 40  ? CE  ? A LYS 40  CE  
5  1 Y 0 A LYS 40  ? NZ  ? A LYS 40  NZ  
6  1 Y 0 A GLN 59  ? CG  ? A GLN 59  CG  
7  1 Y 0 A GLN 59  ? CD  ? A GLN 59  CD  
8  1 Y 0 A GLN 59  ? OE1 ? A GLN 59  OE1 
9  1 Y 0 A GLN 59  ? NE2 ? A GLN 59  NE2 
10 1 Y 0 A LYS 62  ? CD  ? A LYS 62  CD  
11 1 Y 0 A LYS 62  ? CE  ? A LYS 62  CE  
12 1 Y 0 A LYS 62  ? NZ  ? A LYS 62  NZ  
13 1 Y 0 A GLN 74  ? CG  ? A GLN 74  CG  
14 1 Y 0 A GLN 74  ? CD  ? A GLN 74  CD  
15 1 Y 0 A GLN 74  ? OE1 ? A GLN 74  OE1 
16 1 Y 0 A GLN 74  ? NE2 ? A GLN 74  NE2 
17 1 Y 0 A ARG 83  ? CD  ? A ARG 83  CD  
18 1 Y 0 A ARG 83  ? NE  ? A ARG 83  NE  
19 1 Y 0 A ARG 83  ? CZ  ? A ARG 83  CZ  
20 1 Y 0 A ARG 83  ? NH1 ? A ARG 83  NH1 
21 1 Y 0 A ARG 83  ? NH2 ? A ARG 83  NH2 
22 1 Y 0 A GLU 96  ? CG  ? A GLU 96  CG  
23 1 Y 0 A GLU 96  ? CD  ? A GLU 96  CD  
24 1 Y 0 A GLU 96  ? OE1 ? A GLU 96  OE1 
25 1 Y 0 A GLU 96  ? OE2 ? A GLU 96  OE2 
26 1 Y 0 A LYS 97  ? CD  ? A LYS 97  CD  
27 1 Y 0 A LYS 97  ? CE  ? A LYS 97  CE  
28 1 Y 0 A LYS 97  ? NZ  ? A LYS 97  NZ  
29 1 Y 0 A LYS 98  ? CG  ? A LYS 98  CG  
30 1 Y 0 A LYS 98  ? CD  ? A LYS 98  CD  
31 1 Y 0 A LYS 98  ? CE  ? A LYS 98  CE  
32 1 Y 0 A LYS 98  ? NZ  ? A LYS 98  NZ  
33 1 Y 0 A LYS 124 ? CD  ? A LYS 124 CD  
34 1 Y 0 A LYS 124 ? CE  ? A LYS 124 CE  
35 1 Y 0 A LYS 124 ? NZ  ? A LYS 124 NZ  
36 1 Y 0 A ARG 148 ? CG  ? A ARG 148 CG  
37 1 Y 0 A ARG 148 ? CD  ? A ARG 148 CD  
38 1 Y 0 A ARG 148 ? NE  ? A ARG 148 NE  
39 1 Y 0 A ARG 148 ? CZ  ? A ARG 148 CZ  
40 1 Y 0 A ARG 148 ? NH1 ? A ARG 148 NH1 
41 1 Y 0 A ARG 148 ? NH2 ? A ARG 148 NH2 
42 1 Y 0 A LYS 151 ? CG  ? A LYS 151 CG  
43 1 Y 0 A LYS 151 ? CD  ? A LYS 151 CD  
44 1 Y 0 A LYS 151 ? CE  ? A LYS 151 CE  
45 1 Y 0 A LYS 151 ? NZ  ? A LYS 151 NZ  
46 1 Y 0 A LYS 154 ? CD  ? A LYS 154 CD  
47 1 Y 0 A LYS 154 ? CE  ? A LYS 154 CE  
48 1 Y 0 A LYS 154 ? NZ  ? A LYS 154 NZ  
49 1 Y 0 A LYS 165 ? CD  ? A LYS 165 CD  
50 1 Y 0 A LYS 165 ? CE  ? A LYS 165 CE  
51 1 Y 0 A LYS 165 ? NZ  ? A LYS 165 NZ  
# 
loop_
_software.name 
_software.classification 
_software.version 
_software.citation_id 
_software.pdbx_ordinal 
AMoRE     phasing          .   ? 1 
CNS       refinement       0.5 ? 2 
DENZO     'data reduction' .   ? 3 
SCALEPACK 'data scaling'   .   ? 4 
# 
_cell.entry_id           1ET9 
_cell.length_a           36.650 
_cell.length_b           45.780 
_cell.length_c           64.430 
_cell.angle_alpha        90.00 
_cell.angle_beta         92.14 
_cell.angle_gamma        90.00 
_cell.Z_PDB              2 
_cell.pdbx_unique_axis   ? 
# 
_symmetry.entry_id                         1ET9 
_symmetry.space_group_name_H-M             'P 1 21 1' 
_symmetry.pdbx_full_space_group_name_H-M   ? 
_symmetry.cell_setting                     ? 
_symmetry.Int_Tables_number                4 
# 
_exptl.entry_id          1ET9 
_exptl.method            'X-RAY DIFFRACTION' 
_exptl.crystals_number   1 
# 
_exptl_crystal.id                    1 
_exptl_crystal.density_meas          ? 
_exptl_crystal.density_percent_sol   46.10 
_exptl_crystal.density_Matthews      2.28 
_exptl_crystal.description           ? 
# 
_exptl_crystal_grow.crystal_id      1 
_exptl_crystal_grow.method          'VAPOR DIFFUSION, HANGING DROP' 
_exptl_crystal_grow.pH              5.1 
_exptl_crystal_grow.temp            291 
_exptl_crystal_grow.temp_details    ? 
_exptl_crystal_grow.pdbx_details    
'PEG 6000, potassium succinate, sodium phosphate, pH 5.1, VAPOR DIFFUSION, HANGING DROP, temperature 291K' 
_exptl_crystal_grow.pdbx_pH_range   . 
# 
_diffrn.id                     1 
_diffrn.ambient_temp           298 
_diffrn.ambient_temp_details   ? 
_diffrn.crystal_id             1 
# 
_diffrn_detector.diffrn_id              1 
_diffrn_detector.detector               'IMAGE PLATE' 
_diffrn_detector.type                   MARRESEARCH 
_diffrn_detector.pdbx_collection_date   1999-02-05 
_diffrn_detector.details                ? 
# 
_diffrn_radiation.diffrn_id                        1 
_diffrn_radiation.wavelength_id                    1 
_diffrn_radiation.monochromator                    ? 
_diffrn_radiation.pdbx_monochromatic_or_laue_m_l   M 
_diffrn_radiation.pdbx_diffrn_protocol             'SINGLE WAVELENGTH' 
_diffrn_radiation.pdbx_scattering_type             x-ray 
# 
_diffrn_radiation_wavelength.id           1 
_diffrn_radiation_wavelength.wavelength   1.5418 
_diffrn_radiation_wavelength.wt           1.0 
# 
_diffrn_source.diffrn_id                   1 
_diffrn_source.source                      'ROTATING ANODE' 
_diffrn_source.type                        'RIGAKU RUH3R' 
_diffrn_source.pdbx_wavelength             1.5418 
_diffrn_source.pdbx_synchrotron_site       ? 
_diffrn_source.pdbx_synchrotron_beamline   ? 
_diffrn_source.pdbx_wavelength_list        ? 
# 
_reflns.entry_id                     1ET9 
_reflns.observed_criterion_sigma_I   -3 
_reflns.observed_criterion_sigma_F   ? 
_reflns.d_resolution_low             15.0 
_reflns.d_resolution_high            1.90 
_reflns.number_obs                   44397 
_reflns.number_all                   4244397 
_reflns.percent_possible_obs         92.4 
_reflns.pdbx_Rmerge_I_obs            0.0520000 
_reflns.pdbx_Rsym_value              ? 
_reflns.pdbx_netI_over_sigmaI        20.4 
_reflns.B_iso_Wilson_estimate        17.2 
_reflns.pdbx_redundancy              2.8 
_reflns.R_free_details               ? 
_reflns.limit_h_max                  ? 
_reflns.limit_h_min                  ? 
_reflns.limit_k_max                  ? 
_reflns.limit_k_min                  ? 
_reflns.limit_l_max                  ? 
_reflns.limit_l_min                  ? 
_reflns.observed_criterion_F_max     ? 
_reflns.observed_criterion_F_min     ? 
_reflns.pdbx_diffrn_id               1 
_reflns.pdbx_ordinal                 1 
# 
_reflns_shell.d_res_high             1.90 
_reflns_shell.d_res_low              1.93 
_reflns_shell.percent_possible_obs   ? 
_reflns_shell.percent_possible_all   71 
_reflns_shell.Rmerge_I_obs           0.2530000 
_reflns_shell.meanI_over_sigI_obs    ? 
_reflns_shell.pdbx_Rsym_value        ? 
_reflns_shell.pdbx_redundancy        1.9 
_reflns_shell.number_unique_all      612 
_reflns_shell.pdbx_diffrn_id         ? 
_reflns_shell.pdbx_ordinal           1 
# 
_refine.entry_id                                 1ET9 
_refine.ls_number_reflns_obs                     15684 
_refine.ls_number_reflns_all                     15684 
_refine.pdbx_ls_sigma_I                          0 
_refine.pdbx_ls_sigma_F                          0.0 
_refine.pdbx_data_cutoff_high_absF               859092.02 
_refine.pdbx_data_cutoff_low_absF                0.00 
_refine.ls_d_res_low                             15.00 
_refine.ls_d_res_high                            1.90 
_refine.ls_percent_reflns_obs                    92.3 
_refine.ls_R_factor_obs                          0.1990000 
_refine.ls_R_factor_all                          ? 
_refine.ls_R_factor_R_work                       0.1990000 
_refine.ls_R_factor_R_free                       0.2200000 
_refine.ls_R_factor_R_free_error                 0.008 
_refine.ls_R_factor_R_free_error_details         ? 
_refine.ls_percent_reflns_R_free                 5.2 
_refine.ls_number_reflns_R_free                  820 
_refine.ls_number_parameters                     ? 
_refine.ls_number_restraints                     ? 
_refine.occupancy_min                            ? 
_refine.occupancy_max                            ? 
_refine.B_iso_mean                               25.3 
_refine.aniso_B[1][1]                            -3.40 
_refine.aniso_B[2][2]                            6.13 
_refine.aniso_B[3][3]                            -2.73 
_refine.aniso_B[1][2]                            0.00 
_refine.aniso_B[1][3]                            -2.22 
_refine.aniso_B[2][3]                            0.00 
_refine.solvent_model_details                    'FLAT MODEL' 
_refine.solvent_model_param_ksol                 0.312 
_refine.solvent_model_param_bsol                 46.07 
_refine.pdbx_ls_cross_valid_method               THROUGHOUT 
_refine.details                                  ? 
_refine.pdbx_starting_model                      ? 
_refine.pdbx_method_to_determine_struct          ? 
_refine.pdbx_isotropic_thermal_model             RESTRAINED 
_refine.pdbx_stereochemistry_target_values       protein.top 
_refine.pdbx_stereochem_target_val_spec_case     ? 
_refine.pdbx_R_Free_selection_details            RANDOM 
_refine.pdbx_overall_ESU_R_Free                  ? 
_refine.overall_SU_B                             ? 
_refine.ls_redundancy_reflns_obs                 ? 
_refine.B_iso_min                                ? 
_refine.B_iso_max                                ? 
_refine.overall_SU_ML                            ? 
_refine.pdbx_overall_ESU_R                       ? 
_refine.pdbx_data_cutoff_high_rms_absF           ? 
_refine.pdbx_refine_id                           'X-RAY DIFFRACTION' 
_refine.pdbx_diffrn_id                           1 
_refine.pdbx_TLS_residual_ADP_flag               ? 
_refine.correlation_coeff_Fo_to_Fc               ? 
_refine.correlation_coeff_Fo_to_Fc_free          ? 
_refine.pdbx_solvent_vdw_probe_radii             ? 
_refine.pdbx_solvent_ion_probe_radii             ? 
_refine.pdbx_solvent_shrinkage_radii             ? 
_refine.pdbx_overall_phase_error                 ? 
_refine.overall_SU_R_Cruickshank_DPI             ? 
_refine.pdbx_overall_SU_R_free_Cruickshank_DPI   ? 
_refine.pdbx_overall_SU_R_Blow_DPI               ? 
_refine.pdbx_overall_SU_R_free_Blow_DPI          ? 
# 
_refine_analyze.entry_id                        1ET9 
_refine_analyze.Luzzati_coordinate_error_obs    0.21 
_refine_analyze.Luzzati_sigma_a_obs             0.16 
_refine_analyze.Luzzati_d_res_low_obs           5.00 
_refine_analyze.Luzzati_coordinate_error_free   0.25 
_refine_analyze.Luzzati_sigma_a_free            0.18 
_refine_analyze.Luzzati_d_res_low_free          ? 
_refine_analyze.number_disordered_residues      ? 
_refine_analyze.occupancy_sum_hydrogen          ? 
_refine_analyze.occupancy_sum_non_hydrogen      ? 
_refine_analyze.pdbx_Luzzati_d_res_high_obs     ? 
_refine_analyze.pdbx_refine_id                  'X-RAY DIFFRACTION' 
# 
_refine_hist.pdbx_refine_id                   'X-RAY DIFFRACTION' 
_refine_hist.cycle_id                         LAST 
_refine_hist.pdbx_number_atoms_protein        1601 
_refine_hist.pdbx_number_atoms_nucleic_acid   0 
_refine_hist.pdbx_number_atoms_ligand         0 
_refine_hist.number_atoms_solvent             78 
_refine_hist.number_atoms_total               1679 
_refine_hist.d_res_high                       1.90 
_refine_hist.d_res_low                        15.00 
# 
loop_
_refine_ls_restr.type 
_refine_ls_restr.dev_ideal 
_refine_ls_restr.dev_ideal_target 
_refine_ls_restr.weight 
_refine_ls_restr.number 
_refine_ls_restr.pdbx_refine_id 
_refine_ls_restr.pdbx_restraint_function 
c_bond_d           0.005 ?    ? ? 'X-RAY DIFFRACTION' ? 
c_angle_deg        1.1   ?    ? ? 'X-RAY DIFFRACTION' ? 
c_dihedral_angle_d 24.0  ?    ? ? 'X-RAY DIFFRACTION' ? 
c_improper_angle_d 0.65  ?    ? ? 'X-RAY DIFFRACTION' ? 
c_mcbond_it        1.01  1.50 ? ? 'X-RAY DIFFRACTION' ? 
c_mcangle_it       1.79  2.00 ? ? 'X-RAY DIFFRACTION' ? 
c_scbond_it        2.07  2.00 ? ? 'X-RAY DIFFRACTION' ? 
c_scangle_it       2.92  2.50 ? ? 'X-RAY DIFFRACTION' ? 
# 
_refine_ls_shell.pdbx_total_number_of_bins_used   6 
_refine_ls_shell.d_res_high                       1.90 
_refine_ls_shell.d_res_low                        2.02 
_refine_ls_shell.number_reflns_R_work             2140 
_refine_ls_shell.R_factor_R_work                  0.2560000 
_refine_ls_shell.percent_reflns_obs               79.6 
_refine_ls_shell.R_factor_R_free                  0.2840000 
_refine_ls_shell.R_factor_R_free_error            0.028 
_refine_ls_shell.percent_reflns_R_free            4.4 
_refine_ls_shell.number_reflns_R_free             99 
_refine_ls_shell.redundancy_reflns_obs            ? 
_refine_ls_shell.number_reflns_all                ? 
_refine_ls_shell.number_reflns_obs                ? 
_refine_ls_shell.pdbx_refine_id                   'X-RAY DIFFRACTION' 
_refine_ls_shell.R_factor_all                     ? 
# 
loop_
_pdbx_xplor_file.serial_no 
_pdbx_xplor_file.param_file 
_pdbx_xplor_file.topol_file 
_pdbx_xplor_file.pdbx_refine_id 
1 PROTEIN_REP.PARAM PROTEIN.TOP 'X-RAY DIFFRACTION' 
2 WATER_REP.PARAM   WATER.TOP   'X-RAY DIFFRACTION' 
# 
_struct.entry_id                  1ET9 
_struct.title                     'CRYSTAL STRUCTURE OF THE SUPERANTIGEN SPE-H FROM STREPTOCOCCUS PYOGENES' 
_struct.pdbx_model_details        ? 
_struct.pdbx_CASP_flag            ? 
_struct.pdbx_model_type_details   ? 
# 
_struct_keywords.entry_id        1ET9 
_struct_keywords.pdbx_keywords   'IMMUNE SYSTEM' 
_struct_keywords.text            'beta grasp, OB fold, superantigen fold, IMMUNE SYSTEM' 
# 
loop_
_struct_asym.id 
_struct_asym.pdbx_blank_PDB_chainid_flag 
_struct_asym.pdbx_modified 
_struct_asym.entity_id 
_struct_asym.details 
A N N 1 ? 
B N N 2 ? 
# 
_struct_ref.id                         1 
_struct_ref.db_code                    SPEH_STRPY 
_struct_ref.db_name                    UNP 
_struct_ref.entity_id                  1 
_struct_ref.pdbx_db_accession          P0C0I6 
_struct_ref.pdbx_align_begin           ? 
_struct_ref.pdbx_seq_one_letter_code   ? 
_struct_ref.pdbx_db_isoform            ? 
# 
_struct_ref_seq.align_id                      1 
_struct_ref_seq.ref_id                        1 
_struct_ref_seq.pdbx_PDB_id_code              1ET9 
_struct_ref_seq.pdbx_strand_id                A 
_struct_ref_seq.seq_align_beg                 1 
_struct_ref_seq.pdbx_seq_align_beg_ins_code   ? 
_struct_ref_seq.seq_align_end                 204 
_struct_ref_seq.pdbx_seq_align_end_ins_code   ? 
_struct_ref_seq.pdbx_db_accession             P0C0I6 
_struct_ref_seq.db_align_beg                  33 
_struct_ref_seq.pdbx_db_align_beg_ins_code    ? 
_struct_ref_seq.db_align_end                  236 
_struct_ref_seq.pdbx_db_align_end_ins_code    ? 
_struct_ref_seq.pdbx_auth_seq_align_beg       1 
_struct_ref_seq.pdbx_auth_seq_align_end       204 
# 
_pdbx_struct_assembly.id                   1 
_pdbx_struct_assembly.details              author_defined_assembly 
_pdbx_struct_assembly.method_details       ? 
_pdbx_struct_assembly.oligomeric_details   monomeric 
_pdbx_struct_assembly.oligomeric_count     1 
# 
_pdbx_struct_assembly_gen.assembly_id       1 
_pdbx_struct_assembly_gen.oper_expression   1 
_pdbx_struct_assembly_gen.asym_id_list      A,B 
# 
_pdbx_struct_oper_list.id                   1 
_pdbx_struct_oper_list.type                 'identity operation' 
_pdbx_struct_oper_list.name                 1_555 
_pdbx_struct_oper_list.symmetry_operation   x,y,z 
_pdbx_struct_oper_list.matrix[1][1]         1.0000000000 
_pdbx_struct_oper_list.matrix[1][2]         0.0000000000 
_pdbx_struct_oper_list.matrix[1][3]         0.0000000000 
_pdbx_struct_oper_list.vector[1]            0.0000000000 
_pdbx_struct_oper_list.matrix[2][1]         0.0000000000 
_pdbx_struct_oper_list.matrix[2][2]         1.0000000000 
_pdbx_struct_oper_list.matrix[2][3]         0.0000000000 
_pdbx_struct_oper_list.vector[2]            0.0000000000 
_pdbx_struct_oper_list.matrix[3][1]         0.0000000000 
_pdbx_struct_oper_list.matrix[3][2]         0.0000000000 
_pdbx_struct_oper_list.matrix[3][3]         1.0000000000 
_pdbx_struct_oper_list.vector[3]            0.0000000000 
# 
_struct_biol.id   1 
# 
loop_
_struct_conf.conf_type_id 
_struct_conf.id 
_struct_conf.pdbx_PDB_helix_id 
_struct_conf.beg_label_comp_id 
_struct_conf.beg_label_asym_id 
_struct_conf.beg_label_seq_id 
_struct_conf.pdbx_beg_PDB_ins_code 
_struct_conf.end_label_comp_id 
_struct_conf.end_label_asym_id 
_struct_conf.end_label_seq_id 
_struct_conf.pdbx_end_PDB_ins_code 
_struct_conf.beg_auth_comp_id 
_struct_conf.beg_auth_asym_id 
_struct_conf.beg_auth_seq_id 
_struct_conf.end_auth_comp_id 
_struct_conf.end_auth_asym_id 
_struct_conf.end_auth_seq_id 
_struct_conf.pdbx_PDB_helix_class 
_struct_conf.details 
_struct_conf.pdbx_PDB_helix_length 
HELX_P HELX_P1 1 ASN A 4   ? HIS A 17  ? ASN A 4   HIS A 17  1 ? 14 
HELX_P HELX_P2 2 ASP A 55  ? LYS A 62  ? ASP A 55  LYS A 62  1 ? 8  
HELX_P HELX_P3 3 ALA A 127 ? TYR A 142 ? ALA A 127 TYR A 142 1 ? 16 
HELX_P HELX_P4 4 ASP A 178 ? LYS A 184 ? ASP A 178 LYS A 184 1 ? 7  
HELX_P HELX_P5 5 ILE A 185 ? SER A 187 ? ILE A 185 SER A 187 5 ? 3  
# 
_struct_conf_type.id          HELX_P 
_struct_conf_type.criteria    ? 
_struct_conf_type.reference   ? 
# 
loop_
_struct_sheet.id 
_struct_sheet.type 
_struct_sheet.number_strands 
_struct_sheet.details 
A ? 5 ? 
B ? 3 ? 
C ? 5 ? 
D ? 5 ? 
E ? 2 ? 
# 
loop_
_struct_sheet_order.sheet_id 
_struct_sheet_order.range_id_1 
_struct_sheet_order.range_id_2 
_struct_sheet_order.offset 
_struct_sheet_order.sense 
A 1 2 ? anti-parallel 
A 2 3 ? anti-parallel 
A 3 4 ? parallel      
A 4 5 ? anti-parallel 
B 1 2 ? anti-parallel 
B 2 3 ? anti-parallel 
C 1 2 ? anti-parallel 
C 2 3 ? anti-parallel 
C 3 4 ? parallel      
C 4 5 ? anti-parallel 
D 1 2 ? anti-parallel 
D 2 3 ? anti-parallel 
D 3 4 ? parallel      
D 4 5 ? anti-parallel 
E 1 2 ? anti-parallel 
# 
loop_
_struct_sheet_range.sheet_id 
_struct_sheet_range.id 
_struct_sheet_range.beg_label_comp_id 
_struct_sheet_range.beg_label_asym_id 
_struct_sheet_range.beg_label_seq_id 
_struct_sheet_range.pdbx_beg_PDB_ins_code 
_struct_sheet_range.end_label_comp_id 
_struct_sheet_range.end_label_asym_id 
_struct_sheet_range.end_label_seq_id 
_struct_sheet_range.pdbx_end_PDB_ins_code 
_struct_sheet_range.beg_auth_comp_id 
_struct_sheet_range.beg_auth_asym_id 
_struct_sheet_range.beg_auth_seq_id 
_struct_sheet_range.end_auth_comp_id 
_struct_sheet_range.end_auth_asym_id 
_struct_sheet_range.end_auth_seq_id 
A 1 LEU A 21  ? ILE A 27  ? LEU A 21  ILE A 27  
A 2 VAL A 66  ? GLN A 74  ? VAL A 66  GLN A 74  
A 3 TYR A 84  ? PHE A 87  ? TYR A 84  PHE A 87  
A 4 ASN A 47  ? PHE A 51  ? ASN A 47  PHE A 51  
A 5 MET A 38  ? SER A 42  ? MET A 38  SER A 42  
B 1 LEU A 21  ? ILE A 27  ? LEU A 21  ILE A 27  
B 2 VAL A 66  ? GLN A 74  ? VAL A 66  GLN A 74  
B 3 ILE A 90  ? LEU A 92  ? ILE A 90  LEU A 92  
C 1 LYS A 165 ? ASP A 170 ? LYS A 165 ASP A 170 
C 2 GLY A 155 ? LEU A 161 ? GLY A 155 LEU A 161 
C 3 PHE A 197 ? ILE A 203 ? PHE A 197 ILE A 203 
C 4 ILE A 100 ? ASP A 108 ? ILE A 100 ASP A 108 
C 5 LYS A 111 ? GLN A 112 ? LYS A 111 GLN A 112 
D 1 LYS A 165 ? ASP A 170 ? LYS A 165 ASP A 170 
D 2 GLY A 155 ? LEU A 161 ? GLY A 155 LEU A 161 
D 3 PHE A 197 ? ILE A 203 ? PHE A 197 ILE A 203 
D 4 ILE A 100 ? ASP A 108 ? ILE A 100 ASP A 108 
D 5 MET A 116 ? VAL A 120 ? MET A 116 VAL A 120 
E 1 LYS A 124 ? THR A 126 ? LYS A 124 THR A 126 
E 2 ARG A 191 ? ASP A 193 ? ARG A 191 ASP A 193 
# 
loop_
_pdbx_struct_sheet_hbond.sheet_id 
_pdbx_struct_sheet_hbond.range_id_1 
_pdbx_struct_sheet_hbond.range_id_2 
_pdbx_struct_sheet_hbond.range_1_label_atom_id 
_pdbx_struct_sheet_hbond.range_1_label_comp_id 
_pdbx_struct_sheet_hbond.range_1_label_asym_id 
_pdbx_struct_sheet_hbond.range_1_label_seq_id 
_pdbx_struct_sheet_hbond.range_1_PDB_ins_code 
_pdbx_struct_sheet_hbond.range_1_auth_atom_id 
_pdbx_struct_sheet_hbond.range_1_auth_comp_id 
_pdbx_struct_sheet_hbond.range_1_auth_asym_id 
_pdbx_struct_sheet_hbond.range_1_auth_seq_id 
_pdbx_struct_sheet_hbond.range_2_label_atom_id 
_pdbx_struct_sheet_hbond.range_2_label_comp_id 
_pdbx_struct_sheet_hbond.range_2_label_asym_id 
_pdbx_struct_sheet_hbond.range_2_label_seq_id 
_pdbx_struct_sheet_hbond.range_2_PDB_ins_code 
_pdbx_struct_sheet_hbond.range_2_auth_atom_id 
_pdbx_struct_sheet_hbond.range_2_auth_comp_id 
_pdbx_struct_sheet_hbond.range_2_auth_asym_id 
_pdbx_struct_sheet_hbond.range_2_auth_seq_id 
A 1 2 O ILE A 27  ? O ILE A 27  N VAL A 66  ? N VAL A 66  
A 2 3 O ALA A 73  ? O ALA A 73  N GLU A 85  ? N GLU A 85  
A 3 4 N TYR A 84  ? N TYR A 84  O ASN A 47  ? O ASN A 47  
A 4 5 N VAL A 50  ? N VAL A 50  O LEU A 39  ? O LEU A 39  
B 1 2 O ILE A 27  ? O ILE A 27  N VAL A 66  ? N VAL A 66  
B 2 3 N ASP A 67  ? N ASP A 67  O THR A 91  ? O THR A 91  
C 1 2 N PHE A 169 ? N PHE A 169 O VAL A 157 ? O VAL A 157 
C 2 3 N ASP A 160 ? N ASP A 160 O HIS A 198 ? O HIS A 198 
C 3 4 N VAL A 199 ? N VAL A 199 O PRO A 103 ? O PRO A 103 
C 4 5 N ASP A 108 ? N ASP A 108 O LYS A 111 ? O LYS A 111 
D 1 2 N PHE A 169 ? N PHE A 169 O VAL A 157 ? O VAL A 157 
D 2 3 N ASP A 160 ? N ASP A 160 O HIS A 198 ? O HIS A 198 
D 3 4 N VAL A 199 ? N VAL A 199 O PRO A 103 ? O PRO A 103 
D 4 5 N VAL A 104 ? N VAL A 104 O MET A 116 ? O MET A 116 
E 1 2 O VAL A 125 ? O VAL A 125 N ILE A 192 ? N ILE A 192 
# 
loop_
_pdbx_validate_torsion.id 
_pdbx_validate_torsion.PDB_model_num 
_pdbx_validate_torsion.auth_comp_id 
_pdbx_validate_torsion.auth_asym_id 
_pdbx_validate_torsion.auth_seq_id 
_pdbx_validate_torsion.PDB_ins_code 
_pdbx_validate_torsion.label_alt_id 
_pdbx_validate_torsion.phi 
_pdbx_validate_torsion.psi 
1 1 TYR A 69  ? ? -156.81 85.56  
2 1 GLU A 96  ? ? -65.07  84.71  
3 1 LYS A 97  ? ? -96.03  37.22  
4 1 SER A 110 ? ? 72.92   -34.76 
5 1 SER A 153 ? ? -152.85 -9.49  
# 
loop_
_pdbx_unobs_or_zero_occ_residues.id 
_pdbx_unobs_or_zero_occ_residues.PDB_model_num 
_pdbx_unobs_or_zero_occ_residues.polymer_flag 
_pdbx_unobs_or_zero_occ_residues.occupancy_flag 
_pdbx_unobs_or_zero_occ_residues.auth_asym_id 
_pdbx_unobs_or_zero_occ_residues.auth_comp_id 
_pdbx_unobs_or_zero_occ_residues.auth_seq_id 
_pdbx_unobs_or_zero_occ_residues.PDB_ins_code 
_pdbx_unobs_or_zero_occ_residues.label_asym_id 
_pdbx_unobs_or_zero_occ_residues.label_comp_id 
_pdbx_unobs_or_zero_occ_residues.label_seq_id 
1 1 Y 1 A LYS 44 ? A LYS 44 
2 1 Y 1 A ASP 45 ? A ASP 45 
3 1 Y 1 A VAL 76 ? A VAL 76 
4 1 Y 1 A CYS 77 ? A CYS 77 
5 1 Y 1 A GLU 78 ? A GLU 78 
6 1 Y 1 A CYS 79 ? A CYS 79 
7 1 Y 1 A PRO 80 ? A PRO 80 
8 1 Y 1 A GLY 81 ? A GLY 81 
9 1 Y 1 A LYS 82 ? A LYS 82 
# 
loop_
_chem_comp_atom.comp_id 
_chem_comp_atom.atom_id 
_chem_comp_atom.type_symbol 
_chem_comp_atom.pdbx_aromatic_flag 
_chem_comp_atom.pdbx_stereo_config 
_chem_comp_atom.pdbx_ordinal 
ALA N    N N N 1   
ALA CA   C N S 2   
ALA C    C N N 3   
ALA O    O N N 4   
ALA CB   C N N 5   
ALA OXT  O N N 6   
ALA H    H N N 7   
ALA H2   H N N 8   
ALA HA   H N N 9   
ALA HB1  H N N 10  
ALA HB2  H N N 11  
ALA HB3  H N N 12  
ALA HXT  H N N 13  
ARG N    N N N 14  
ARG CA   C N S 15  
ARG C    C N N 16  
ARG O    O N N 17  
ARG CB   C N N 18  
ARG CG   C N N 19  
ARG CD   C N N 20  
ARG NE   N N N 21  
ARG CZ   C N N 22  
ARG NH1  N N N 23  
ARG NH2  N N N 24  
ARG OXT  O N N 25  
ARG H    H N N 26  
ARG H2   H N N 27  
ARG HA   H N N 28  
ARG HB2  H N N 29  
ARG HB3  H N N 30  
ARG HG2  H N N 31  
ARG HG3  H N N 32  
ARG HD2  H N N 33  
ARG HD3  H N N 34  
ARG HE   H N N 35  
ARG HH11 H N N 36  
ARG HH12 H N N 37  
ARG HH21 H N N 38  
ARG HH22 H N N 39  
ARG HXT  H N N 40  
ASN N    N N N 41  
ASN CA   C N S 42  
ASN C    C N N 43  
ASN O    O N N 44  
ASN CB   C N N 45  
ASN CG   C N N 46  
ASN OD1  O N N 47  
ASN ND2  N N N 48  
ASN OXT  O N N 49  
ASN H    H N N 50  
ASN H2   H N N 51  
ASN HA   H N N 52  
ASN HB2  H N N 53  
ASN HB3  H N N 54  
ASN HD21 H N N 55  
ASN HD22 H N N 56  
ASN HXT  H N N 57  
ASP N    N N N 58  
ASP CA   C N S 59  
ASP C    C N N 60  
ASP O    O N N 61  
ASP CB   C N N 62  
ASP CG   C N N 63  
ASP OD1  O N N 64  
ASP OD2  O N N 65  
ASP OXT  O N N 66  
ASP H    H N N 67  
ASP H2   H N N 68  
ASP HA   H N N 69  
ASP HB2  H N N 70  
ASP HB3  H N N 71  
ASP HD2  H N N 72  
ASP HXT  H N N 73  
CYS N    N N N 74  
CYS CA   C N R 75  
CYS C    C N N 76  
CYS O    O N N 77  
CYS CB   C N N 78  
CYS SG   S N N 79  
CYS OXT  O N N 80  
CYS H    H N N 81  
CYS H2   H N N 82  
CYS HA   H N N 83  
CYS HB2  H N N 84  
CYS HB3  H N N 85  
CYS HG   H N N 86  
CYS HXT  H N N 87  
GLN N    N N N 88  
GLN CA   C N S 89  
GLN C    C N N 90  
GLN O    O N N 91  
GLN CB   C N N 92  
GLN CG   C N N 93  
GLN CD   C N N 94  
GLN OE1  O N N 95  
GLN NE2  N N N 96  
GLN OXT  O N N 97  
GLN H    H N N 98  
GLN H2   H N N 99  
GLN HA   H N N 100 
GLN HB2  H N N 101 
GLN HB3  H N N 102 
GLN HG2  H N N 103 
GLN HG3  H N N 104 
GLN HE21 H N N 105 
GLN HE22 H N N 106 
GLN HXT  H N N 107 
GLU N    N N N 108 
GLU CA   C N S 109 
GLU C    C N N 110 
GLU O    O N N 111 
GLU CB   C N N 112 
GLU CG   C N N 113 
GLU CD   C N N 114 
GLU OE1  O N N 115 
GLU OE2  O N N 116 
GLU OXT  O N N 117 
GLU H    H N N 118 
GLU H2   H N N 119 
GLU HA   H N N 120 
GLU HB2  H N N 121 
GLU HB3  H N N 122 
GLU HG2  H N N 123 
GLU HG3  H N N 124 
GLU HE2  H N N 125 
GLU HXT  H N N 126 
GLY N    N N N 127 
GLY CA   C N N 128 
GLY C    C N N 129 
GLY O    O N N 130 
GLY OXT  O N N 131 
GLY H    H N N 132 
GLY H2   H N N 133 
GLY HA2  H N N 134 
GLY HA3  H N N 135 
GLY HXT  H N N 136 
HIS N    N N N 137 
HIS CA   C N S 138 
HIS C    C N N 139 
HIS O    O N N 140 
HIS CB   C N N 141 
HIS CG   C Y N 142 
HIS ND1  N Y N 143 
HIS CD2  C Y N 144 
HIS CE1  C Y N 145 
HIS NE2  N Y N 146 
HIS OXT  O N N 147 
HIS H    H N N 148 
HIS H2   H N N 149 
HIS HA   H N N 150 
HIS HB2  H N N 151 
HIS HB3  H N N 152 
HIS HD1  H N N 153 
HIS HD2  H N N 154 
HIS HE1  H N N 155 
HIS HE2  H N N 156 
HIS HXT  H N N 157 
HOH O    O N N 158 
HOH H1   H N N 159 
HOH H2   H N N 160 
ILE N    N N N 161 
ILE CA   C N S 162 
ILE C    C N N 163 
ILE O    O N N 164 
ILE CB   C N S 165 
ILE CG1  C N N 166 
ILE CG2  C N N 167 
ILE CD1  C N N 168 
ILE OXT  O N N 169 
ILE H    H N N 170 
ILE H2   H N N 171 
ILE HA   H N N 172 
ILE HB   H N N 173 
ILE HG12 H N N 174 
ILE HG13 H N N 175 
ILE HG21 H N N 176 
ILE HG22 H N N 177 
ILE HG23 H N N 178 
ILE HD11 H N N 179 
ILE HD12 H N N 180 
ILE HD13 H N N 181 
ILE HXT  H N N 182 
LEU N    N N N 183 
LEU CA   C N S 184 
LEU C    C N N 185 
LEU O    O N N 186 
LEU CB   C N N 187 
LEU CG   C N N 188 
LEU CD1  C N N 189 
LEU CD2  C N N 190 
LEU OXT  O N N 191 
LEU H    H N N 192 
LEU H2   H N N 193 
LEU HA   H N N 194 
LEU HB2  H N N 195 
LEU HB3  H N N 196 
LEU HG   H N N 197 
LEU HD11 H N N 198 
LEU HD12 H N N 199 
LEU HD13 H N N 200 
LEU HD21 H N N 201 
LEU HD22 H N N 202 
LEU HD23 H N N 203 
LEU HXT  H N N 204 
LYS N    N N N 205 
LYS CA   C N S 206 
LYS C    C N N 207 
LYS O    O N N 208 
LYS CB   C N N 209 
LYS CG   C N N 210 
LYS CD   C N N 211 
LYS CE   C N N 212 
LYS NZ   N N N 213 
LYS OXT  O N N 214 
LYS H    H N N 215 
LYS H2   H N N 216 
LYS HA   H N N 217 
LYS HB2  H N N 218 
LYS HB3  H N N 219 
LYS HG2  H N N 220 
LYS HG3  H N N 221 
LYS HD2  H N N 222 
LYS HD3  H N N 223 
LYS HE2  H N N 224 
LYS HE3  H N N 225 
LYS HZ1  H N N 226 
LYS HZ2  H N N 227 
LYS HZ3  H N N 228 
LYS HXT  H N N 229 
MET N    N N N 230 
MET CA   C N S 231 
MET C    C N N 232 
MET O    O N N 233 
MET CB   C N N 234 
MET CG   C N N 235 
MET SD   S N N 236 
MET CE   C N N 237 
MET OXT  O N N 238 
MET H    H N N 239 
MET H2   H N N 240 
MET HA   H N N 241 
MET HB2  H N N 242 
MET HB3  H N N 243 
MET HG2  H N N 244 
MET HG3  H N N 245 
MET HE1  H N N 246 
MET HE2  H N N 247 
MET HE3  H N N 248 
MET HXT  H N N 249 
PHE N    N N N 250 
PHE CA   C N S 251 
PHE C    C N N 252 
PHE O    O N N 253 
PHE CB   C N N 254 
PHE CG   C Y N 255 
PHE CD1  C Y N 256 
PHE CD2  C Y N 257 
PHE CE1  C Y N 258 
PHE CE2  C Y N 259 
PHE CZ   C Y N 260 
PHE OXT  O N N 261 
PHE H    H N N 262 
PHE H2   H N N 263 
PHE HA   H N N 264 
PHE HB2  H N N 265 
PHE HB3  H N N 266 
PHE HD1  H N N 267 
PHE HD2  H N N 268 
PHE HE1  H N N 269 
PHE HE2  H N N 270 
PHE HZ   H N N 271 
PHE HXT  H N N 272 
PRO N    N N N 273 
PRO CA   C N S 274 
PRO C    C N N 275 
PRO O    O N N 276 
PRO CB   C N N 277 
PRO CG   C N N 278 
PRO CD   C N N 279 
PRO OXT  O N N 280 
PRO H    H N N 281 
PRO HA   H N N 282 
PRO HB2  H N N 283 
PRO HB3  H N N 284 
PRO HG2  H N N 285 
PRO HG3  H N N 286 
PRO HD2  H N N 287 
PRO HD3  H N N 288 
PRO HXT  H N N 289 
SER N    N N N 290 
SER CA   C N S 291 
SER C    C N N 292 
SER O    O N N 293 
SER CB   C N N 294 
SER OG   O N N 295 
SER OXT  O N N 296 
SER H    H N N 297 
SER H2   H N N 298 
SER HA   H N N 299 
SER HB2  H N N 300 
SER HB3  H N N 301 
SER HG   H N N 302 
SER HXT  H N N 303 
THR N    N N N 304 
THR CA   C N S 305 
THR C    C N N 306 
THR O    O N N 307 
THR CB   C N R 308 
THR OG1  O N N 309 
THR CG2  C N N 310 
THR OXT  O N N 311 
THR H    H N N 312 
THR H2   H N N 313 
THR HA   H N N 314 
THR HB   H N N 315 
THR HG1  H N N 316 
THR HG21 H N N 317 
THR HG22 H N N 318 
THR HG23 H N N 319 
THR HXT  H N N 320 
TRP N    N N N 321 
TRP CA   C N S 322 
TRP C    C N N 323 
TRP O    O N N 324 
TRP CB   C N N 325 
TRP CG   C Y N 326 
TRP CD1  C Y N 327 
TRP CD2  C Y N 328 
TRP NE1  N Y N 329 
TRP CE2  C Y N 330 
TRP CE3  C Y N 331 
TRP CZ2  C Y N 332 
TRP CZ3  C Y N 333 
TRP CH2  C Y N 334 
TRP OXT  O N N 335 
TRP H    H N N 336 
TRP H2   H N N 337 
TRP HA   H N N 338 
TRP HB2  H N N 339 
TRP HB3  H N N 340 
TRP HD1  H N N 341 
TRP HE1  H N N 342 
TRP HE3  H N N 343 
TRP HZ2  H N N 344 
TRP HZ3  H N N 345 
TRP HH2  H N N 346 
TRP HXT  H N N 347 
TYR N    N N N 348 
TYR CA   C N S 349 
TYR C    C N N 350 
TYR O    O N N 351 
TYR CB   C N N 352 
TYR CG   C Y N 353 
TYR CD1  C Y N 354 
TYR CD2  C Y N 355 
TYR CE1  C Y N 356 
TYR CE2  C Y N 357 
TYR CZ   C Y N 358 
TYR OH   O N N 359 
TYR OXT  O N N 360 
TYR H    H N N 361 
TYR H2   H N N 362 
TYR HA   H N N 363 
TYR HB2  H N N 364 
TYR HB3  H N N 365 
TYR HD1  H N N 366 
TYR HD2  H N N 367 
TYR HE1  H N N 368 
TYR HE2  H N N 369 
TYR HH   H N N 370 
TYR HXT  H N N 371 
VAL N    N N N 372 
VAL CA   C N S 373 
VAL C    C N N 374 
VAL O    O N N 375 
VAL CB   C N N 376 
VAL CG1  C N N 377 
VAL CG2  C N N 378 
VAL OXT  O N N 379 
VAL H    H N N 380 
VAL H2   H N N 381 
VAL HA   H N N 382 
VAL HB   H N N 383 
VAL HG11 H N N 384 
VAL HG12 H N N 385 
VAL HG13 H N N 386 
VAL HG21 H N N 387 
VAL HG22 H N N 388 
VAL HG23 H N N 389 
VAL HXT  H N N 390 
# 
loop_
_chem_comp_bond.comp_id 
_chem_comp_bond.atom_id_1 
_chem_comp_bond.atom_id_2 
_chem_comp_bond.value_order 
_chem_comp_bond.pdbx_aromatic_flag 
_chem_comp_bond.pdbx_stereo_config 
_chem_comp_bond.pdbx_ordinal 
ALA N   CA   sing N N 1   
ALA N   H    sing N N 2   
ALA N   H2   sing N N 3   
ALA CA  C    sing N N 4   
ALA CA  CB   sing N N 5   
ALA CA  HA   sing N N 6   
ALA C   O    doub N N 7   
ALA C   OXT  sing N N 8   
ALA CB  HB1  sing N N 9   
ALA CB  HB2  sing N N 10  
ALA CB  HB3  sing N N 11  
ALA OXT HXT  sing N N 12  
ARG N   CA   sing N N 13  
ARG N   H    sing N N 14  
ARG N   H2   sing N N 15  
ARG CA  C    sing N N 16  
ARG CA  CB   sing N N 17  
ARG CA  HA   sing N N 18  
ARG C   O    doub N N 19  
ARG C   OXT  sing N N 20  
ARG CB  CG   sing N N 21  
ARG CB  HB2  sing N N 22  
ARG CB  HB3  sing N N 23  
ARG CG  CD   sing N N 24  
ARG CG  HG2  sing N N 25  
ARG CG  HG3  sing N N 26  
ARG CD  NE   sing N N 27  
ARG CD  HD2  sing N N 28  
ARG CD  HD3  sing N N 29  
ARG NE  CZ   sing N N 30  
ARG NE  HE   sing N N 31  
ARG CZ  NH1  sing N N 32  
ARG CZ  NH2  doub N N 33  
ARG NH1 HH11 sing N N 34  
ARG NH1 HH12 sing N N 35  
ARG NH2 HH21 sing N N 36  
ARG NH2 HH22 sing N N 37  
ARG OXT HXT  sing N N 38  
ASN N   CA   sing N N 39  
ASN N   H    sing N N 40  
ASN N   H2   sing N N 41  
ASN CA  C    sing N N 42  
ASN CA  CB   sing N N 43  
ASN CA  HA   sing N N 44  
ASN C   O    doub N N 45  
ASN C   OXT  sing N N 46  
ASN CB  CG   sing N N 47  
ASN CB  HB2  sing N N 48  
ASN CB  HB3  sing N N 49  
ASN CG  OD1  doub N N 50  
ASN CG  ND2  sing N N 51  
ASN ND2 HD21 sing N N 52  
ASN ND2 HD22 sing N N 53  
ASN OXT HXT  sing N N 54  
ASP N   CA   sing N N 55  
ASP N   H    sing N N 56  
ASP N   H2   sing N N 57  
ASP CA  C    sing N N 58  
ASP CA  CB   sing N N 59  
ASP CA  HA   sing N N 60  
ASP C   O    doub N N 61  
ASP C   OXT  sing N N 62  
ASP CB  CG   sing N N 63  
ASP CB  HB2  sing N N 64  
ASP CB  HB3  sing N N 65  
ASP CG  OD1  doub N N 66  
ASP CG  OD2  sing N N 67  
ASP OD2 HD2  sing N N 68  
ASP OXT HXT  sing N N 69  
CYS N   CA   sing N N 70  
CYS N   H    sing N N 71  
CYS N   H2   sing N N 72  
CYS CA  C    sing N N 73  
CYS CA  CB   sing N N 74  
CYS CA  HA   sing N N 75  
CYS C   O    doub N N 76  
CYS C   OXT  sing N N 77  
CYS CB  SG   sing N N 78  
CYS CB  HB2  sing N N 79  
CYS CB  HB3  sing N N 80  
CYS SG  HG   sing N N 81  
CYS OXT HXT  sing N N 82  
GLN N   CA   sing N N 83  
GLN N   H    sing N N 84  
GLN N   H2   sing N N 85  
GLN CA  C    sing N N 86  
GLN CA  CB   sing N N 87  
GLN CA  HA   sing N N 88  
GLN C   O    doub N N 89  
GLN C   OXT  sing N N 90  
GLN CB  CG   sing N N 91  
GLN CB  HB2  sing N N 92  
GLN CB  HB3  sing N N 93  
GLN CG  CD   sing N N 94  
GLN CG  HG2  sing N N 95  
GLN CG  HG3  sing N N 96  
GLN CD  OE1  doub N N 97  
GLN CD  NE2  sing N N 98  
GLN NE2 HE21 sing N N 99  
GLN NE2 HE22 sing N N 100 
GLN OXT HXT  sing N N 101 
GLU N   CA   sing N N 102 
GLU N   H    sing N N 103 
GLU N   H2   sing N N 104 
GLU CA  C    sing N N 105 
GLU CA  CB   sing N N 106 
GLU CA  HA   sing N N 107 
GLU C   O    doub N N 108 
GLU C   OXT  sing N N 109 
GLU CB  CG   sing N N 110 
GLU CB  HB2  sing N N 111 
GLU CB  HB3  sing N N 112 
GLU CG  CD   sing N N 113 
GLU CG  HG2  sing N N 114 
GLU CG  HG3  sing N N 115 
GLU CD  OE1  doub N N 116 
GLU CD  OE2  sing N N 117 
GLU OE2 HE2  sing N N 118 
GLU OXT HXT  sing N N 119 
GLY N   CA   sing N N 120 
GLY N   H    sing N N 121 
GLY N   H2   sing N N 122 
GLY CA  C    sing N N 123 
GLY CA  HA2  sing N N 124 
GLY CA  HA3  sing N N 125 
GLY C   O    doub N N 126 
GLY C   OXT  sing N N 127 
GLY OXT HXT  sing N N 128 
HIS N   CA   sing N N 129 
HIS N   H    sing N N 130 
HIS N   H2   sing N N 131 
HIS CA  C    sing N N 132 
HIS CA  CB   sing N N 133 
HIS CA  HA   sing N N 134 
HIS C   O    doub N N 135 
HIS C   OXT  sing N N 136 
HIS CB  CG   sing N N 137 
HIS CB  HB2  sing N N 138 
HIS CB  HB3  sing N N 139 
HIS CG  ND1  sing Y N 140 
HIS CG  CD2  doub Y N 141 
HIS ND1 CE1  doub Y N 142 
HIS ND1 HD1  sing N N 143 
HIS CD2 NE2  sing Y N 144 
HIS CD2 HD2  sing N N 145 
HIS CE1 NE2  sing Y N 146 
HIS CE1 HE1  sing N N 147 
HIS NE2 HE2  sing N N 148 
HIS OXT HXT  sing N N 149 
HOH O   H1   sing N N 150 
HOH O   H2   sing N N 151 
ILE N   CA   sing N N 152 
ILE N   H    sing N N 153 
ILE N   H2   sing N N 154 
ILE CA  C    sing N N 155 
ILE CA  CB   sing N N 156 
ILE CA  HA   sing N N 157 
ILE C   O    doub N N 158 
ILE C   OXT  sing N N 159 
ILE CB  CG1  sing N N 160 
ILE CB  CG2  sing N N 161 
ILE CB  HB   sing N N 162 
ILE CG1 CD1  sing N N 163 
ILE CG1 HG12 sing N N 164 
ILE CG1 HG13 sing N N 165 
ILE CG2 HG21 sing N N 166 
ILE CG2 HG22 sing N N 167 
ILE CG2 HG23 sing N N 168 
ILE CD1 HD11 sing N N 169 
ILE CD1 HD12 sing N N 170 
ILE CD1 HD13 sing N N 171 
ILE OXT HXT  sing N N 172 
LEU N   CA   sing N N 173 
LEU N   H    sing N N 174 
LEU N   H2   sing N N 175 
LEU CA  C    sing N N 176 
LEU CA  CB   sing N N 177 
LEU CA  HA   sing N N 178 
LEU C   O    doub N N 179 
LEU C   OXT  sing N N 180 
LEU CB  CG   sing N N 181 
LEU CB  HB2  sing N N 182 
LEU CB  HB3  sing N N 183 
LEU CG  CD1  sing N N 184 
LEU CG  CD2  sing N N 185 
LEU CG  HG   sing N N 186 
LEU CD1 HD11 sing N N 187 
LEU CD1 HD12 sing N N 188 
LEU CD1 HD13 sing N N 189 
LEU CD2 HD21 sing N N 190 
LEU CD2 HD22 sing N N 191 
LEU CD2 HD23 sing N N 192 
LEU OXT HXT  sing N N 193 
LYS N   CA   sing N N 194 
LYS N   H    sing N N 195 
LYS N   H2   sing N N 196 
LYS CA  C    sing N N 197 
LYS CA  CB   sing N N 198 
LYS CA  HA   sing N N 199 
LYS C   O    doub N N 200 
LYS C   OXT  sing N N 201 
LYS CB  CG   sing N N 202 
LYS CB  HB2  sing N N 203 
LYS CB  HB3  sing N N 204 
LYS CG  CD   sing N N 205 
LYS CG  HG2  sing N N 206 
LYS CG  HG3  sing N N 207 
LYS CD  CE   sing N N 208 
LYS CD  HD2  sing N N 209 
LYS CD  HD3  sing N N 210 
LYS CE  NZ   sing N N 211 
LYS CE  HE2  sing N N 212 
LYS CE  HE3  sing N N 213 
LYS NZ  HZ1  sing N N 214 
LYS NZ  HZ2  sing N N 215 
LYS NZ  HZ3  sing N N 216 
LYS OXT HXT  sing N N 217 
MET N   CA   sing N N 218 
MET N   H    sing N N 219 
MET N   H2   sing N N 220 
MET CA  C    sing N N 221 
MET CA  CB   sing N N 222 
MET CA  HA   sing N N 223 
MET C   O    doub N N 224 
MET C   OXT  sing N N 225 
MET CB  CG   sing N N 226 
MET CB  HB2  sing N N 227 
MET CB  HB3  sing N N 228 
MET CG  SD   sing N N 229 
MET CG  HG2  sing N N 230 
MET CG  HG3  sing N N 231 
MET SD  CE   sing N N 232 
MET CE  HE1  sing N N 233 
MET CE  HE2  sing N N 234 
MET CE  HE3  sing N N 235 
MET OXT HXT  sing N N 236 
PHE N   CA   sing N N 237 
PHE N   H    sing N N 238 
PHE N   H2   sing N N 239 
PHE CA  C    sing N N 240 
PHE CA  CB   sing N N 241 
PHE CA  HA   sing N N 242 
PHE C   O    doub N N 243 
PHE C   OXT  sing N N 244 
PHE CB  CG   sing N N 245 
PHE CB  HB2  sing N N 246 
PHE CB  HB3  sing N N 247 
PHE CG  CD1  doub Y N 248 
PHE CG  CD2  sing Y N 249 
PHE CD1 CE1  sing Y N 250 
PHE CD1 HD1  sing N N 251 
PHE CD2 CE2  doub Y N 252 
PHE CD2 HD2  sing N N 253 
PHE CE1 CZ   doub Y N 254 
PHE CE1 HE1  sing N N 255 
PHE CE2 CZ   sing Y N 256 
PHE CE2 HE2  sing N N 257 
PHE CZ  HZ   sing N N 258 
PHE OXT HXT  sing N N 259 
PRO N   CA   sing N N 260 
PRO N   CD   sing N N 261 
PRO N   H    sing N N 262 
PRO CA  C    sing N N 263 
PRO CA  CB   sing N N 264 
PRO CA  HA   sing N N 265 
PRO C   O    doub N N 266 
PRO C   OXT  sing N N 267 
PRO CB  CG   sing N N 268 
PRO CB  HB2  sing N N 269 
PRO CB  HB3  sing N N 270 
PRO CG  CD   sing N N 271 
PRO CG  HG2  sing N N 272 
PRO CG  HG3  sing N N 273 
PRO CD  HD2  sing N N 274 
PRO CD  HD3  sing N N 275 
PRO OXT HXT  sing N N 276 
SER N   CA   sing N N 277 
SER N   H    sing N N 278 
SER N   H2   sing N N 279 
SER CA  C    sing N N 280 
SER CA  CB   sing N N 281 
SER CA  HA   sing N N 282 
SER C   O    doub N N 283 
SER C   OXT  sing N N 284 
SER CB  OG   sing N N 285 
SER CB  HB2  sing N N 286 
SER CB  HB3  sing N N 287 
SER OG  HG   sing N N 288 
SER OXT HXT  sing N N 289 
THR N   CA   sing N N 290 
THR N   H    sing N N 291 
THR N   H2   sing N N 292 
THR CA  C    sing N N 293 
THR CA  CB   sing N N 294 
THR CA  HA   sing N N 295 
THR C   O    doub N N 296 
THR C   OXT  sing N N 297 
THR CB  OG1  sing N N 298 
THR CB  CG2  sing N N 299 
THR CB  HB   sing N N 300 
THR OG1 HG1  sing N N 301 
THR CG2 HG21 sing N N 302 
THR CG2 HG22 sing N N 303 
THR CG2 HG23 sing N N 304 
THR OXT HXT  sing N N 305 
TRP N   CA   sing N N 306 
TRP N   H    sing N N 307 
TRP N   H2   sing N N 308 
TRP CA  C    sing N N 309 
TRP CA  CB   sing N N 310 
TRP CA  HA   sing N N 311 
TRP C   O    doub N N 312 
TRP C   OXT  sing N N 313 
TRP CB  CG   sing N N 314 
TRP CB  HB2  sing N N 315 
TRP CB  HB3  sing N N 316 
TRP CG  CD1  doub Y N 317 
TRP CG  CD2  sing Y N 318 
TRP CD1 NE1  sing Y N 319 
TRP CD1 HD1  sing N N 320 
TRP CD2 CE2  doub Y N 321 
TRP CD2 CE3  sing Y N 322 
TRP NE1 CE2  sing Y N 323 
TRP NE1 HE1  sing N N 324 
TRP CE2 CZ2  sing Y N 325 
TRP CE3 CZ3  doub Y N 326 
TRP CE3 HE3  sing N N 327 
TRP CZ2 CH2  doub Y N 328 
TRP CZ2 HZ2  sing N N 329 
TRP CZ3 CH2  sing Y N 330 
TRP CZ3 HZ3  sing N N 331 
TRP CH2 HH2  sing N N 332 
TRP OXT HXT  sing N N 333 
TYR N   CA   sing N N 334 
TYR N   H    sing N N 335 
TYR N   H2   sing N N 336 
TYR CA  C    sing N N 337 
TYR CA  CB   sing N N 338 
TYR CA  HA   sing N N 339 
TYR C   O    doub N N 340 
TYR C   OXT  sing N N 341 
TYR CB  CG   sing N N 342 
TYR CB  HB2  sing N N 343 
TYR CB  HB3  sing N N 344 
TYR CG  CD1  doub Y N 345 
TYR CG  CD2  sing Y N 346 
TYR CD1 CE1  sing Y N 347 
TYR CD1 HD1  sing N N 348 
TYR CD2 CE2  doub Y N 349 
TYR CD2 HD2  sing N N 350 
TYR CE1 CZ   doub Y N 351 
TYR CE1 HE1  sing N N 352 
TYR CE2 CZ   sing Y N 353 
TYR CE2 HE2  sing N N 354 
TYR CZ  OH   sing N N 355 
TYR OH  HH   sing N N 356 
TYR OXT HXT  sing N N 357 
VAL N   CA   sing N N 358 
VAL N   H    sing N N 359 
VAL N   H2   sing N N 360 
VAL CA  C    sing N N 361 
VAL CA  CB   sing N N 362 
VAL CA  HA   sing N N 363 
VAL C   O    doub N N 364 
VAL C   OXT  sing N N 365 
VAL CB  CG1  sing N N 366 
VAL CB  CG2  sing N N 367 
VAL CB  HB   sing N N 368 
VAL CG1 HG11 sing N N 369 
VAL CG1 HG12 sing N N 370 
VAL CG1 HG13 sing N N 371 
VAL CG2 HG21 sing N N 372 
VAL CG2 HG22 sing N N 373 
VAL CG2 HG23 sing N N 374 
VAL OXT HXT  sing N N 375 
# 
_atom_sites.entry_id                    1ET9 
_atom_sites.fract_transf_matrix[1][1]   -0.01521427 
_atom_sites.fract_transf_matrix[1][2]   0.01362088 
_atom_sites.fract_transf_matrix[1][3]   0.01812483 
_atom_sites.fract_transf_matrix[2][1]   0.01354940 
_atom_sites.fract_transf_matrix[2][2]   -0.00614728 
_atom_sites.fract_transf_matrix[2][3]   0.01599328 
_atom_sites.fract_transf_matrix[3][1]   0.00824519 
_atom_sites.fract_transf_matrix[3][2]   0.01301249 
_atom_sites.fract_transf_matrix[3][3]   -0.00198370 
_atom_sites.fract_transf_vector[1]      0.189909 
_atom_sites.fract_transf_vector[2]      0.019961 
_atom_sites.fract_transf_vector[3]      0.260805 
# 
loop_
_atom_type.symbol 
C 
N 
O 
S 
# 
loop_
_atom_site.group_PDB 
_atom_site.id 
_atom_site.type_symbol 
_atom_site.label_atom_id 
_atom_site.label_alt_id 
_atom_site.label_comp_id 
_atom_site.label_asym_id 
_atom_site.label_entity_id 
_atom_site.label_seq_id 
_atom_site.pdbx_PDB_ins_code 
_atom_site.Cartn_x 
_atom_site.Cartn_y 
_atom_site.Cartn_z 
_atom_site.occupancy 
_atom_site.B_iso_or_equiv 
_atom_site.pdbx_formal_charge 
_atom_site.auth_seq_id 
_atom_site.auth_comp_id 
_atom_site.auth_asym_id 
_atom_site.auth_atom_id 
_atom_site.pdbx_PDB_model_num 
ATOM   1    N N   . ASN A 1 1   ? 21.322  -4.297  9.310   1.00 35.90 ? 1   ASN A N   1 
ATOM   2    C CA  . ASN A 1 1   ? 20.623  -3.007  9.581   1.00 36.02 ? 1   ASN A CA  1 
ATOM   3    C C   . ASN A 1 1   ? 19.758  -2.565  8.403   1.00 34.96 ? 1   ASN A C   1 
ATOM   4    O O   . ASN A 1 1   ? 19.431  -3.368  7.528   1.00 35.28 ? 1   ASN A O   1 
ATOM   5    C CB  . ASN A 1 1   ? 21.643  -1.906  9.927   1.00 37.71 ? 1   ASN A CB  1 
ATOM   6    C CG  . ASN A 1 1   ? 22.885  -1.933  9.031   1.00 38.59 ? 1   ASN A CG  1 
ATOM   7    O OD1 . ASN A 1 1   ? 22.787  -1.941  7.801   1.00 39.73 ? 1   ASN A OD1 1 
ATOM   8    N ND2 . ASN A 1 1   ? 24.059  -1.933  9.654   1.00 38.19 ? 1   ASN A ND2 1 
ATOM   9    N N   . SER A 1 2   ? 19.385  -1.289  8.388   1.00 33.53 ? 2   SER A N   1 
ATOM   10   C CA  . SER A 1 2   ? 18.562  -0.753  7.311   1.00 32.60 ? 2   SER A CA  1 
ATOM   11   C C   . SER A 1 2   ? 19.452  -0.259  6.177   1.00 31.76 ? 2   SER A C   1 
ATOM   12   O O   . SER A 1 2   ? 19.000  0.463   5.287   1.00 32.12 ? 2   SER A O   1 
ATOM   13   C CB  . SER A 1 2   ? 17.689  0.399   7.819   1.00 32.65 ? 2   SER A CB  1 
ATOM   14   O OG  . SER A 1 2   ? 18.471  1.539   8.131   1.00 32.44 ? 2   SER A OG  1 
ATOM   15   N N   . TYR A 1 3   ? 20.724  -0.648  6.225   1.00 30.33 ? 3   TYR A N   1 
ATOM   16   C CA  . TYR A 1 3   ? 21.691  -0.266  5.205   1.00 28.75 ? 3   TYR A CA  1 
ATOM   17   C C   . TYR A 1 3   ? 22.003  -1.438  4.285   1.00 29.41 ? 3   TYR A C   1 
ATOM   18   O O   . TYR A 1 3   ? 22.825  -1.319  3.375   1.00 29.85 ? 3   TYR A O   1 
ATOM   19   C CB  . TYR A 1 3   ? 22.980  0.228   5.853   1.00 26.82 ? 3   TYR A CB  1 
ATOM   20   C CG  . TYR A 1 3   ? 22.901  1.647   6.360   1.00 25.14 ? 3   TYR A CG  1 
ATOM   21   C CD1 . TYR A 1 3   ? 23.073  1.935   7.713   1.00 24.52 ? 3   TYR A CD1 1 
ATOM   22   C CD2 . TYR A 1 3   ? 22.692  2.708   5.481   1.00 23.31 ? 3   TYR A CD2 1 
ATOM   23   C CE1 . TYR A 1 3   ? 23.041  3.250   8.176   1.00 23.69 ? 3   TYR A CE1 1 
ATOM   24   C CE2 . TYR A 1 3   ? 22.659  4.023   5.931   1.00 22.05 ? 3   TYR A CE2 1 
ATOM   25   C CZ  . TYR A 1 3   ? 22.836  4.287   7.277   1.00 22.20 ? 3   TYR A CZ  1 
ATOM   26   O OH  . TYR A 1 3   ? 22.815  5.583   7.722   1.00 21.74 ? 3   TYR A OH  1 
ATOM   27   N N   . ASN A 1 4   ? 21.347  -2.569  4.531   1.00 29.95 ? 4   ASN A N   1 
ATOM   28   C CA  . ASN A 1 4   ? 21.538  -3.761  3.712   1.00 30.14 ? 4   ASN A CA  1 
ATOM   29   C C   . ASN A 1 4   ? 21.138  -3.419  2.280   1.00 28.98 ? 4   ASN A C   1 
ATOM   30   O O   . ASN A 1 4   ? 19.962  -3.230  1.984   1.00 29.21 ? 4   ASN A O   1 
ATOM   31   C CB  . ASN A 1 4   ? 20.675  -4.907  4.241   1.00 32.56 ? 4   ASN A CB  1 
ATOM   32   C CG  . ASN A 1 4   ? 20.862  -6.185  3.450   1.00 35.20 ? 4   ASN A CG  1 
ATOM   33   O OD1 . ASN A 1 4   ? 20.594  -6.229  2.251   1.00 37.30 ? 4   ASN A OD1 1 
ATOM   34   N ND2 . ASN A 1 4   ? 21.328  -7.234  4.119   1.00 36.59 ? 4   ASN A ND2 1 
ATOM   35   N N   . THR A 1 5   ? 22.125  -3.348  1.396   1.00 27.41 ? 5   THR A N   1 
ATOM   36   C CA  . THR A 1 5   ? 21.893  -2.988  0.002   1.00 27.02 ? 5   THR A CA  1 
ATOM   37   C C   . THR A 1 5   ? 20.821  -3.774  -0.765  1.00 25.78 ? 5   THR A C   1 
ATOM   38   O O   . THR A 1 5   ? 20.001  -3.177  -1.462  1.00 26.31 ? 5   THR A O   1 
ATOM   39   C CB  . THR A 1 5   ? 23.218  -3.036  -0.795  1.00 27.27 ? 5   THR A CB  1 
ATOM   40   O OG1 . THR A 1 5   ? 23.780  -4.350  -0.720  1.00 29.58 ? 5   THR A OG1 1 
ATOM   41   C CG2 . THR A 1 5   ? 24.218  -2.046  -0.217  1.00 28.30 ? 5   THR A CG2 1 
ATOM   42   N N   . THR A 1 6   ? 20.820  -5.099  -0.644  1.00 24.20 ? 6   THR A N   1 
ATOM   43   C CA  . THR A 1 6   ? 19.844  -5.929  -1.353  1.00 22.55 ? 6   THR A CA  1 
ATOM   44   C C   . THR A 1 6   ? 18.417  -5.686  -0.889  1.00 21.64 ? 6   THR A C   1 
ATOM   45   O O   . THR A 1 6   ? 17.504  -5.587  -1.701  1.00 21.63 ? 6   THR A O   1 
ATOM   46   C CB  . THR A 1 6   ? 20.157  -7.436  -1.192  1.00 22.37 ? 6   THR A CB  1 
ATOM   47   O OG1 . THR A 1 6   ? 21.360  -7.752  -1.904  1.00 24.31 ? 6   THR A OG1 1 
ATOM   48   C CG2 . THR A 1 6   ? 19.015  -8.289  -1.732  1.00 21.08 ? 6   THR A CG2 1 
ATOM   49   N N   . ASN A 1 7   ? 18.229  -5.598  0.419   1.00 21.75 ? 7   ASN A N   1 
ATOM   50   C CA  . ASN A 1 7   ? 16.907  -5.368  0.975   1.00 22.06 ? 7   ASN A CA  1 
ATOM   51   C C   . ASN A 1 7   ? 16.385  -3.995  0.589   1.00 21.81 ? 7   ASN A C   1 
ATOM   52   O O   . ASN A 1 7   ? 15.184  -3.817  0.383   1.00 22.85 ? 7   ASN A O   1 
ATOM   53   C CB  . ASN A 1 7   ? 16.962  -5.499  2.488   1.00 23.87 ? 7   ASN A CB  1 
ATOM   54   C CG  . ASN A 1 7   ? 17.223  -6.915  2.929   1.00 26.18 ? 7   ASN A CG  1 
ATOM   55   O OD1 . ASN A 1 7   ? 17.472  -7.171  4.105   1.00 28.83 ? 7   ASN A OD1 1 
ATOM   56   N ND2 . ASN A 1 7   ? 17.161  -7.850  1.987   1.00 25.92 ? 7   ASN A ND2 1 
ATOM   57   N N   . ARG A 1 8   ? 17.294  -3.026  0.502   1.00 21.47 ? 8   ARG A N   1 
ATOM   58   C CA  . ARG A 1 8   ? 16.941  -1.662  0.122   1.00 20.60 ? 8   ARG A CA  1 
ATOM   59   C C   . ARG A 1 8   ? 16.612  -1.652  -1.366  1.00 20.52 ? 8   ARG A C   1 
ATOM   60   O O   . ARG A 1 8   ? 15.729  -0.925  -1.814  1.00 20.24 ? 8   ARG A O   1 
ATOM   61   C CB  . ARG A 1 8   ? 18.109  -0.703  0.398   1.00 20.38 ? 8   ARG A CB  1 
ATOM   62   C CG  . ARG A 1 8   ? 18.405  -0.453  1.878   1.00 18.78 ? 8   ARG A CG  1 
ATOM   63   C CD  . ARG A 1 8   ? 19.714  0.313   2.058   1.00 17.03 ? 8   ARG A CD  1 
ATOM   64   N NE  . ARG A 1 8   ? 19.655  1.697   1.591   1.00 15.38 ? 8   ARG A NE  1 
ATOM   65   C CZ  . ARG A 1 8   ? 19.355  2.739   2.361   1.00 14.90 ? 8   ARG A CZ  1 
ATOM   66   N NH1 . ARG A 1 8   ? 19.080  2.565   3.646   1.00 15.50 ? 8   ARG A NH1 1 
ATOM   67   N NH2 . ARG A 1 8   ? 19.351  3.963   1.853   1.00 14.61 ? 8   ARG A NH2 1 
ATOM   68   N N   . HIS A 1 9   ? 17.332  -2.474  -2.122  1.00 21.37 ? 9   HIS A N   1 
ATOM   69   C CA  . HIS A 1 9   ? 17.124  -2.581  -3.559  1.00 22.70 ? 9   HIS A CA  1 
ATOM   70   C C   . HIS A 1 9   ? 15.834  -3.328  -3.892  1.00 22.58 ? 9   HIS A C   1 
ATOM   71   O O   . HIS A 1 9   ? 15.190  -3.037  -4.898  1.00 23.16 ? 9   HIS A O   1 
ATOM   72   C CB  . HIS A 1 9   ? 18.300  -3.298  -4.212  1.00 24.50 ? 9   HIS A CB  1 
ATOM   73   C CG  . HIS A 1 9   ? 18.125  -3.517  -5.681  1.00 26.95 ? 9   HIS A CG  1 
ATOM   74   N ND1 . HIS A 1 9   ? 18.210  -2.494  -6.601  1.00 28.53 ? 9   HIS A ND1 1 
ATOM   75   C CD2 . HIS A 1 9   ? 17.836  -4.635  -6.387  1.00 28.06 ? 9   HIS A CD2 1 
ATOM   76   C CE1 . HIS A 1 9   ? 17.980  -2.974  -7.812  1.00 29.29 ? 9   HIS A CE1 1 
ATOM   77   N NE2 . HIS A 1 9   ? 17.751  -4.271  -7.708  1.00 29.35 ? 9   HIS A NE2 1 
ATOM   78   N N   . ASN A 1 10  ? 15.469  -4.302  -3.063  1.00 22.74 ? 10  ASN A N   1 
ATOM   79   C CA  . ASN A 1 10  ? 14.239  -5.052  -3.294  1.00 23.10 ? 10  ASN A CA  1 
ATOM   80   C C   . ASN A 1 10  ? 13.040  -4.222  -2.854  1.00 22.25 ? 10  ASN A C   1 
ATOM   81   O O   . ASN A 1 10  ? 12.069  -4.079  -3.594  1.00 23.64 ? 10  ASN A O   1 
ATOM   82   C CB  . ASN A 1 10  ? 14.241  -6.381  -2.534  1.00 24.87 ? 10  ASN A CB  1 
ATOM   83   C CG  . ASN A 1 10  ? 15.104  -7.434  -3.200  1.00 26.89 ? 10  ASN A CG  1 
ATOM   84   O OD1 . ASN A 1 10  ? 15.422  -7.336  -4.386  1.00 28.40 ? 10  ASN A OD1 1 
ATOM   85   N ND2 . ASN A 1 10  ? 15.475  -8.458  -2.442  1.00 28.39 ? 10  ASN A ND2 1 
ATOM   86   N N   . LEU A 1 11  ? 13.110  -3.677  -1.645  1.00 19.69 ? 11  LEU A N   1 
ATOM   87   C CA  . LEU A 1 11  ? 12.027  -2.858  -1.131  1.00 18.72 ? 11  LEU A CA  1 
ATOM   88   C C   . LEU A 1 11  ? 11.707  -1.761  -2.154  1.00 18.72 ? 11  LEU A C   1 
ATOM   89   O O   . LEU A 1 11  ? 10.544  -1.498  -2.466  1.00 18.44 ? 11  LEU A O   1 
ATOM   90   C CB  . LEU A 1 11  ? 12.442  -2.246  0.209   1.00 18.24 ? 11  LEU A CB  1 
ATOM   91   C CG  . LEU A 1 11  ? 11.373  -1.516  1.024   1.00 18.85 ? 11  LEU A CG  1 
ATOM   92   C CD1 . LEU A 1 11  ? 10.215  -2.453  1.340   1.00 18.11 ? 11  LEU A CD1 1 
ATOM   93   C CD2 . LEU A 1 11  ? 11.999  -0.995  2.303   1.00 18.15 ? 11  LEU A CD2 1 
ATOM   94   N N   . GLU A 1 12  ? 12.752  -1.139  -2.691  1.00 19.17 ? 12  GLU A N   1 
ATOM   95   C CA  . GLU A 1 12  ? 12.584  -0.080  -3.679  1.00 20.05 ? 12  GLU A CA  1 
ATOM   96   C C   . GLU A 1 12  ? 11.930  -0.594  -4.960  1.00 19.71 ? 12  GLU A C   1 
ATOM   97   O O   . GLU A 1 12  ? 10.954  -0.016  -5.431  1.00 20.52 ? 12  GLU A O   1 
ATOM   98   C CB  . GLU A 1 12  ? 13.938  0.554   -4.019  1.00 21.64 ? 12  GLU A CB  1 
ATOM   99   C CG  . GLU A 1 12  ? 13.840  1.797   -4.902  1.00 24.42 ? 12  GLU A CG  1 
ATOM   100  C CD  . GLU A 1 12  ? 15.197  2.318   -5.351  1.00 26.00 ? 12  GLU A CD  1 
ATOM   101  O OE1 . GLU A 1 12  ? 15.933  1.563   -6.023  1.00 28.13 ? 12  GLU A OE1 1 
ATOM   102  O OE2 . GLU A 1 12  ? 15.528  3.483   -5.040  1.00 26.67 ? 12  GLU A OE2 1 
ATOM   103  N N   . SER A 1 13  ? 12.472  -1.673  -5.525  1.00 19.21 ? 13  SER A N   1 
ATOM   104  C CA  . SER A 1 13  ? 11.928  -2.257  -6.754  1.00 19.09 ? 13  SER A CA  1 
ATOM   105  C C   . SER A 1 13  ? 10.434  -2.521  -6.633  1.00 18.25 ? 13  SER A C   1 
ATOM   106  O O   . SER A 1 13  ? 9.661   -2.196  -7.532  1.00 19.06 ? 13  SER A O   1 
ATOM   107  C CB  . SER A 1 13  ? 12.637  -3.575  -7.093  1.00 19.08 ? 13  SER A CB  1 
ATOM   108  O OG  . SER A 1 13  ? 13.990  -3.367  -7.444  1.00 20.60 ? 13  SER A OG  1 
ATOM   109  N N   . LEU A 1 14  ? 10.038  -3.121  -5.517  1.00 17.10 ? 14  LEU A N   1 
ATOM   110  C CA  . LEU A 1 14  ? 8.643   -3.437  -5.262  1.00 16.77 ? 14  LEU A CA  1 
ATOM   111  C C   . LEU A 1 14  ? 7.757   -2.193  -5.371  1.00 17.48 ? 14  LEU A C   1 
ATOM   112  O O   . LEU A 1 14  ? 6.756   -2.197  -6.091  1.00 18.29 ? 14  LEU A O   1 
ATOM   113  C CB  . LEU A 1 14  ? 8.507   -4.060  -3.870  1.00 16.00 ? 14  LEU A CB  1 
ATOM   114  C CG  . LEU A 1 14  ? 7.109   -4.386  -3.342  1.00 16.04 ? 14  LEU A CG  1 
ATOM   115  C CD1 . LEU A 1 14  ? 6.462   -5.411  -4.247  1.00 16.09 ? 14  LEU A CD1 1 
ATOM   116  C CD2 . LEU A 1 14  ? 7.200   -4.904  -1.913  1.00 14.93 ? 14  LEU A CD2 1 
ATOM   117  N N   . TYR A 1 15  ? 8.134   -1.124  -4.672  1.00 16.89 ? 15  TYR A N   1 
ATOM   118  C CA  . TYR A 1 15  ? 7.347   0.106   -4.681  1.00 16.20 ? 15  TYR A CA  1 
ATOM   119  C C   . TYR A 1 15  ? 7.587   1.073   -5.834  1.00 16.49 ? 15  TYR A C   1 
ATOM   120  O O   . TYR A 1 15  ? 6.744   1.928   -6.104  1.00 16.87 ? 15  TYR A O   1 
ATOM   121  C CB  . TYR A 1 15  ? 7.546   0.878   -3.374  1.00 15.78 ? 15  TYR A CB  1 
ATOM   122  C CG  . TYR A 1 15  ? 6.895   0.264   -2.162  1.00 13.57 ? 15  TYR A CG  1 
ATOM   123  C CD1 . TYR A 1 15  ? 7.517   -0.767  -1.457  1.00 13.06 ? 15  TYR A CD1 1 
ATOM   124  C CD2 . TYR A 1 15  ? 5.659   0.721   -1.711  1.00 12.52 ? 15  TYR A CD2 1 
ATOM   125  C CE1 . TYR A 1 15  ? 6.920   -1.326  -0.328  1.00 12.66 ? 15  TYR A CE1 1 
ATOM   126  C CE2 . TYR A 1 15  ? 5.051   0.170   -0.585  1.00 11.76 ? 15  TYR A CE2 1 
ATOM   127  C CZ  . TYR A 1 15  ? 5.685   -0.850  0.102   1.00 11.77 ? 15  TYR A CZ  1 
ATOM   128  O OH  . TYR A 1 15  ? 5.088   -1.384  1.217   1.00 10.27 ? 15  TYR A OH  1 
ATOM   129  N N   . LYS A 1 16  ? 8.726   0.954   -6.508  1.00 17.27 ? 16  LYS A N   1 
ATOM   130  C CA  . LYS A 1 16  ? 9.061   1.864   -7.603  1.00 18.32 ? 16  LYS A CA  1 
ATOM   131  C C   . LYS A 1 16  ? 8.454   1.524   -8.965  1.00 19.49 ? 16  LYS A C   1 
ATOM   132  O O   . LYS A 1 16  ? 7.915   2.399   -9.646  1.00 19.84 ? 16  LYS A O   1 
ATOM   133  C CB  . LYS A 1 16  ? 10.582  1.960   -7.739  1.00 18.38 ? 16  LYS A CB  1 
ATOM   134  C CG  . LYS A 1 16  ? 11.067  2.915   -8.805  1.00 19.88 ? 16  LYS A CG  1 
ATOM   135  C CD  . LYS A 1 16  ? 12.577  2.844   -8.903  1.00 23.31 ? 16  LYS A CD  1 
ATOM   136  C CE  . LYS A 1 16  ? 13.122  3.763   -9.986  1.00 26.61 ? 16  LYS A CE  1 
ATOM   137  N NZ  . LYS A 1 16  ? 14.611  3.691   -10.071 1.00 27.62 ? 16  LYS A NZ  1 
ATOM   138  N N   . HIS A 1 17  ? 8.539   0.256   -9.357  1.00 20.29 ? 17  HIS A N   1 
ATOM   139  C CA  . HIS A 1 17  ? 8.031   -0.201  -10.651 1.00 20.36 ? 17  HIS A CA  1 
ATOM   140  C C   . HIS A 1 17  ? 6.542   -0.509  -10.659 1.00 20.85 ? 17  HIS A C   1 
ATOM   141  O O   . HIS A 1 17  ? 6.064   -1.324  -9.871  1.00 21.51 ? 17  HIS A O   1 
ATOM   142  C CB  . HIS A 1 17  ? 8.814   -1.438  -11.098 1.00 20.21 ? 17  HIS A CB  1 
ATOM   143  C CG  . HIS A 1 17  ? 10.286  -1.202  -11.216 1.00 19.82 ? 17  HIS A CG  1 
ATOM   144  N ND1 . HIS A 1 17  ? 10.822  -0.286  -12.096 1.00 20.18 ? 17  HIS A ND1 1 
ATOM   145  C CD2 . HIS A 1 17  ? 11.333  -1.732  -10.541 1.00 20.32 ? 17  HIS A CD2 1 
ATOM   146  C CE1 . HIS A 1 17  ? 12.135  -0.260  -11.957 1.00 19.67 ? 17  HIS A CE1 1 
ATOM   147  N NE2 . HIS A 1 17  ? 12.470  -1.128  -11.018 1.00 20.91 ? 17  HIS A NE2 1 
ATOM   148  N N   . ASP A 1 18  ? 5.815   0.134   -11.567 1.00 21.09 ? 18  ASP A N   1 
ATOM   149  C CA  . ASP A 1 18  ? 4.379   -0.077  -11.673 1.00 21.96 ? 18  ASP A CA  1 
ATOM   150  C C   . ASP A 1 18  ? 4.054   -1.487  -12.157 1.00 21.19 ? 18  ASP A C   1 
ATOM   151  O O   . ASP A 1 18  ? 2.913   -1.945  -12.049 1.00 20.72 ? 18  ASP A O   1 
ATOM   152  C CB  . ASP A 1 18  ? 3.757   0.959   -12.613 1.00 25.39 ? 18  ASP A CB  1 
ATOM   153  C CG  . ASP A 1 18  ? 3.962   2.388   -12.123 1.00 29.22 ? 18  ASP A CG  1 
ATOM   154  O OD1 . ASP A 1 18  ? 3.753   2.645   -10.915 1.00 30.39 ? 18  ASP A OD1 1 
ATOM   155  O OD2 . ASP A 1 18  ? 4.324   3.258   -12.951 1.00 31.74 ? 18  ASP A OD2 1 
ATOM   156  N N   . SER A 1 19  ? 5.059   -2.176  -12.686 1.00 20.45 ? 19  SER A N   1 
ATOM   157  C CA  . SER A 1 19  ? 4.860   -3.538  -13.165 1.00 19.22 ? 19  SER A CA  1 
ATOM   158  C C   . SER A 1 19  ? 4.480   -4.435  -11.995 1.00 18.48 ? 19  SER A C   1 
ATOM   159  O O   . SER A 1 19  ? 3.872   -5.487  -12.188 1.00 19.59 ? 19  SER A O   1 
ATOM   160  C CB  . SER A 1 19  ? 6.130   -4.064  -13.844 1.00 19.42 ? 19  SER A CB  1 
ATOM   161  O OG  . SER A 1 19  ? 7.254   -4.009  -12.985 1.00 18.76 ? 19  SER A OG  1 
ATOM   162  N N   . ASN A 1 20  ? 4.834   -4.007  -10.782 1.00 17.08 ? 20  ASN A N   1 
ATOM   163  C CA  . ASN A 1 20  ? 4.534   -4.757  -9.562  1.00 15.90 ? 20  ASN A CA  1 
ATOM   164  C C   . ASN A 1 20  ? 3.179   -4.384  -8.981  1.00 16.03 ? 20  ASN A C   1 
ATOM   165  O O   . ASN A 1 20  ? 2.662   -5.070  -8.096  1.00 15.59 ? 20  ASN A O   1 
ATOM   166  C CB  . ASN A 1 20  ? 5.605   -4.508  -8.500  1.00 14.80 ? 20  ASN A CB  1 
ATOM   167  C CG  . ASN A 1 20  ? 6.902   -5.217  -8.800  1.00 14.32 ? 20  ASN A CG  1 
ATOM   168  O OD1 . ASN A 1 20  ? 6.922   -6.426  -9.020  1.00 15.39 ? 20  ASN A OD1 1 
ATOM   169  N ND2 . ASN A 1 20  ? 7.995   -4.471  -8.804  1.00 15.13 ? 20  ASN A ND2 1 
ATOM   170  N N   . LEU A 1 21  ? 2.606   -3.296  -9.480  1.00 16.66 ? 21  LEU A N   1 
ATOM   171  C CA  . LEU A 1 21  ? 1.322   -2.816  -8.989  1.00 16.77 ? 21  LEU A CA  1 
ATOM   172  C C   . LEU A 1 21  ? 0.135   -3.321  -9.795  1.00 17.65 ? 21  LEU A C   1 
ATOM   173  O O   . LEU A 1 21  ? 0.168   -3.340  -11.026 1.00 18.54 ? 21  LEU A O   1 
ATOM   174  C CB  . LEU A 1 21  ? 1.315   -1.286  -8.981  1.00 14.41 ? 21  LEU A CB  1 
ATOM   175  C CG  . LEU A 1 21  ? 0.011   -0.611  -8.569  1.00 12.63 ? 21  LEU A CG  1 
ATOM   176  C CD1 . LEU A 1 21  ? -0.257  -0.854  -7.102  1.00 12.61 ? 21  LEU A CD1 1 
ATOM   177  C CD2 . LEU A 1 21  ? 0.112   0.866   -8.848  1.00 12.99 ? 21  LEU A CD2 1 
ATOM   178  N N   . ILE A 1 22  ? -0.909  -3.735  -9.081  1.00 18.96 ? 22  ILE A N   1 
ATOM   179  C CA  . ILE A 1 22  ? -2.138  -4.218  -9.700  1.00 20.15 ? 22  ILE A CA  1 
ATOM   180  C C   . ILE A 1 22  ? -3.250  -3.239  -9.353  1.00 20.92 ? 22  ILE A C   1 
ATOM   181  O O   . ILE A 1 22  ? -3.617  -3.074  -8.192  1.00 20.50 ? 22  ILE A O   1 
ATOM   182  C CB  . ILE A 1 22  ? -2.526  -5.635  -9.203  1.00 19.36 ? 22  ILE A CB  1 
ATOM   183  C CG1 . ILE A 1 22  ? -1.541  -6.663  -9.769  1.00 19.41 ? 22  ILE A CG1 1 
ATOM   184  C CG2 . ILE A 1 22  ? -3.949  -5.971  -9.634  1.00 18.66 ? 22  ILE A CG2 1 
ATOM   185  C CD1 . ILE A 1 22  ? -1.849  -8.093  -9.408  1.00 19.47 ? 22  ILE A CD1 1 
ATOM   186  N N   . GLU A 1 23  ? -3.773  -2.584  -10.378 1.00 22.52 ? 23  GLU A N   1 
ATOM   187  C CA  . GLU A 1 23  ? -4.824  -1.605  -10.196 1.00 25.48 ? 23  GLU A CA  1 
ATOM   188  C C   . GLU A 1 23  ? -5.962  -1.876  -11.178 1.00 26.93 ? 23  GLU A C   1 
ATOM   189  O O   . GLU A 1 23  ? -5.862  -1.553  -12.358 1.00 28.35 ? 23  GLU A O   1 
ATOM   190  C CB  . GLU A 1 23  ? -4.231  -0.208  -10.402 1.00 26.50 ? 23  GLU A CB  1 
ATOM   191  C CG  . GLU A 1 23  ? -5.226  0.939   -10.419 1.00 30.27 ? 23  GLU A CG  1 
ATOM   192  C CD  . GLU A 1 23  ? -4.536  2.300   -10.436 1.00 32.06 ? 23  GLU A CD  1 
ATOM   193  O OE1 . GLU A 1 23  ? -3.402  2.388   -10.960 1.00 32.68 ? 23  GLU A OE1 1 
ATOM   194  O OE2 . GLU A 1 23  ? -5.132  3.281   -9.937  1.00 33.37 ? 23  GLU A OE2 1 
ATOM   195  N N   . ALA A 1 24  ? -7.036  -2.486  -10.682 1.00 28.39 ? 24  ALA A N   1 
ATOM   196  C CA  . ALA A 1 24  ? -8.199  -2.808  -11.505 1.00 28.92 ? 24  ALA A CA  1 
ATOM   197  C C   . ALA A 1 24  ? -9.452  -2.201  -10.885 1.00 29.76 ? 24  ALA A C   1 
ATOM   198  O O   . ALA A 1 24  ? -9.561  -2.104  -9.666  1.00 29.88 ? 24  ALA A O   1 
ATOM   199  C CB  . ALA A 1 24  ? -8.351  -4.314  -11.618 1.00 29.18 ? 24  ALA A CB  1 
ATOM   200  N N   . ASP A 1 25  ? -10.400 -1.797  -11.720 1.00 31.08 ? 25  ASP A N   1 
ATOM   201  C CA  . ASP A 1 25  ? -11.627 -1.195  -11.211 1.00 32.68 ? 25  ASP A CA  1 
ATOM   202  C C   . ASP A 1 25  ? -12.893 -1.942  -11.607 1.00 32.57 ? 25  ASP A C   1 
ATOM   203  O O   . ASP A 1 25  ? -13.000 -2.471  -12.712 1.00 32.48 ? 25  ASP A O   1 
ATOM   204  C CB  . ASP A 1 25  ? -11.729 0.265   -11.668 1.00 35.03 ? 25  ASP A CB  1 
ATOM   205  C CG  . ASP A 1 25  ? -10.708 1.168   -10.987 1.00 37.46 ? 25  ASP A CG  1 
ATOM   206  O OD1 . ASP A 1 25  ? -10.727 1.259   -9.739  1.00 38.94 ? 25  ASP A OD1 1 
ATOM   207  O OD2 . ASP A 1 25  ? -9.886  1.788   -11.700 1.00 38.39 ? 25  ASP A OD2 1 
ATOM   208  N N   . SER A 1 26  ? -13.847 -1.975  -10.681 1.00 33.00 ? 26  SER A N   1 
ATOM   209  C CA  . SER A 1 26  ? -15.136 -2.632  -10.880 1.00 33.72 ? 26  SER A CA  1 
ATOM   210  C C   . SER A 1 26  ? -14.996 -4.064  -11.377 1.00 33.25 ? 26  SER A C   1 
ATOM   211  O O   . SER A 1 26  ? -15.720 -4.500  -12.274 1.00 33.64 ? 26  SER A O   1 
ATOM   212  C CB  . SER A 1 26  ? -15.986 -1.825  -11.864 1.00 34.12 ? 26  SER A CB  1 
ATOM   213  O OG  . SER A 1 26  ? -17.283 -2.384  -11.981 1.00 36.34 ? 26  SER A OG  1 
ATOM   214  N N   . ILE A 1 27  ? -14.070 -4.798  -10.776 1.00 32.82 ? 27  ILE A N   1 
ATOM   215  C CA  . ILE A 1 27  ? -13.818 -6.179  -11.158 1.00 32.97 ? 27  ILE A CA  1 
ATOM   216  C C   . ILE A 1 27  ? -14.498 -7.159  -10.189 1.00 32.18 ? 27  ILE A C   1 
ATOM   217  O O   . ILE A 1 27  ? -14.635 -6.876  -9.000  1.00 32.76 ? 27  ILE A O   1 
ATOM   218  C CB  . ILE A 1 27  ? -12.284 -6.432  -11.221 1.00 34.21 ? 27  ILE A CB  1 
ATOM   219  C CG1 . ILE A 1 27  ? -11.996 -7.859  -11.686 1.00 35.99 ? 27  ILE A CG1 1 
ATOM   220  C CG2 . ILE A 1 27  ? -11.651 -6.154  -9.862  1.00 34.56 ? 27  ILE A CG2 1 
ATOM   221  C CD1 . ILE A 1 27  ? -10.510 -8.178  -11.803 1.00 37.42 ? 27  ILE A CD1 1 
ATOM   222  N N   . LYS A 1 28  ? -14.941 -8.301  -10.708 1.00 31.41 ? 28  LYS A N   1 
ATOM   223  C CA  . LYS A 1 28  ? -15.603 -9.322  -9.893  1.00 30.53 ? 28  LYS A CA  1 
ATOM   224  C C   . LYS A 1 28  ? -14.698 -10.561 -9.837  1.00 30.92 ? 28  LYS A C   1 
ATOM   225  O O   . LYS A 1 28  ? -13.953 -10.826 -10.783 1.00 31.34 ? 28  LYS A O   1 
ATOM   226  C CB  . LYS A 1 28  ? -16.964 -9.676  -10.510 1.00 28.97 ? 28  LYS A CB  1 
ATOM   227  C CG  . LYS A 1 28  ? -17.848 -10.555 -9.642  1.00 27.62 ? 28  LYS A CG  1 
ATOM   228  C CD  . LYS A 1 28  ? -19.161 -10.891 -10.327 0.00 28.12 ? 28  LYS A CD  1 
ATOM   229  C CE  . LYS A 1 28  ? -18.938 -11.760 -11.550 0.00 28.10 ? 28  LYS A CE  1 
ATOM   230  N NZ  . LYS A 1 28  ? -20.221 -12.151 -12.185 0.00 28.11 ? 28  LYS A NZ  1 
ATOM   231  N N   . ASN A 1 29  ? -14.754 -11.316 -8.742  1.00 31.22 ? 29  ASN A N   1 
ATOM   232  C CA  . ASN A 1 29  ? -13.906 -12.505 -8.600  1.00 31.96 ? 29  ASN A CA  1 
ATOM   233  C C   . ASN A 1 29  ? -14.364 -13.728 -9.403  1.00 33.04 ? 29  ASN A C   1 
ATOM   234  O O   . ASN A 1 29  ? -15.510 -13.804 -9.850  1.00 33.88 ? 29  ASN A O   1 
ATOM   235  C CB  . ASN A 1 29  ? -13.768 -12.896 -7.121  1.00 30.85 ? 29  ASN A CB  1 
ATOM   236  C CG  . ASN A 1 29  ? -15.081 -13.323 -6.501  1.00 29.91 ? 29  ASN A CG  1 
ATOM   237  O OD1 . ASN A 1 29  ? -15.980 -12.511 -6.310  1.00 30.20 ? 29  ASN A OD1 1 
ATOM   238  N ND2 . ASN A 1 29  ? -15.197 -14.607 -6.183  1.00 28.97 ? 29  ASN A ND2 1 
ATOM   239  N N   . SER A 1 30  ? -13.452 -14.680 -9.589  1.00 33.85 ? 30  SER A N   1 
ATOM   240  C CA  . SER A 1 30  ? -13.757 -15.901 -10.326 1.00 35.02 ? 30  SER A CA  1 
ATOM   241  C C   . SER A 1 30  ? -14.545 -16.823 -9.414  1.00 35.72 ? 30  SER A C   1 
ATOM   242  O O   . SER A 1 30  ? -14.236 -16.929 -8.226  1.00 36.76 ? 30  SER A O   1 
ATOM   243  C CB  . SER A 1 30  ? -12.473 -16.615 -10.742 1.00 34.87 ? 30  SER A CB  1 
ATOM   244  O OG  . SER A 1 30  ? -11.620 -15.752 -11.461 1.00 37.24 ? 30  SER A OG  1 
ATOM   245  N N   . PRO A 1 31  ? -15.574 -17.500 -9.954  1.00 35.57 ? 31  PRO A N   1 
ATOM   246  C CA  . PRO A 1 31  ? -16.403 -18.418 -9.162  1.00 35.04 ? 31  PRO A CA  1 
ATOM   247  C C   . PRO A 1 31  ? -15.686 -19.749 -8.916  1.00 35.26 ? 31  PRO A C   1 
ATOM   248  O O   . PRO A 1 31  ? -16.244 -20.820 -9.146  1.00 35.05 ? 31  PRO A O   1 
ATOM   249  C CB  . PRO A 1 31  ? -17.649 -18.570 -10.022 1.00 35.10 ? 31  PRO A CB  1 
ATOM   250  C CG  . PRO A 1 31  ? -17.093 -18.508 -11.407 1.00 34.85 ? 31  PRO A CG  1 
ATOM   251  C CD  . PRO A 1 31  ? -16.104 -17.365 -11.323 1.00 35.33 ? 31  PRO A CD  1 
ATOM   252  N N   . ASP A 1 32  ? -14.448 -19.666 -8.443  1.00 36.14 ? 32  ASP A N   1 
ATOM   253  C CA  . ASP A 1 32  ? -13.640 -20.851 -8.179  1.00 36.86 ? 32  ASP A CA  1 
ATOM   254  C C   . ASP A 1 32  ? -13.800 -21.325 -6.746  1.00 37.63 ? 32  ASP A C   1 
ATOM   255  O O   . ASP A 1 32  ? -14.537 -20.737 -5.950  1.00 37.36 ? 32  ASP A O   1 
ATOM   256  C CB  . ASP A 1 32  ? -12.149 -20.567 -8.408  1.00 36.21 ? 32  ASP A CB  1 
ATOM   257  C CG  . ASP A 1 32  ? -11.891 -19.757 -9.654  1.00 35.44 ? 32  ASP A CG  1 
ATOM   258  O OD1 . ASP A 1 32  ? -12.424 -20.125 -10.717 1.00 37.16 ? 32  ASP A OD1 1 
ATOM   259  O OD2 . ASP A 1 32  ? -11.145 -18.759 -9.567  1.00 33.57 ? 32  ASP A OD2 1 
ATOM   260  N N   . ILE A 1 33  ? -13.083 -22.399 -6.430  1.00 38.23 ? 33  ILE A N   1 
ATOM   261  C CA  . ILE A 1 33  ? -13.086 -22.967 -5.096  1.00 38.64 ? 33  ILE A CA  1 
ATOM   262  C C   . ILE A 1 33  ? -11.854 -22.406 -4.389  1.00 39.50 ? 33  ILE A C   1 
ATOM   263  O O   . ILE A 1 33  ? -10.716 -22.712 -4.762  1.00 39.45 ? 33  ILE A O   1 
ATOM   264  C CB  . ILE A 1 33  ? -13.015 -24.513 -5.148  1.00 38.09 ? 33  ILE A CB  1 
ATOM   265  C CG1 . ILE A 1 33  ? -14.262 -25.055 -5.854  1.00 37.46 ? 33  ILE A CG1 1 
ATOM   266  C CG2 . ILE A 1 33  ? -12.902 -25.090 -3.738  1.00 38.25 ? 33  ILE A CG2 1 
ATOM   267  C CD1 . ILE A 1 33  ? -14.331 -26.560 -5.926  1.00 36.41 ? 33  ILE A CD1 1 
ATOM   268  N N   . VAL A 1 34  ? -12.096 -21.564 -3.385  1.00 40.21 ? 34  VAL A N   1 
ATOM   269  C CA  . VAL A 1 34  ? -11.028 -20.937 -2.613  1.00 39.69 ? 34  VAL A CA  1 
ATOM   270  C C   . VAL A 1 34  ? -11.203 -21.210 -1.121  1.00 39.65 ? 34  VAL A C   1 
ATOM   271  O O   . VAL A 1 34  ? -12.236 -21.728 -0.693  1.00 39.58 ? 34  VAL A O   1 
ATOM   272  C CB  . VAL A 1 34  ? -11.006 -19.411 -2.847  1.00 39.40 ? 34  VAL A CB  1 
ATOM   273  C CG1 . VAL A 1 34  ? -10.641 -19.114 -4.292  1.00 38.78 ? 34  VAL A CG1 1 
ATOM   274  C CG2 . VAL A 1 34  ? -12.368 -18.817 -2.518  1.00 38.77 ? 34  VAL A CG2 1 
ATOM   275  N N   . THR A 1 35  ? -10.187 -20.863 -0.336  1.00 40.04 ? 35  THR A N   1 
ATOM   276  C CA  . THR A 1 35  ? -10.218 -21.069 1.110   1.00 39.94 ? 35  THR A CA  1 
ATOM   277  C C   . THR A 1 35  ? -11.037 -19.985 1.805   1.00 40.29 ? 35  THR A C   1 
ATOM   278  O O   . THR A 1 35  ? -11.683 -19.163 1.153   1.00 40.98 ? 35  THR A O   1 
ATOM   279  C CB  . THR A 1 35  ? -8.789  -21.075 1.709   1.00 39.87 ? 35  THR A CB  1 
ATOM   280  O OG1 . THR A 1 35  ? -8.228  -19.757 1.643   1.00 40.27 ? 35  THR A OG1 1 
ATOM   281  C CG2 . THR A 1 35  ? -7.894  -22.028 0.930   1.00 40.02 ? 35  THR A CG2 1 
ATOM   282  N N   . SER A 1 36  ? -11.010 -19.986 3.132   1.00 40.63 ? 36  SER A N   1 
ATOM   283  C CA  . SER A 1 36  ? -11.750 -18.999 3.913   1.00 40.53 ? 36  SER A CA  1 
ATOM   284  C C   . SER A 1 36  ? -10.940 -17.715 4.099   1.00 40.73 ? 36  SER A C   1 
ATOM   285  O O   . SER A 1 36  ? -11.439 -16.732 4.649   1.00 42.08 ? 36  SER A O   1 
ATOM   286  C CB  . SER A 1 36  ? -12.106 -19.582 5.281   1.00 40.57 ? 36  SER A CB  1 
ATOM   287  O OG  . SER A 1 36  ? -10.943 -20.042 5.956   1.00 40.42 ? 36  SER A OG  1 
ATOM   288  N N   . HIS A 1 37  ? -9.694  -17.727 3.635   1.00 39.87 ? 37  HIS A N   1 
ATOM   289  C CA  . HIS A 1 37  ? -8.809  -16.574 3.757   1.00 37.84 ? 37  HIS A CA  1 
ATOM   290  C C   . HIS A 1 37  ? -8.336  -16.035 2.414   1.00 36.24 ? 37  HIS A C   1 
ATOM   291  O O   . HIS A 1 37  ? -7.252  -15.461 2.329   1.00 35.17 ? 37  HIS A O   1 
ATOM   292  C CB  . HIS A 1 37  ? -7.585  -16.946 4.598   1.00 39.66 ? 37  HIS A CB  1 
ATOM   293  C CG  . HIS A 1 37  ? -7.835  -16.927 6.073   1.00 42.63 ? 37  HIS A CG  1 
ATOM   294  N ND1 . HIS A 1 37  ? -8.908  -17.567 6.654   1.00 44.78 ? 37  HIS A ND1 1 
ATOM   295  C CD2 . HIS A 1 37  ? -7.155  -16.337 7.084   1.00 44.20 ? 37  HIS A CD2 1 
ATOM   296  C CE1 . HIS A 1 37  ? -8.881  -17.369 7.962   1.00 45.46 ? 37  HIS A CE1 1 
ATOM   297  N NE2 . HIS A 1 37  ? -7.827  -16.626 8.248   1.00 45.32 ? 37  HIS A NE2 1 
ATOM   298  N N   . MET A 1 38  ? -9.136  -16.205 1.364   1.00 34.76 ? 38  MET A N   1 
ATOM   299  C CA  . MET A 1 38  ? -8.716  -15.720 0.054   1.00 33.77 ? 38  MET A CA  1 
ATOM   300  C C   . MET A 1 38  ? -9.811  -15.606 -1.004  1.00 33.01 ? 38  MET A C   1 
ATOM   301  O O   . MET A 1 38  ? -10.963 -15.992 -0.791  1.00 33.09 ? 38  MET A O   1 
ATOM   302  C CB  . MET A 1 38  ? -7.597  -16.611 -0.493  1.00 34.05 ? 38  MET A CB  1 
ATOM   303  C CG  . MET A 1 38  ? -8.066  -17.989 -0.932  1.00 34.26 ? 38  MET A CG  1 
ATOM   304  S SD  . MET A 1 38  ? -6.749  -18.984 -1.622  1.00 34.96 ? 38  MET A SD  1 
ATOM   305  C CE  . MET A 1 38  ? -6.469  -18.127 -3.168  1.00 35.05 ? 38  MET A CE  1 
ATOM   306  N N   . LEU A 1 39  ? -9.409  -15.064 -2.151  1.00 31.85 ? 39  LEU A N   1 
ATOM   307  C CA  . LEU A 1 39  ? -10.267 -14.875 -3.312  1.00 31.09 ? 39  LEU A CA  1 
ATOM   308  C C   . LEU A 1 39  ? -9.344  -14.912 -4.530  1.00 30.96 ? 39  LEU A C   1 
ATOM   309  O O   . LEU A 1 39  ? -8.157  -14.609 -4.416  1.00 31.57 ? 39  LEU A O   1 
ATOM   310  C CB  . LEU A 1 39  ? -10.984 -13.522 -3.244  1.00 30.35 ? 39  LEU A CB  1 
ATOM   311  C CG  . LEU A 1 39  ? -12.098 -13.348 -2.207  1.00 30.25 ? 39  LEU A CG  1 
ATOM   312  C CD1 . LEU A 1 39  ? -12.645 -11.927 -2.264  1.00 29.67 ? 39  LEU A CD1 1 
ATOM   313  C CD2 . LEU A 1 39  ? -13.210 -14.354 -2.479  1.00 30.61 ? 39  LEU A CD2 1 
ATOM   314  N N   . LYS A 1 40  ? -9.871  -15.297 -5.687  1.00 30.09 ? 40  LYS A N   1 
ATOM   315  C CA  . LYS A 1 40  ? -9.056  -15.345 -6.896  1.00 29.20 ? 40  LYS A CA  1 
ATOM   316  C C   . LYS A 1 40  ? -9.627  -14.415 -7.960  1.00 28.29 ? 40  LYS A C   1 
ATOM   317  O O   . LYS A 1 40  ? -10.838 -14.384 -8.179  1.00 27.73 ? 40  LYS A O   1 
ATOM   318  C CB  . LYS A 1 40  ? -8.977  -16.777 -7.442  1.00 30.92 ? 40  LYS A CB  1 
ATOM   319  C CG  . LYS A 1 40  ? -8.227  -17.763 -6.543  1.00 32.45 ? 40  LYS A CG  1 
ATOM   320  C CD  . LYS A 1 40  ? -8.133  -19.152 -7.181  1.00 33.04 ? 40  LYS A CD  1 
ATOM   321  C CE  . LYS A 1 40  ? -7.346  -20.114 -6.305  0.00 32.87 ? 40  LYS A CE  1 
ATOM   322  N NZ  . LYS A 1 40  ? -7.230  -21.464 -6.926  0.00 33.00 ? 40  LYS A NZ  1 
ATOM   323  N N   . TYR A 1 41  ? -8.747  -13.657 -8.611  1.00 27.32 ? 41  TYR A N   1 
ATOM   324  C CA  . TYR A 1 41  ? -9.147  -12.719 -9.654  1.00 26.27 ? 41  TYR A CA  1 
ATOM   325  C C   . TYR A 1 41  ? -8.416  -12.949 -10.971 1.00 27.27 ? 41  TYR A C   1 
ATOM   326  O O   . TYR A 1 41  ? -7.340  -13.544 -11.005 1.00 26.67 ? 41  TYR A O   1 
ATOM   327  C CB  . TYR A 1 41  ? -8.896  -11.275 -9.203  1.00 23.64 ? 41  TYR A CB  1 
ATOM   328  C CG  . TYR A 1 41  ? -9.784  -10.822 -8.072  1.00 22.15 ? 41  TYR A CG  1 
ATOM   329  C CD1 . TYR A 1 41  ? -9.518  -11.197 -6.754  1.00 21.67 ? 41  TYR A CD1 1 
ATOM   330  C CD2 . TYR A 1 41  ? -10.917 -10.045 -8.323  1.00 20.31 ? 41  TYR A CD2 1 
ATOM   331  C CE1 . TYR A 1 41  ? -10.363 -10.810 -5.712  1.00 20.11 ? 41  TYR A CE1 1 
ATOM   332  C CE2 . TYR A 1 41  ? -11.768 -9.655  -7.289  1.00 19.17 ? 41  TYR A CE2 1 
ATOM   333  C CZ  . TYR A 1 41  ? -11.483 -10.044 -5.990  1.00 19.29 ? 41  TYR A CZ  1 
ATOM   334  O OH  . TYR A 1 41  ? -12.322 -9.672  -4.969  1.00 20.24 ? 41  TYR A OH  1 
ATOM   335  N N   . SER A 1 42  ? -9.018  -12.467 -12.055 1.00 29.30 ? 42  SER A N   1 
ATOM   336  C CA  . SER A 1 42  ? -8.434  -12.573 -13.387 1.00 31.92 ? 42  SER A CA  1 
ATOM   337  C C   . SER A 1 42  ? -8.201  -11.152 -13.904 1.00 33.11 ? 42  SER A C   1 
ATOM   338  O O   . SER A 1 42  ? -9.034  -10.600 -14.627 1.00 34.66 ? 42  SER A O   1 
ATOM   339  C CB  . SER A 1 42  ? -9.381  -13.313 -14.335 1.00 32.86 ? 42  SER A CB  1 
ATOM   340  O OG  . SER A 1 42  ? -9.617  -14.640 -13.898 1.00 35.90 ? 42  SER A OG  1 
ATOM   341  N N   . VAL A 1 43  ? -7.073  -10.558 -13.532 1.00 33.11 ? 43  VAL A N   1 
ATOM   342  C CA  . VAL A 1 43  ? -6.772  -9.199  -13.955 1.00 33.29 ? 43  VAL A CA  1 
ATOM   343  C C   . VAL A 1 43  ? -5.840  -9.164  -15.165 1.00 33.88 ? 43  VAL A C   1 
ATOM   344  O O   . VAL A 1 43  ? -4.727  -9.717  -15.054 1.00 34.95 ? 43  VAL A O   1 
ATOM   345  C CB  . VAL A 1 43  ? -6.149  -8.402  -12.793 1.00 32.89 ? 43  VAL A CB  1 
ATOM   346  C CG1 . VAL A 1 43  ? -6.086  -6.926  -13.144 1.00 33.65 ? 43  VAL A CG1 1 
ATOM   347  C CG2 . VAL A 1 43  ? -6.967  -8.611  -11.534 1.00 32.00 ? 43  VAL A CG2 1 
ATOM   348  N N   . LYS A 1 46  ? -3.765  -12.002 -15.758 1.00 38.81 ? 46  LYS A N   1 
ATOM   349  C CA  . LYS A 1 46  ? -2.967  -12.787 -14.767 1.00 38.80 ? 46  LYS A CA  1 
ATOM   350  C C   . LYS A 1 46  ? -3.825  -13.267 -13.601 1.00 38.11 ? 46  LYS A C   1 
ATOM   351  O O   . LYS A 1 46  ? -4.737  -12.567 -13.160 1.00 38.40 ? 46  LYS A O   1 
ATOM   352  C CB  . LYS A 1 46  ? -1.812  -11.940 -14.228 1.00 38.98 ? 46  LYS A CB  1 
ATOM   353  C CG  . LYS A 1 46  ? -2.250  -10.665 -13.529 1.00 39.97 ? 46  LYS A CG  1 
ATOM   354  C CD  . LYS A 1 46  ? -1.055  -9.884  -13.013 1.00 40.64 ? 46  LYS A CD  1 
ATOM   355  C CE  . LYS A 1 46  ? -0.131  -9.469  -14.143 1.00 40.57 ? 46  LYS A CE  1 
ATOM   356  N NZ  . LYS A 1 46  ? 1.024   -8.686  -13.634 1.00 41.29 ? 46  LYS A NZ  1 
ATOM   357  N N   . ASN A 1 47  ? -3.522  -14.465 -13.107 1.00 37.82 ? 47  ASN A N   1 
ATOM   358  C CA  . ASN A 1 47  ? -4.261  -15.045 -11.989 1.00 37.21 ? 47  ASN A CA  1 
ATOM   359  C C   . ASN A 1 47  ? -3.776  -14.413 -10.689 1.00 34.40 ? 47  ASN A C   1 
ATOM   360  O O   . ASN A 1 47  ? -2.574  -14.348 -10.428 1.00 34.10 ? 47  ASN A O   1 
ATOM   361  C CB  . ASN A 1 47  ? -4.057  -16.566 -11.947 1.00 40.65 ? 47  ASN A CB  1 
ATOM   362  C CG  . ASN A 1 47  ? -4.974  -17.261 -10.936 1.00 44.18 ? 47  ASN A CG  1 
ATOM   363  O OD1 . ASN A 1 47  ? -4.897  -18.480 -10.749 1.00 46.65 ? 47  ASN A OD1 1 
ATOM   364  N ND2 . ASN A 1 47  ? -5.845  -16.489 -10.285 1.00 44.28 ? 47  ASN A ND2 1 
ATOM   365  N N   . LEU A 1 48  ? -4.714  -13.953 -9.871  1.00 31.26 ? 48  LEU A N   1 
ATOM   366  C CA  . LEU A 1 48  ? -4.361  -13.304 -8.619  1.00 28.30 ? 48  LEU A CA  1 
ATOM   367  C C   . LEU A 1 48  ? -4.994  -13.929 -7.379  1.00 26.45 ? 48  LEU A C   1 
ATOM   368  O O   . LEU A 1 48  ? -6.202  -14.147 -7.323  1.00 26.45 ? 48  LEU A O   1 
ATOM   369  C CB  . LEU A 1 48  ? -4.743  -11.824 -8.688  1.00 26.96 ? 48  LEU A CB  1 
ATOM   370  C CG  . LEU A 1 48  ? -4.451  -10.989 -7.445  1.00 26.14 ? 48  LEU A CG  1 
ATOM   371  C CD1 . LEU A 1 48  ? -2.949  -10.874 -7.256  1.00 24.46 ? 48  LEU A CD1 1 
ATOM   372  C CD2 . LEU A 1 48  ? -5.090  -9.618  -7.592  1.00 26.06 ? 48  LEU A CD2 1 
ATOM   373  N N   . SER A 1 49  ? -4.158  -14.221 -6.388  1.00 24.52 ? 49  SER A N   1 
ATOM   374  C CA  . SER A 1 49  ? -4.620  -14.778 -5.125  1.00 23.04 ? 49  SER A CA  1 
ATOM   375  C C   . SER A 1 49  ? -4.529  -13.654 -4.100  1.00 22.00 ? 49  SER A C   1 
ATOM   376  O O   . SER A 1 49  ? -3.444  -13.312 -3.635  1.00 22.42 ? 49  SER A O   1 
ATOM   377  C CB  . SER A 1 49  ? -3.737  -15.946 -4.682  1.00 22.35 ? 49  SER A CB  1 
ATOM   378  O OG  . SER A 1 49  ? -3.865  -17.044 -5.561  1.00 24.39 ? 49  SER A OG  1 
ATOM   379  N N   . VAL A 1 50  ? -5.673  -13.069 -3.769  1.00 21.37 ? 50  VAL A N   1 
ATOM   380  C CA  . VAL A 1 50  ? -5.731  -11.982 -2.805  1.00 20.38 ? 50  VAL A CA  1 
ATOM   381  C C   . VAL A 1 50  ? -6.000  -12.561 -1.417  1.00 20.66 ? 50  VAL A C   1 
ATOM   382  O O   . VAL A 1 50  ? -7.112  -12.997 -1.135  1.00 20.84 ? 50  VAL A O   1 
ATOM   383  C CB  . VAL A 1 50  ? -6.859  -10.987 -3.173  1.00 19.75 ? 50  VAL A CB  1 
ATOM   384  C CG1 . VAL A 1 50  ? -6.782  -9.760  -2.278  1.00 21.17 ? 50  VAL A CG1 1 
ATOM   385  C CG2 . VAL A 1 50  ? -6.753  -10.591 -4.643  1.00 17.95 ? 50  VAL A CG2 1 
ATOM   386  N N   . PHE A 1 51  ? -4.983  -12.567 -0.556  1.00 21.16 ? 51  PHE A N   1 
ATOM   387  C CA  . PHE A 1 51  ? -5.127  -13.106 0.797   1.00 22.74 ? 51  PHE A CA  1 
ATOM   388  C C   . PHE A 1 51  ? -5.509  -12.054 1.837   1.00 23.47 ? 51  PHE A C   1 
ATOM   389  O O   . PHE A 1 51  ? -5.054  -10.915 1.770   1.00 24.43 ? 51  PHE A O   1 
ATOM   390  C CB  . PHE A 1 51  ? -3.831  -13.796 1.229   1.00 23.71 ? 51  PHE A CB  1 
ATOM   391  C CG  . PHE A 1 51  ? -3.448  -14.964 0.360   1.00 25.66 ? 51  PHE A CG  1 
ATOM   392  C CD1 . PHE A 1 51  ? -2.799  -14.767 -0.850  1.00 26.13 ? 51  PHE A CD1 1 
ATOM   393  C CD2 . PHE A 1 51  ? -3.764  -16.265 0.743   1.00 26.54 ? 51  PHE A CD2 1 
ATOM   394  C CE1 . PHE A 1 51  ? -2.473  -15.852 -1.668  1.00 27.17 ? 51  PHE A CE1 1 
ATOM   395  C CE2 . PHE A 1 51  ? -3.442  -17.352 -0.069  1.00 25.87 ? 51  PHE A CE2 1 
ATOM   396  C CZ  . PHE A 1 51  ? -2.796  -17.143 -1.276  1.00 26.54 ? 51  PHE A CZ  1 
ATOM   397  N N   . PHE A 1 52  ? -6.353  -12.434 2.794   1.00 23.61 ? 52  PHE A N   1 
ATOM   398  C CA  . PHE A 1 52  ? -6.772  -11.516 3.848   1.00 24.15 ? 52  PHE A CA  1 
ATOM   399  C C   . PHE A 1 52  ? -6.390  -12.114 5.198   1.00 25.70 ? 52  PHE A C   1 
ATOM   400  O O   . PHE A 1 52  ? -6.173  -13.317 5.304   1.00 25.40 ? 52  PHE A O   1 
ATOM   401  C CB  . PHE A 1 52  ? -8.282  -11.269 3.796   1.00 23.07 ? 52  PHE A CB  1 
ATOM   402  C CG  . PHE A 1 52  ? -8.775  -10.759 2.470   1.00 21.96 ? 52  PHE A CG  1 
ATOM   403  C CD1 . PHE A 1 52  ? -9.128  -11.641 1.456   1.00 21.68 ? 52  PHE A CD1 1 
ATOM   404  C CD2 . PHE A 1 52  ? -8.884  -9.395  2.234   1.00 22.70 ? 52  PHE A CD2 1 
ATOM   405  C CE1 . PHE A 1 52  ? -9.584  -11.176 0.229   1.00 21.79 ? 52  PHE A CE1 1 
ATOM   406  C CE2 . PHE A 1 52  ? -9.339  -8.919  1.008   1.00 23.54 ? 52  PHE A CE2 1 
ATOM   407  C CZ  . PHE A 1 52  ? -9.689  -9.812  0.004   1.00 22.93 ? 52  PHE A CZ  1 
ATOM   408  N N   . GLU A 1 53  ? -6.305  -11.271 6.223   1.00 28.49 ? 53  GLU A N   1 
ATOM   409  C CA  . GLU A 1 53  ? -5.923  -11.720 7.561   1.00 32.22 ? 53  GLU A CA  1 
ATOM   410  C C   . GLU A 1 53  ? -6.977  -12.570 8.264   1.00 34.62 ? 53  GLU A C   1 
ATOM   411  O O   . GLU A 1 53  ? -6.683  -13.667 8.747   1.00 35.01 ? 53  GLU A O   1 
ATOM   412  C CB  . GLU A 1 53  ? -5.579  -10.511 8.439   1.00 32.62 ? 53  GLU A CB  1 
ATOM   413  C CG  . GLU A 1 53  ? -5.340  -10.855 9.903   1.00 34.16 ? 53  GLU A CG  1 
ATOM   414  C CD  . GLU A 1 53  ? -4.910  -9.656  10.735  1.00 35.16 ? 53  GLU A CD  1 
ATOM   415  O OE1 . GLU A 1 53  ? -5.586  -8.606  10.677  1.00 35.47 ? 53  GLU A OE1 1 
ATOM   416  O OE2 . GLU A 1 53  ? -3.897  -9.769  11.457  1.00 35.87 ? 53  GLU A OE2 1 
ATOM   417  N N   . LYS A 1 54  ? -8.200  -12.055 8.331   1.00 37.12 ? 54  LYS A N   1 
ATOM   418  C CA  . LYS A 1 54  ? -9.298  -12.760 8.980   1.00 39.64 ? 54  LYS A CA  1 
ATOM   419  C C   . LYS A 1 54  ? -10.221 -13.417 7.956   1.00 41.41 ? 54  LYS A C   1 
ATOM   420  O O   . LYS A 1 54  ? -10.303 -12.987 6.806   1.00 40.75 ? 54  LYS A O   1 
ATOM   421  C CB  . LYS A 1 54  ? -10.095 -11.793 9.864   1.00 40.22 ? 54  LYS A CB  1 
ATOM   422  C CG  . LYS A 1 54  ? -9.347  -11.287 11.099  1.00 39.72 ? 54  LYS A CG  1 
ATOM   423  C CD  . LYS A 1 54  ? -9.036  -12.428 12.060  1.00 40.38 ? 54  LYS A CD  1 
ATOM   424  C CE  . LYS A 1 54  ? -8.495  -11.914 13.384  1.00 39.92 ? 54  LYS A CE  1 
ATOM   425  N NZ  . LYS A 1 54  ? -7.266  -11.099 13.202  1.00 39.83 ? 54  LYS A NZ  1 
ATOM   426  N N   . ASP A 1 55  ? -10.922 -14.458 8.392   1.00 44.16 ? 55  ASP A N   1 
ATOM   427  C CA  . ASP A 1 55  ? -11.834 -15.205 7.531   1.00 46.38 ? 55  ASP A CA  1 
ATOM   428  C C   . ASP A 1 55  ? -13.080 -14.434 7.098   1.00 46.47 ? 55  ASP A C   1 
ATOM   429  O O   . ASP A 1 55  ? -13.695 -14.768 6.083   1.00 47.32 ? 55  ASP A O   1 
ATOM   430  C CB  . ASP A 1 55  ? -12.286 -16.480 8.240   1.00 48.29 ? 55  ASP A CB  1 
ATOM   431  C CG  . ASP A 1 55  ? -13.168 -16.188 9.440   1.00 50.73 ? 55  ASP A CG  1 
ATOM   432  O OD1 . ASP A 1 55  ? -12.667 -15.585 10.416  1.00 52.84 ? 55  ASP A OD1 1 
ATOM   433  O OD2 . ASP A 1 55  ? -14.365 -16.551 9.402   1.00 51.85 ? 55  ASP A OD2 1 
ATOM   434  N N   . TRP A 1 56  ? -13.461 -13.412 7.855   1.00 45.87 ? 56  TRP A N   1 
ATOM   435  C CA  . TRP A 1 56  ? -14.663 -12.657 7.522   1.00 45.97 ? 56  TRP A CA  1 
ATOM   436  C C   . TRP A 1 56  ? -14.495 -11.540 6.490   1.00 45.51 ? 56  TRP A C   1 
ATOM   437  O O   . TRP A 1 56  ? -15.490 -11.030 5.973   1.00 45.56 ? 56  TRP A O   1 
ATOM   438  C CB  . TRP A 1 56  ? -15.283 -12.067 8.792   1.00 47.26 ? 56  TRP A CB  1 
ATOM   439  C CG  . TRP A 1 56  ? -14.440 -11.007 9.427   1.00 48.50 ? 56  TRP A CG  1 
ATOM   440  C CD1 . TRP A 1 56  ? -13.479 -11.183 10.384  1.00 48.90 ? 56  TRP A CD1 1 
ATOM   441  C CD2 . TRP A 1 56  ? -14.445 -9.610  9.114   1.00 48.67 ? 56  TRP A CD2 1 
ATOM   442  N NE1 . TRP A 1 56  ? -12.885 -9.978  10.686  1.00 48.83 ? 56  TRP A NE1 1 
ATOM   443  C CE2 . TRP A 1 56  ? -13.459 -8.996  9.920   1.00 48.93 ? 56  TRP A CE2 1 
ATOM   444  C CE3 . TRP A 1 56  ? -15.186 -8.816  8.229   1.00 48.66 ? 56  TRP A CE3 1 
ATOM   445  C CZ2 . TRP A 1 56  ? -13.193 -7.624  9.867   1.00 49.42 ? 56  TRP A CZ2 1 
ATOM   446  C CZ3 . TRP A 1 56  ? -14.923 -7.451  8.174   1.00 49.70 ? 56  TRP A CZ3 1 
ATOM   447  C CH2 . TRP A 1 56  ? -13.933 -6.871  8.990   1.00 49.83 ? 56  TRP A CH2 1 
ATOM   448  N N   . ILE A 1 57  ? -13.256 -11.162 6.182   1.00 45.14 ? 57  ILE A N   1 
ATOM   449  C CA  . ILE A 1 57  ? -13.018 -10.080 5.223   1.00 43.71 ? 57  ILE A CA  1 
ATOM   450  C C   . ILE A 1 57  ? -13.398 -10.426 3.780   1.00 44.09 ? 57  ILE A C   1 
ATOM   451  O O   . ILE A 1 57  ? -13.850 -9.558  3.031   1.00 44.44 ? 57  ILE A O   1 
ATOM   452  C CB  . ILE A 1 57  ? -11.543 -9.612  5.247   1.00 41.73 ? 57  ILE A CB  1 
ATOM   453  C CG1 . ILE A 1 57  ? -11.126 -9.264  6.675   1.00 39.92 ? 57  ILE A CG1 1 
ATOM   454  C CG2 . ILE A 1 57  ? -11.376 -8.380  4.367   1.00 42.00 ? 57  ILE A CG2 1 
ATOM   455  C CD1 . ILE A 1 57  ? -9.705  -8.786  6.796   1.00 38.52 ? 57  ILE A CD1 1 
ATOM   456  N N   . SER A 1 58  ? -13.225 -11.688 3.395   1.00 44.35 ? 58  SER A N   1 
ATOM   457  C CA  . SER A 1 58  ? -13.549 -12.127 2.038   1.00 44.58 ? 58  SER A CA  1 
ATOM   458  C C   . SER A 1 58  ? -15.051 -12.242 1.779   1.00 44.85 ? 58  SER A C   1 
ATOM   459  O O   . SER A 1 58  ? -15.522 -11.940 0.678   1.00 44.51 ? 58  SER A O   1 
ATOM   460  C CB  . SER A 1 58  ? -12.882 -13.473 1.748   1.00 44.22 ? 58  SER A CB  1 
ATOM   461  O OG  . SER A 1 58  ? -13.351 -14.475 2.630   1.00 44.00 ? 58  SER A OG  1 
ATOM   462  N N   . GLN A 1 59  ? -15.798 -12.686 2.790   1.00 45.17 ? 59  GLN A N   1 
ATOM   463  C CA  . GLN A 1 59  ? -17.247 -12.843 2.670   1.00 44.35 ? 59  GLN A CA  1 
ATOM   464  C C   . GLN A 1 59  ? -17.901 -11.527 2.261   1.00 43.44 ? 59  GLN A C   1 
ATOM   465  O O   . GLN A 1 59  ? -18.998 -11.510 1.703   1.00 43.69 ? 59  GLN A O   1 
ATOM   466  C CB  . GLN A 1 59  ? -17.849 -13.308 4.002   1.00 44.39 ? 59  GLN A CB  1 
ATOM   467  C CG  . GLN A 1 59  ? -17.319 -14.631 4.517   0.00 44.12 ? 59  GLN A CG  1 
ATOM   468  C CD  . GLN A 1 59  ? -17.942 -15.016 5.846   0.00 44.05 ? 59  GLN A CD  1 
ATOM   469  O OE1 . GLN A 1 59  ? -19.159 -15.166 5.953   0.00 43.95 ? 59  GLN A OE1 1 
ATOM   470  N NE2 . GLN A 1 59  ? -17.107 -15.176 6.866   0.00 43.95 ? 59  GLN A NE2 1 
ATOM   471  N N   . GLU A 1 60  ? -17.215 -10.424 2.538   1.00 42.38 ? 60  GLU A N   1 
ATOM   472  C CA  . GLU A 1 60  ? -17.732 -9.101  2.219   1.00 41.69 ? 60  GLU A CA  1 
ATOM   473  C C   . GLU A 1 60  ? -17.686 -8.778  0.732   1.00 40.26 ? 60  GLU A C   1 
ATOM   474  O O   . GLU A 1 60  ? -18.588 -8.120  0.203   1.00 40.32 ? 60  GLU A O   1 
ATOM   475  C CB  . GLU A 1 60  ? -16.941 -8.037  2.980   1.00 43.12 ? 60  GLU A CB  1 
ATOM   476  C CG  . GLU A 1 60  ? -17.533 -6.637  2.891   1.00 45.72 ? 60  GLU A CG  1 
ATOM   477  C CD  . GLU A 1 60  ? -16.579 -5.574  3.404   1.00 47.93 ? 60  GLU A CD  1 
ATOM   478  O OE1 . GLU A 1 60  ? -15.964 -5.792  4.474   1.00 48.57 ? 60  GLU A OE1 1 
ATOM   479  O OE2 . GLU A 1 60  ? -16.450 -4.520  2.738   1.00 48.87 ? 60  GLU A OE2 1 
ATOM   480  N N   . PHE A 1 61  ? -16.638 -9.242  0.060   1.00 38.00 ? 61  PHE A N   1 
ATOM   481  C CA  . PHE A 1 61  ? -16.471 -8.957  -1.360  1.00 36.40 ? 61  PHE A CA  1 
ATOM   482  C C   . PHE A 1 61  ? -16.911 -10.082 -2.295  1.00 36.41 ? 61  PHE A C   1 
ATOM   483  O O   . PHE A 1 61  ? -17.034 -9.868  -3.502  1.00 36.64 ? 61  PHE A O   1 
ATOM   484  C CB  . PHE A 1 61  ? -15.006 -8.590  -1.653  1.00 34.19 ? 61  PHE A CB  1 
ATOM   485  C CG  . PHE A 1 61  ? -14.417 -7.598  -0.679  1.00 31.23 ? 61  PHE A CG  1 
ATOM   486  C CD1 . PHE A 1 61  ? -13.598 -8.028  0.363   1.00 29.74 ? 61  PHE A CD1 1 
ATOM   487  C CD2 . PHE A 1 61  ? -14.712 -6.244  -0.782  1.00 29.00 ? 61  PHE A CD2 1 
ATOM   488  C CE1 . PHE A 1 61  ? -13.083 -7.125  1.286   1.00 27.76 ? 61  PHE A CE1 1 
ATOM   489  C CE2 . PHE A 1 61  ? -14.203 -5.337  0.136   1.00 27.83 ? 61  PHE A CE2 1 
ATOM   490  C CZ  . PHE A 1 61  ? -13.386 -5.780  1.173   1.00 27.58 ? 61  PHE A CZ  1 
ATOM   491  N N   . LYS A 1 62  ? -17.160 -11.270 -1.751  1.00 36.67 ? 62  LYS A N   1 
ATOM   492  C CA  . LYS A 1 62  ? -17.563 -12.400 -2.582  1.00 37.18 ? 62  LYS A CA  1 
ATOM   493  C C   . LYS A 1 62  ? -18.658 -12.101 -3.602  1.00 37.49 ? 62  LYS A C   1 
ATOM   494  O O   . LYS A 1 62  ? -19.791 -11.785 -3.251  1.00 37.61 ? 62  LYS A O   1 
ATOM   495  C CB  . LYS A 1 62  ? -17.984 -13.591 -1.713  1.00 37.01 ? 62  LYS A CB  1 
ATOM   496  C CG  . LYS A 1 62  ? -16.813 -14.436 -1.231  1.00 37.47 ? 62  LYS A CG  1 
ATOM   497  C CD  . LYS A 1 62  ? -17.277 -15.659 -0.460  0.00 37.22 ? 62  LYS A CD  1 
ATOM   498  C CE  . LYS A 1 62  ? -16.095 -16.515 -0.037  0.00 37.27 ? 62  LYS A CE  1 
ATOM   499  N NZ  . LYS A 1 62  ? -16.519 -17.742 0.692   0.00 37.13 ? 62  LYS A NZ  1 
ATOM   500  N N   . ASP A 1 63  ? -18.287 -12.199 -4.875  1.00 38.56 ? 63  ASP A N   1 
ATOM   501  C CA  . ASP A 1 63  ? -19.197 -11.984 -5.997  1.00 39.98 ? 63  ASP A CA  1 
ATOM   502  C C   . ASP A 1 63  ? -19.653 -10.548 -6.231  1.00 39.22 ? 63  ASP A C   1 
ATOM   503  O O   . ASP A 1 63  ? -20.541 -10.288 -7.046  1.00 38.67 ? 63  ASP A O   1 
ATOM   504  C CB  . ASP A 1 63  ? -20.408 -12.907 -5.860  1.00 42.69 ? 63  ASP A CB  1 
ATOM   505  C CG  . ASP A 1 63  ? -20.008 -14.369 -5.764  1.00 44.58 ? 63  ASP A CG  1 
ATOM   506  O OD1 . ASP A 1 63  ? -19.217 -14.825 -6.621  1.00 44.79 ? 63  ASP A OD1 1 
ATOM   507  O OD2 . ASP A 1 63  ? -20.480 -15.057 -4.831  1.00 46.81 ? 63  ASP A OD2 1 
ATOM   508  N N   . LYS A 1 64  ? -19.033 -9.613  -5.525  1.00 38.62 ? 64  LYS A N   1 
ATOM   509  C CA  . LYS A 1 64  ? -19.372 -8.210  -5.690  1.00 37.84 ? 64  LYS A CA  1 
ATOM   510  C C   . LYS A 1 64  ? -18.275 -7.552  -6.512  1.00 36.99 ? 64  LYS A C   1 
ATOM   511  O O   . LYS A 1 64  ? -17.143 -8.033  -6.544  1.00 36.64 ? 64  LYS A O   1 
ATOM   512  C CB  . LYS A 1 64  ? -19.492 -7.529  -4.325  1.00 38.34 ? 64  LYS A CB  1 
ATOM   513  C CG  . LYS A 1 64  ? -20.584 -8.114  -3.450  1.00 39.98 ? 64  LYS A CG  1 
ATOM   514  C CD  . LYS A 1 64  ? -20.788 -7.305  -2.186  1.00 41.44 ? 64  LYS A CD  1 
ATOM   515  C CE  . LYS A 1 64  ? -21.969 -7.831  -1.389  1.00 42.27 ? 64  LYS A CE  1 
ATOM   516  N NZ  . LYS A 1 64  ? -22.287 -6.943  -0.238  1.00 44.90 ? 64  LYS A NZ  1 
ATOM   517  N N   . GLU A 1 65  ? -18.617 -6.463  -7.192  1.00 36.34 ? 65  GLU A N   1 
ATOM   518  C CA  . GLU A 1 65  ? -17.640 -5.745  -7.995  1.00 35.21 ? 65  GLU A CA  1 
ATOM   519  C C   . GLU A 1 65  ? -16.819 -4.881  -7.053  1.00 33.31 ? 65  GLU A C   1 
ATOM   520  O O   . GLU A 1 65  ? -17.362 -4.048  -6.326  1.00 32.39 ? 65  GLU A O   1 
ATOM   521  C CB  . GLU A 1 65  ? -18.341 -4.874  -9.031  1.00 37.46 ? 65  GLU A CB  1 
ATOM   522  C CG  . GLU A 1 65  ? -19.300 -5.651  -9.904  1.00 42.43 ? 65  GLU A CG  1 
ATOM   523  C CD  . GLU A 1 65  ? -19.660 -4.904  -11.166 1.00 45.56 ? 65  GLU A CD  1 
ATOM   524  O OE1 . GLU A 1 65  ? -20.125 -3.748  -11.055 1.00 46.59 ? 65  GLU A OE1 1 
ATOM   525  O OE2 . GLU A 1 65  ? -19.475 -5.479  -12.265 1.00 47.62 ? 65  GLU A OE2 1 
ATOM   526  N N   . VAL A 1 66  ? -15.506 -5.095  -7.068  1.00 31.26 ? 66  VAL A N   1 
ATOM   527  C CA  . VAL A 1 66  ? -14.594 -4.361  -6.202  1.00 28.28 ? 66  VAL A CA  1 
ATOM   528  C C   . VAL A 1 66  ? -13.499 -3.649  -6.989  1.00 27.28 ? 66  VAL A C   1 
ATOM   529  O O   . VAL A 1 66  ? -13.298 -3.905  -8.178  1.00 27.05 ? 66  VAL A O   1 
ATOM   530  C CB  . VAL A 1 66  ? -13.914 -5.308  -5.177  1.00 27.10 ? 66  VAL A CB  1 
ATOM   531  C CG1 . VAL A 1 66  ? -14.963 -6.026  -4.344  1.00 25.16 ? 66  VAL A CG1 1 
ATOM   532  C CG2 . VAL A 1 66  ? -13.035 -6.311  -5.901  1.00 26.30 ? 66  VAL A CG2 1 
ATOM   533  N N   . ASP A 1 67  ? -12.808 -2.741  -6.309  1.00 25.68 ? 67  ASP A N   1 
ATOM   534  C CA  . ASP A 1 67  ? -11.702 -1.992  -6.890  1.00 23.71 ? 67  ASP A CA  1 
ATOM   535  C C   . ASP A 1 67  ? -10.440 -2.575  -6.270  1.00 22.01 ? 67  ASP A C   1 
ATOM   536  O O   . ASP A 1 67  ? -10.370 -2.760  -5.057  1.00 21.47 ? 67  ASP A O   1 
ATOM   537  C CB  . ASP A 1 67  ? -11.803 -0.503  -6.539  1.00 24.97 ? 67  ASP A CB  1 
ATOM   538  C CG  . ASP A 1 67  ? -12.949 0.191   -7.245  1.00 25.86 ? 67  ASP A CG  1 
ATOM   539  O OD1 . ASP A 1 67  ? -13.185 1.388   -6.969  1.00 26.98 ? 67  ASP A OD1 1 
ATOM   540  O OD2 . ASP A 1 67  ? -13.611 -0.459  -8.082  1.00 26.92 ? 67  ASP A OD2 1 
ATOM   541  N N   . ILE A 1 68  ? -9.451  -2.871  -7.100  1.00 21.50 ? 68  ILE A N   1 
ATOM   542  C CA  . ILE A 1 68  ? -8.204  -3.437  -6.606  1.00 20.98 ? 68  ILE A CA  1 
ATOM   543  C C   . ILE A 1 68  ? -7.052  -2.439  -6.757  1.00 20.24 ? 68  ILE A C   1 
ATOM   544  O O   . ILE A 1 68  ? -6.939  -1.742  -7.767  1.00 21.13 ? 68  ILE A O   1 
ATOM   545  C CB  . ILE A 1 68  ? -7.832  -4.745  -7.367  1.00 20.87 ? 68  ILE A CB  1 
ATOM   546  C CG1 . ILE A 1 68  ? -9.011  -5.719  -7.356  1.00 20.47 ? 68  ILE A CG1 1 
ATOM   547  C CG2 . ILE A 1 68  ? -6.632  -5.414  -6.707  1.00 20.58 ? 68  ILE A CG2 1 
ATOM   548  C CD1 . ILE A 1 68  ? -8.743  -7.006  -8.090  1.00 19.99 ? 68  ILE A CD1 1 
ATOM   549  N N   . TYR A 1 69  ? -6.218  -2.354  -5.730  1.00 18.41 ? 69  TYR A N   1 
ATOM   550  C CA  . TYR A 1 69  ? -5.049  -1.490  -5.760  1.00 17.07 ? 69  TYR A CA  1 
ATOM   551  C C   . TYR A 1 69  ? -4.082  -2.070  -4.745  1.00 16.74 ? 69  TYR A C   1 
ATOM   552  O O   . TYR A 1 69  ? -4.057  -1.660  -3.588  1.00 16.48 ? 69  TYR A O   1 
ATOM   553  C CB  . TYR A 1 69  ? -5.390  -0.054  -5.380  1.00 16.48 ? 69  TYR A CB  1 
ATOM   554  C CG  . TYR A 1 69  ? -4.264  0.908   -5.696  1.00 16.52 ? 69  TYR A CG  1 
ATOM   555  C CD1 . TYR A 1 69  ? -4.304  1.706   -6.836  1.00 16.46 ? 69  TYR A CD1 1 
ATOM   556  C CD2 . TYR A 1 69  ? -3.139  0.995   -4.874  1.00 16.08 ? 69  TYR A CD2 1 
ATOM   557  C CE1 . TYR A 1 69  ? -3.257  2.565   -7.150  1.00 16.31 ? 69  TYR A CE1 1 
ATOM   558  C CE2 . TYR A 1 69  ? -2.089  1.853   -5.182  1.00 16.00 ? 69  TYR A CE2 1 
ATOM   559  C CZ  . TYR A 1 69  ? -2.158  2.633   -6.320  1.00 16.06 ? 69  TYR A CZ  1 
ATOM   560  O OH  . TYR A 1 69  ? -1.126  3.484   -6.633  1.00 18.34 ? 69  TYR A OH  1 
ATOM   561  N N   . ALA A 1 70  ? -3.294  -3.040  -5.191  1.00 16.35 ? 70  ALA A N   1 
ATOM   562  C CA  . ALA A 1 70  ? -2.347  -3.700  -4.318  1.00 16.94 ? 70  ALA A CA  1 
ATOM   563  C C   . ALA A 1 70  ? -1.069  -4.062  -5.056  1.00 17.62 ? 70  ALA A C   1 
ATOM   564  O O   . ALA A 1 70  ? -1.057  -4.139  -6.283  1.00 18.34 ? 70  ALA A O   1 
ATOM   565  C CB  . ALA A 1 70  ? -2.987  -4.959  -3.739  1.00 16.10 ? 70  ALA A CB  1 
ATOM   566  N N   . LEU A 1 71  ? 0.011   -4.264  -4.300  1.00 18.22 ? 71  LEU A N   1 
ATOM   567  C CA  . LEU A 1 71  ? 1.293   -4.659  -4.876  1.00 17.71 ? 71  LEU A CA  1 
ATOM   568  C C   . LEU A 1 71  ? 1.252   -6.179  -4.936  1.00 17.96 ? 71  LEU A C   1 
ATOM   569  O O   . LEU A 1 71  ? 0.573   -6.809  -4.126  1.00 17.27 ? 71  LEU A O   1 
ATOM   570  C CB  . LEU A 1 71  ? 2.463   -4.209  -3.990  1.00 16.58 ? 71  LEU A CB  1 
ATOM   571  C CG  . LEU A 1 71  ? 2.828   -2.724  -3.931  1.00 14.83 ? 71  LEU A CG  1 
ATOM   572  C CD1 . LEU A 1 71  ? 3.990   -2.545  -2.972  1.00 14.68 ? 71  LEU A CD1 1 
ATOM   573  C CD2 . LEU A 1 71  ? 3.189   -2.209  -5.317  1.00 12.85 ? 71  LEU A CD2 1 
ATOM   574  N N   . SER A 1 72  ? 1.971   -6.767  -5.886  1.00 19.13 ? 72  SER A N   1 
ATOM   575  C CA  . SER A 1 72  ? 1.970   -8.214  -6.018  1.00 19.81 ? 72  SER A CA  1 
ATOM   576  C C   . SER A 1 72  ? 3.348   -8.831  -6.207  1.00 21.23 ? 72  SER A C   1 
ATOM   577  O O   . SER A 1 72  ? 4.320   -8.152  -6.547  1.00 21.20 ? 72  SER A O   1 
ATOM   578  C CB  . SER A 1 72  ? 1.082   -8.624  -7.188  1.00 19.29 ? 72  SER A CB  1 
ATOM   579  O OG  . SER A 1 72  ? 1.612   -8.139  -8.406  1.00 19.83 ? 72  SER A OG  1 
ATOM   580  N N   . ALA A 1 73  ? 3.407   -10.140 -5.979  1.00 23.23 ? 73  ALA A N   1 
ATOM   581  C CA  . ALA A 1 73  ? 4.632   -10.916 -6.131  1.00 24.30 ? 73  ALA A CA  1 
ATOM   582  C C   . ALA A 1 73  ? 4.282   -12.224 -6.851  1.00 25.21 ? 73  ALA A C   1 
ATOM   583  O O   . ALA A 1 73  ? 3.248   -12.837 -6.578  1.00 25.29 ? 73  ALA A O   1 
ATOM   584  C CB  . ALA A 1 73  ? 5.237   -11.208 -4.763  1.00 22.80 ? 73  ALA A CB  1 
ATOM   585  N N   . GLN A 1 74  ? 5.133   -12.631 -7.787  1.00 26.41 ? 74  GLN A N   1 
ATOM   586  C CA  . GLN A 1 74  ? 4.919   -13.865 -8.528  1.00 26.72 ? 74  GLN A CA  1 
ATOM   587  C C   . GLN A 1 74  ? 5.109   -15.034 -7.555  1.00 27.47 ? 74  GLN A C   1 
ATOM   588  O O   . GLN A 1 74  ? 6.155   -15.147 -6.915  1.00 27.26 ? 74  GLN A O   1 
ATOM   589  C CB  . GLN A 1 74  ? 5.928   -13.952 -9.681  1.00 26.49 ? 74  GLN A CB  1 
ATOM   590  C CG  . GLN A 1 74  ? 5.847   -15.233 -10.492 0.00 27.01 ? 74  GLN A CG  1 
ATOM   591  C CD  . GLN A 1 74  ? 6.923   -15.312 -11.557 0.00 27.14 ? 74  GLN A CD  1 
ATOM   592  O OE1 . GLN A 1 74  ? 8.116   -15.282 -11.254 0.00 27.30 ? 74  GLN A OE1 1 
ATOM   593  N NE2 . GLN A 1 74  ? 6.505   -15.415 -12.814 0.00 27.30 ? 74  GLN A NE2 1 
ATOM   594  N N   . GLU A 1 75  ? 4.098   -15.894 -7.434  1.00 28.68 ? 75  GLU A N   1 
ATOM   595  C CA  . GLU A 1 75  ? 4.182   -17.039 -6.527  1.00 29.99 ? 75  GLU A CA  1 
ATOM   596  C C   . GLU A 1 75  ? 5.139   -18.105 -7.047  1.00 29.63 ? 75  GLU A C   1 
ATOM   597  O O   . GLU A 1 75  ? 5.675   -17.900 -8.153  1.00 29.02 ? 75  GLU A O   1 
ATOM   598  C CB  . GLU A 1 75  ? 2.795   -17.668 -6.298  1.00 31.78 ? 75  GLU A CB  1 
ATOM   599  C CG  . GLU A 1 75  ? 1.796   -16.788 -5.540  1.00 35.35 ? 75  GLU A CG  1 
ATOM   600  C CD  . GLU A 1 75  ? 0.566   -17.558 -5.058  1.00 37.28 ? 75  GLU A CD  1 
ATOM   601  O OE1 . GLU A 1 75  ? 0.689   -18.345 -4.092  1.00 38.40 ? 75  GLU A OE1 1 
ATOM   602  O OE2 . GLU A 1 75  ? -0.524  -17.381 -5.648  1.00 37.99 ? 75  GLU A OE2 1 
ATOM   603  N N   . ARG A 1 83  ? -0.087  -17.680 -10.209 1.00 34.86 ? 83  ARG A N   1 
ATOM   604  C CA  . ARG A 1 83  ? 0.902   -16.749 -10.826 1.00 34.61 ? 83  ARG A CA  1 
ATOM   605  C C   . ARG A 1 83  ? 1.270   -15.599 -9.889  1.00 33.77 ? 83  ARG A C   1 
ATOM   606  O O   . ARG A 1 83  ? 2.445   -15.397 -9.593  1.00 33.83 ? 83  ARG A O   1 
ATOM   607  C CB  . ARG A 1 83  ? 0.354   -16.188 -12.149 1.00 35.29 ? 83  ARG A CB  1 
ATOM   608  C CG  . ARG A 1 83  ? 0.197   -17.227 -13.252 1.00 35.10 ? 83  ARG A CG  1 
ATOM   609  C CD  . ARG A 1 83  ? -0.278  -16.602 -14.554 0.00 35.08 ? 83  ARG A CD  1 
ATOM   610  N NE  . ARG A 1 83  ? -0.405  -17.596 -15.616 0.00 35.08 ? 83  ARG A NE  1 
ATOM   611  C CZ  . ARG A 1 83  ? -0.783  -17.317 -16.859 0.00 35.04 ? 83  ARG A CZ  1 
ATOM   612  N NH1 . ARG A 1 83  ? -1.071  -16.070 -17.204 0.00 35.02 ? 83  ARG A NH1 1 
ATOM   613  N NH2 . ARG A 1 83  ? -0.870  -18.288 -17.760 0.00 35.02 ? 83  ARG A NH2 1 
ATOM   614  N N   . TYR A 1 84  ? 0.272   -14.845 -9.430  1.00 33.38 ? 84  TYR A N   1 
ATOM   615  C CA  . TYR A 1 84  ? 0.522   -13.719 -8.530  1.00 32.42 ? 84  TYR A CA  1 
ATOM   616  C C   . TYR A 1 84  ? -0.359  -13.732 -7.292  1.00 30.79 ? 84  TYR A C   1 
ATOM   617  O O   . TYR A 1 84  ? -1.482  -14.234 -7.320  1.00 31.40 ? 84  TYR A O   1 
ATOM   618  C CB  . TYR A 1 84  ? 0.350   -12.389 -9.268  1.00 33.08 ? 84  TYR A CB  1 
ATOM   619  C CG  . TYR A 1 84  ? 1.384   -12.183 -10.346 1.00 34.98 ? 84  TYR A CG  1 
ATOM   620  C CD1 . TYR A 1 84  ? 1.186   -12.681 -11.633 1.00 36.31 ? 84  TYR A CD1 1 
ATOM   621  C CD2 . TYR A 1 84  ? 2.589   -11.540 -10.065 1.00 36.06 ? 84  TYR A CD2 1 
ATOM   622  C CE1 . TYR A 1 84  ? 2.165   -12.548 -12.617 1.00 38.41 ? 84  TYR A CE1 1 
ATOM   623  C CE2 . TYR A 1 84  ? 3.576   -11.402 -11.037 1.00 38.68 ? 84  TYR A CE2 1 
ATOM   624  C CZ  . TYR A 1 84  ? 3.359   -11.909 -12.313 1.00 39.36 ? 84  TYR A CZ  1 
ATOM   625  O OH  . TYR A 1 84  ? 4.333   -11.783 -13.282 1.00 40.97 ? 84  TYR A OH  1 
ATOM   626  N N   . GLU A 1 85  ? 0.167   -13.176 -6.204  1.00 28.75 ? 85  GLU A N   1 
ATOM   627  C CA  . GLU A 1 85  ? -0.554  -13.116 -4.942  1.00 26.77 ? 85  GLU A CA  1 
ATOM   628  C C   . GLU A 1 85  ? -0.468  -11.720 -4.340  1.00 24.64 ? 85  GLU A C   1 
ATOM   629  O O   . GLU A 1 85  ? 0.599   -11.119 -4.285  1.00 23.95 ? 85  GLU A O   1 
ATOM   630  C CB  . GLU A 1 85  ? 0.027   -14.141 -3.965  1.00 28.04 ? 85  GLU A CB  1 
ATOM   631  C CG  . GLU A 1 85  ? 1.402   -13.785 -3.424  1.00 30.61 ? 85  GLU A CG  1 
ATOM   632  C CD  . GLU A 1 85  ? 2.082   -14.952 -2.737  1.00 32.15 ? 85  GLU A CD  1 
ATOM   633  O OE1 . GLU A 1 85  ? 1.410   -15.673 -1.973  1.00 33.03 ? 85  GLU A OE1 1 
ATOM   634  O OE2 . GLU A 1 85  ? 3.296   -15.141 -2.960  1.00 34.05 ? 85  GLU A OE2 1 
ATOM   635  N N   . ALA A 1 86  ? -1.604  -11.203 -3.900  1.00 24.00 ? 86  ALA A N   1 
ATOM   636  C CA  . ALA A 1 86  ? -1.657  -9.878  -3.298  1.00 23.17 ? 86  ALA A CA  1 
ATOM   637  C C   . ALA A 1 86  ? -2.267  -9.986  -1.908  1.00 22.98 ? 86  ALA A C   1 
ATOM   638  O O   . ALA A 1 86  ? -2.921  -10.981 -1.582  1.00 23.05 ? 86  ALA A O   1 
ATOM   639  C CB  . ALA A 1 86  ? -2.492  -8.937  -4.165  1.00 22.19 ? 86  ALA A CB  1 
ATOM   640  N N   . PHE A 1 87  ? -2.046  -8.964  -1.086  1.00 21.86 ? 87  PHE A N   1 
ATOM   641  C CA  . PHE A 1 87  ? -2.585  -8.952  0.265   1.00 20.73 ? 87  PHE A CA  1 
ATOM   642  C C   . PHE A 1 87  ? -3.496  -7.752  0.437   1.00 20.73 ? 87  PHE A C   1 
ATOM   643  O O   . PHE A 1 87  ? -3.035  -6.614  0.443   1.00 22.52 ? 87  PHE A O   1 
ATOM   644  C CB  . PHE A 1 87  ? -1.449  -8.918  1.286   1.00 18.85 ? 87  PHE A CB  1 
ATOM   645  C CG  . PHE A 1 87  ? -0.567  -10.124 1.235   1.00 18.35 ? 87  PHE A CG  1 
ATOM   646  C CD1 . PHE A 1 87  ? 0.349   -10.287 0.206   1.00 18.01 ? 87  PHE A CD1 1 
ATOM   647  C CD2 . PHE A 1 87  ? -0.695  -11.132 2.182   1.00 19.84 ? 87  PHE A CD2 1 
ATOM   648  C CE1 . PHE A 1 87  ? 1.123   -11.438 0.119   1.00 19.54 ? 87  PHE A CE1 1 
ATOM   649  C CE2 . PHE A 1 87  ? 0.074   -12.286 2.103   1.00 20.11 ? 87  PHE A CE2 1 
ATOM   650  C CZ  . PHE A 1 87  ? 0.983   -12.440 1.069   1.00 19.46 ? 87  PHE A CZ  1 
ATOM   651  N N   . GLY A 1 88  ? -4.794  -8.013  0.565   1.00 19.84 ? 88  GLY A N   1 
ATOM   652  C CA  . GLY A 1 88  ? -5.749  -6.935  0.723   1.00 19.01 ? 88  GLY A CA  1 
ATOM   653  C C   . GLY A 1 88  ? -5.787  -6.064  -0.519  1.00 18.77 ? 88  GLY A C   1 
ATOM   654  O O   . GLY A 1 88  ? -5.689  -6.577  -1.637  1.00 18.75 ? 88  GLY A O   1 
ATOM   655  N N   . GLY A 1 89  ? -5.919  -4.751  -0.315  1.00 18.07 ? 89  GLY A N   1 
ATOM   656  C CA  . GLY A 1 89  ? -5.977  -3.809  -1.420  1.00 16.86 ? 89  GLY A CA  1 
ATOM   657  C C   . GLY A 1 89  ? -7.329  -3.757  -2.117  1.00 16.93 ? 89  GLY A C   1 
ATOM   658  O O   . GLY A 1 89  ? -7.439  -3.192  -3.205  1.00 16.97 ? 89  GLY A O   1 
ATOM   659  N N   . ILE A 1 90  ? -8.359  -4.326  -1.489  1.00 17.82 ? 90  ILE A N   1 
ATOM   660  C CA  . ILE A 1 90  ? -9.707  -4.367  -2.069  1.00 17.43 ? 90  ILE A CA  1 
ATOM   661  C C   . ILE A 1 90  ? -10.768 -3.532  -1.336  1.00 17.63 ? 90  ILE A C   1 
ATOM   662  O O   . ILE A 1 90  ? -10.874 -3.565  -0.106  1.00 16.96 ? 90  ILE A O   1 
ATOM   663  C CB  . ILE A 1 90  ? -10.221 -5.832  -2.165  1.00 16.81 ? 90  ILE A CB  1 
ATOM   664  C CG1 . ILE A 1 90  ? -9.279  -6.656  -3.037  1.00 15.98 ? 90  ILE A CG1 1 
ATOM   665  C CG2 . ILE A 1 90  ? -11.620 -5.867  -2.757  1.00 15.81 ? 90  ILE A CG2 1 
ATOM   666  C CD1 . ILE A 1 90  ? -9.714  -8.083  -3.202  1.00 18.87 ? 90  ILE A CD1 1 
ATOM   667  N N   . THR A 1 91  ? -11.545 -2.789  -2.122  1.00 18.23 ? 91  THR A N   1 
ATOM   668  C CA  . THR A 1 91  ? -12.630 -1.941  -1.627  1.00 18.73 ? 91  THR A CA  1 
ATOM   669  C C   . THR A 1 91  ? -13.779 -2.075  -2.609  1.00 19.06 ? 91  THR A C   1 
ATOM   670  O O   . THR A 1 91  ? -13.549 -2.154  -3.808  1.00 19.79 ? 91  THR A O   1 
ATOM   671  C CB  . THR A 1 91  ? -12.242 -0.445  -1.603  1.00 19.15 ? 91  THR A CB  1 
ATOM   672  O OG1 . THR A 1 91  ? -11.672 -0.087  -2.869  1.00 19.50 ? 91  THR A OG1 1 
ATOM   673  C CG2 . THR A 1 91  ? -11.256 -0.142  -0.484  1.00 18.71 ? 91  THR A CG2 1 
ATOM   674  N N   . LEU A 1 92  ? -15.011 -2.096  -2.114  1.00 20.63 ? 92  LEU A N   1 
ATOM   675  C CA  . LEU A 1 92  ? -16.161 -2.203  -3.008  1.00 23.17 ? 92  LEU A CA  1 
ATOM   676  C C   . LEU A 1 92  ? -16.166 -1.036  -3.994  1.00 25.54 ? 92  LEU A C   1 
ATOM   677  O O   . LEU A 1 92  ? -15.850 0.096   -3.628  1.00 26.52 ? 92  LEU A O   1 
ATOM   678  C CB  . LEU A 1 92  ? -17.464 -2.214  -2.205  1.00 21.69 ? 92  LEU A CB  1 
ATOM   679  C CG  . LEU A 1 92  ? -17.726 -3.482  -1.391  1.00 20.55 ? 92  LEU A CG  1 
ATOM   680  C CD1 . LEU A 1 92  ? -18.979 -3.304  -0.570  1.00 21.86 ? 92  LEU A CD1 1 
ATOM   681  C CD2 . LEU A 1 92  ? -17.869 -4.668  -2.320  1.00 20.13 ? 92  LEU A CD2 1 
ATOM   682  N N   . THR A 1 93  ? -16.520 -1.311  -5.244  1.00 28.74 ? 93  THR A N   1 
ATOM   683  C CA  . THR A 1 93  ? -16.543 -0.274  -6.271  1.00 32.53 ? 93  THR A CA  1 
ATOM   684  C C   . THR A 1 93  ? -17.447 0.886   -5.884  1.00 35.09 ? 93  THR A C   1 
ATOM   685  O O   . THR A 1 93  ? -18.406 0.715   -5.135  1.00 35.51 ? 93  THR A O   1 
ATOM   686  C CB  . THR A 1 93  ? -17.018 -0.830  -7.620  1.00 32.09 ? 93  THR A CB  1 
ATOM   687  O OG1 . THR A 1 93  ? -16.194 -1.940  -7.989  1.00 34.55 ? 93  THR A OG1 1 
ATOM   688  C CG2 . THR A 1 93  ? -16.914 0.233   -8.701  1.00 32.55 ? 93  THR A CG2 1 
ATOM   689  N N   . ASN A 1 94  ? -17.130 2.068   -6.398  1.00 38.96 ? 94  ASN A N   1 
ATOM   690  C CA  . ASN A 1 94  ? -17.913 3.262   -6.113  1.00 42.42 ? 94  ASN A CA  1 
ATOM   691  C C   . ASN A 1 94  ? -17.930 4.184   -7.332  1.00 43.53 ? 94  ASN A C   1 
ATOM   692  O O   . ASN A 1 94  ? -16.901 4.390   -7.987  1.00 44.38 ? 94  ASN A O   1 
ATOM   693  C CB  . ASN A 1 94  ? -17.328 4.002   -4.908  1.00 44.26 ? 94  ASN A CB  1 
ATOM   694  C CG  . ASN A 1 94  ? -18.339 4.904   -4.234  1.00 45.78 ? 94  ASN A CG  1 
ATOM   695  O OD1 . ASN A 1 94  ? -19.364 4.435   -3.727  1.00 47.00 ? 94  ASN A OD1 1 
ATOM   696  N ND2 . ASN A 1 94  ? -18.063 6.204   -4.225  1.00 46.43 ? 94  ASN A ND2 1 
ATOM   697  N N   . SER A 1 95  ? -19.105 4.732   -7.627  1.00 43.66 ? 95  SER A N   1 
ATOM   698  C CA  . SER A 1 95  ? -19.279 5.628   -8.762  1.00 43.98 ? 95  SER A CA  1 
ATOM   699  C C   . SER A 1 95  ? -18.682 7.004   -8.498  1.00 43.28 ? 95  SER A C   1 
ATOM   700  O O   . SER A 1 95  ? -18.127 7.626   -9.403  1.00 43.32 ? 95  SER A O   1 
ATOM   701  C CB  . SER A 1 95  ? -20.766 5.760   -9.094  1.00 45.06 ? 95  SER A CB  1 
ATOM   702  O OG  . SER A 1 95  ? -21.508 6.150   -7.952  1.00 46.79 ? 95  SER A OG  1 
ATOM   703  N N   . GLU A 1 96  ? -18.802 7.478   -7.261  1.00 42.48 ? 96  GLU A N   1 
ATOM   704  C CA  . GLU A 1 96  ? -18.254 8.779   -6.890  1.00 41.90 ? 96  GLU A CA  1 
ATOM   705  C C   . GLU A 1 96  ? -16.733 8.720   -7.007  1.00 41.47 ? 96  GLU A C   1 
ATOM   706  O O   . GLU A 1 96  ? -16.035 8.461   -6.026  1.00 41.52 ? 96  GLU A O   1 
ATOM   707  C CB  . GLU A 1 96  ? -18.655 9.144   -5.455  1.00 41.36 ? 96  GLU A CB  1 
ATOM   708  C CG  . GLU A 1 96  ? -18.128 10.490  -4.983  0.00 41.69 ? 96  GLU A CG  1 
ATOM   709  C CD  . GLU A 1 96  ? -18.532 10.806  -3.557  0.00 41.71 ? 96  GLU A CD  1 
ATOM   710  O OE1 . GLU A 1 96  ? -18.173 10.024  -2.651  0.00 41.79 ? 96  GLU A OE1 1 
ATOM   711  O OE2 . GLU A 1 96  ? -19.207 11.833  -3.341  0.00 41.79 ? 96  GLU A OE2 1 
ATOM   712  N N   . LYS A 1 97  ? -16.225 8.945   -8.216  1.00 40.68 ? 97  LYS A N   1 
ATOM   713  C CA  . LYS A 1 97  ? -14.788 8.919   -8.459  1.00 39.90 ? 97  LYS A CA  1 
ATOM   714  C C   . LYS A 1 97  ? -14.195 10.324  -8.406  1.00 39.26 ? 97  LYS A C   1 
ATOM   715  O O   . LYS A 1 97  ? -13.287 10.652  -9.174  1.00 39.16 ? 97  LYS A O   1 
ATOM   716  C CB  . LYS A 1 97  ? -14.486 8.277   -9.819  1.00 39.87 ? 97  LYS A CB  1 
ATOM   717  C CG  . LYS A 1 97  ? -14.842 6.798   -9.899  1.00 40.35 ? 97  LYS A CG  1 
ATOM   718  C CD  . LYS A 1 97  ? -14.462 6.203   -11.244 0.00 40.21 ? 97  LYS A CD  1 
ATOM   719  C CE  . LYS A 1 97  ? -14.794 4.720   -11.305 0.00 40.28 ? 97  LYS A CE  1 
ATOM   720  N NZ  . LYS A 1 97  ? -14.405 4.109   -12.607 0.00 40.20 ? 97  LYS A NZ  1 
ATOM   721  N N   . LYS A 1 98  ? -14.714 11.145  -7.491  1.00 38.47 ? 98  LYS A N   1 
ATOM   722  C CA  . LYS A 1 98  ? -14.250 12.522  -7.317  1.00 37.20 ? 98  LYS A CA  1 
ATOM   723  C C   . LYS A 1 98  ? -12.871 12.568  -6.661  1.00 36.12 ? 98  LYS A C   1 
ATOM   724  O O   . LYS A 1 98  ? -12.632 11.899  -5.655  1.00 36.12 ? 98  LYS A O   1 
ATOM   725  C CB  . LYS A 1 98  ? -15.247 13.315  -6.462  1.00 36.91 ? 98  LYS A CB  1 
ATOM   726  C CG  . LYS A 1 98  ? -16.583 13.584  -7.135  0.00 37.01 ? 98  LYS A CG  1 
ATOM   727  C CD  . LYS A 1 98  ? -17.452 14.489  -6.272  0.00 36.94 ? 98  LYS A CD  1 
ATOM   728  C CE  . LYS A 1 98  ? -18.750 14.854  -6.974  0.00 36.92 ? 98  LYS A CE  1 
ATOM   729  N NZ  . LYS A 1 98  ? -19.585 15.773  -6.150  0.00 36.90 ? 98  LYS A NZ  1 
ATOM   730  N N   . GLU A 1 99  ? -11.970 13.365  -7.231  1.00 34.54 ? 99  GLU A N   1 
ATOM   731  C CA  . GLU A 1 99  ? -10.616 13.490  -6.703  1.00 33.36 ? 99  GLU A CA  1 
ATOM   732  C C   . GLU A 1 99  ? -10.540 14.015  -5.277  1.00 31.70 ? 99  GLU A C   1 
ATOM   733  O O   . GLU A 1 99  ? -11.288 14.914  -4.888  1.00 31.27 ? 99  GLU A O   1 
ATOM   734  C CB  . GLU A 1 99  ? -9.772  14.394  -7.599  1.00 35.45 ? 99  GLU A CB  1 
ATOM   735  C CG  . GLU A 1 99  ? -9.091  13.668  -8.743  1.00 41.56 ? 99  GLU A CG  1 
ATOM   736  C CD  . GLU A 1 99  ? -8.048  14.528  -9.438  1.00 45.25 ? 99  GLU A CD  1 
ATOM   737  O OE1 . GLU A 1 99  ? -7.205  15.131  -8.730  1.00 47.16 ? 99  GLU A OE1 1 
ATOM   738  O OE2 . GLU A 1 99  ? -8.065  14.598  -10.689 1.00 48.24 ? 99  GLU A OE2 1 
ATOM   739  N N   . ILE A 1 100 ? -9.622  13.441  -4.504  1.00 29.73 ? 100 ILE A N   1 
ATOM   740  C CA  . ILE A 1 100 ? -9.399  13.838  -3.117  1.00 28.24 ? 100 ILE A CA  1 
ATOM   741  C C   . ILE A 1 100 ? -7.893  13.987  -2.902  1.00 27.64 ? 100 ILE A C   1 
ATOM   742  O O   . ILE A 1 100 ? -7.125  13.094  -3.248  1.00 28.07 ? 100 ILE A O   1 
ATOM   743  C CB  . ILE A 1 100 ? -9.961  12.777  -2.130  1.00 27.95 ? 100 ILE A CB  1 
ATOM   744  C CG1 . ILE A 1 100 ? -11.476 12.651  -2.316  1.00 27.85 ? 100 ILE A CG1 1 
ATOM   745  C CG2 . ILE A 1 100 ? -9.635  13.165  -0.688  1.00 26.45 ? 100 ILE A CG2 1 
ATOM   746  C CD1 . ILE A 1 100 ? -12.130 11.619  -1.422  1.00 27.82 ? 100 ILE A CD1 1 
ATOM   747  N N   . LYS A 1 101 ? -7.474  15.122  -2.350  1.00 26.65 ? 101 LYS A N   1 
ATOM   748  C CA  . LYS A 1 101 ? -6.057  15.368  -2.101  1.00 26.17 ? 101 LYS A CA  1 
ATOM   749  C C   . LYS A 1 101 ? -5.701  15.132  -0.642  1.00 25.53 ? 101 LYS A C   1 
ATOM   750  O O   . LYS A 1 101 ? -5.893  16.011  0.196   1.00 27.34 ? 101 LYS A O   1 
ATOM   751  C CB  . LYS A 1 101 ? -5.684  16.804  -2.471  1.00 27.28 ? 101 LYS A CB  1 
ATOM   752  C CG  . LYS A 1 101 ? -5.547  17.073  -3.952  1.00 28.57 ? 101 LYS A CG  1 
ATOM   753  C CD  . LYS A 1 101 ? -5.138  18.516  -4.192  1.00 31.25 ? 101 LYS A CD  1 
ATOM   754  C CE  . LYS A 1 101 ? -4.859  18.781  -5.665  1.00 33.63 ? 101 LYS A CE  1 
ATOM   755  N NZ  . LYS A 1 101 ? -4.494  20.208  -5.912  1.00 36.02 ? 101 LYS A NZ  1 
ATOM   756  N N   . VAL A 1 102 ? -5.183  13.951  -0.333  1.00 23.72 ? 102 VAL A N   1 
ATOM   757  C CA  . VAL A 1 102 ? -4.793  13.644  1.035   1.00 21.45 ? 102 VAL A CA  1 
ATOM   758  C C   . VAL A 1 102 ? -3.507  14.426  1.325   1.00 21.60 ? 102 VAL A C   1 
ATOM   759  O O   . VAL A 1 102 ? -2.512  14.298  0.607   1.00 21.89 ? 102 VAL A O   1 
ATOM   760  C CB  . VAL A 1 102 ? -4.525  12.134  1.218   1.00 20.55 ? 102 VAL A CB  1 
ATOM   761  C CG1 . VAL A 1 102 ? -4.409  11.799  2.696   1.00 19.46 ? 102 VAL A CG1 1 
ATOM   762  C CG2 . VAL A 1 102 ? -5.630  11.329  0.570   1.00 19.27 ? 102 VAL A CG2 1 
ATOM   763  N N   . PRO A 1 103 ? -3.519  15.264  2.369   1.00 20.35 ? 103 PRO A N   1 
ATOM   764  C CA  . PRO A 1 103 ? -2.329  16.047  2.714   1.00 19.36 ? 103 PRO A CA  1 
ATOM   765  C C   . PRO A 1 103 ? -1.179  15.203  3.272   1.00 18.78 ? 103 PRO A C   1 
ATOM   766  O O   . PRO A 1 103 ? -1.366  14.428  4.215   1.00 18.44 ? 103 PRO A O   1 
ATOM   767  C CB  . PRO A 1 103 ? -2.859  17.038  3.747   1.00 18.78 ? 103 PRO A CB  1 
ATOM   768  C CG  . PRO A 1 103 ? -4.292  17.189  3.371   1.00 19.24 ? 103 PRO A CG  1 
ATOM   769  C CD  . PRO A 1 103 ? -4.692  15.765  3.103   1.00 20.19 ? 103 PRO A CD  1 
ATOM   770  N N   . VAL A 1 104 ? 0.003   15.359  2.680   1.00 17.62 ? 104 VAL A N   1 
ATOM   771  C CA  . VAL A 1 104 ? 1.203   14.650  3.115   1.00 16.87 ? 104 VAL A CA  1 
ATOM   772  C C   . VAL A 1 104 ? 2.168   15.668  3.706   1.00 17.21 ? 104 VAL A C   1 
ATOM   773  O O   . VAL A 1 104 ? 2.506   16.660  3.065   1.00 18.42 ? 104 VAL A O   1 
ATOM   774  C CB  . VAL A 1 104 ? 1.907   13.942  1.944   1.00 15.89 ? 104 VAL A CB  1 
ATOM   775  C CG1 . VAL A 1 104 ? 3.211   13.328  2.413   1.00 15.60 ? 104 VAL A CG1 1 
ATOM   776  C CG2 . VAL A 1 104 ? 1.002   12.872  1.370   1.00 16.51 ? 104 VAL A CG2 1 
ATOM   777  N N   . ASN A 1 105 ? 2.611   15.426  4.932   1.00 17.54 ? 105 ASN A N   1 
ATOM   778  C CA  . ASN A 1 105 ? 3.535   16.340  5.588   1.00 18.47 ? 105 ASN A CA  1 
ATOM   779  C C   . ASN A 1 105 ? 4.840   15.618  5.850   1.00 17.89 ? 105 ASN A C   1 
ATOM   780  O O   . ASN A 1 105 ? 4.919   14.740  6.707   1.00 17.97 ? 105 ASN A O   1 
ATOM   781  C CB  . ASN A 1 105 ? 2.911   16.852  6.878   1.00 19.80 ? 105 ASN A CB  1 
ATOM   782  C CG  . ASN A 1 105 ? 1.530   17.422  6.649   1.00 21.89 ? 105 ASN A CG  1 
ATOM   783  O OD1 . ASN A 1 105 ? 1.361   18.352  5.860   1.00 23.21 ? 105 ASN A OD1 1 
ATOM   784  N ND2 . ASN A 1 105 ? 0.530   16.856  7.319   1.00 22.18 ? 105 ASN A ND2 1 
ATOM   785  N N   . VAL A 1 106 ? 5.859   15.998  5.088   1.00 17.65 ? 106 VAL A N   1 
ATOM   786  C CA  . VAL A 1 106 ? 7.171   15.383  5.177   1.00 16.70 ? 106 VAL A CA  1 
ATOM   787  C C   . VAL A 1 106 ? 8.134   16.140  6.074   1.00 17.10 ? 106 VAL A C   1 
ATOM   788  O O   . VAL A 1 106 ? 8.225   17.360  6.011   1.00 17.73 ? 106 VAL A O   1 
ATOM   789  C CB  . VAL A 1 106 ? 7.804   15.261  3.771   1.00 15.52 ? 106 VAL A CB  1 
ATOM   790  C CG1 . VAL A 1 106 ? 9.139   14.540  3.848   1.00 15.60 ? 106 VAL A CG1 1 
ATOM   791  C CG2 . VAL A 1 106 ? 6.859   14.529  2.846   1.00 14.95 ? 106 VAL A CG2 1 
ATOM   792  N N   . TRP A 1 107 ? 8.834   15.398  6.923   1.00 17.45 ? 107 TRP A N   1 
ATOM   793  C CA  . TRP A 1 107 ? 9.838   15.972  7.804   1.00 17.36 ? 107 TRP A CA  1 
ATOM   794  C C   . TRP A 1 107 ? 11.143  15.341  7.374   1.00 17.86 ? 107 TRP A C   1 
ATOM   795  O O   . TRP A 1 107 ? 11.458  14.220  7.755   1.00 17.78 ? 107 TRP A O   1 
ATOM   796  C CB  . TRP A 1 107 ? 9.554   15.642  9.260   1.00 18.66 ? 107 TRP A CB  1 
ATOM   797  C CG  . TRP A 1 107 ? 8.435   16.427  9.804   1.00 20.88 ? 107 TRP A CG  1 
ATOM   798  C CD1 . TRP A 1 107 ? 7.110   16.107  9.766   1.00 21.28 ? 107 TRP A CD1 1 
ATOM   799  C CD2 . TRP A 1 107 ? 8.526   17.708  10.427  1.00 22.76 ? 107 TRP A CD2 1 
ATOM   800  N NE1 . TRP A 1 107 ? 6.366   17.117  10.328  1.00 23.07 ? 107 TRP A NE1 1 
ATOM   801  C CE2 . TRP A 1 107 ? 7.211   18.112  10.743  1.00 23.34 ? 107 TRP A CE2 1 
ATOM   802  C CE3 . TRP A 1 107 ? 9.593   18.557  10.748  1.00 23.26 ? 107 TRP A CE3 1 
ATOM   803  C CZ2 . TRP A 1 107 ? 6.932   19.332  11.366  1.00 24.44 ? 107 TRP A CZ2 1 
ATOM   804  C CZ3 . TRP A 1 107 ? 9.317   19.771  11.369  1.00 24.64 ? 107 TRP A CZ3 1 
ATOM   805  C CH2 . TRP A 1 107 ? 7.995   20.147  11.670  1.00 25.02 ? 107 TRP A CH2 1 
ATOM   806  N N   . ASP A 1 108 ? 11.884  16.071  6.553   1.00 18.99 ? 108 ASP A N   1 
ATOM   807  C CA  . ASP A 1 108 ? 13.150  15.608  6.026   1.00 19.58 ? 108 ASP A CA  1 
ATOM   808  C C   . ASP A 1 108 ? 14.311  16.072  6.892   1.00 20.46 ? 108 ASP A C   1 
ATOM   809  O O   . ASP A 1 108 ? 14.725  17.226  6.817   1.00 20.72 ? 108 ASP A O   1 
ATOM   810  C CB  . ASP A 1 108 ? 13.312  16.125  4.597   1.00 19.84 ? 108 ASP A CB  1 
ATOM   811  C CG  . ASP A 1 108 ? 14.657  15.788  4.006   1.00 20.86 ? 108 ASP A CG  1 
ATOM   812  O OD1 . ASP A 1 108 ? 15.103  14.636  4.171   1.00 22.79 ? 108 ASP A OD1 1 
ATOM   813  O OD2 . ASP A 1 108 ? 15.263  16.669  3.368   1.00 21.71 ? 108 ASP A OD2 1 
ATOM   814  N N   . LYS A 1 109 ? 14.826  15.165  7.719   1.00 21.98 ? 109 LYS A N   1 
ATOM   815  C CA  . LYS A 1 109 ? 15.946  15.471  8.608   1.00 23.51 ? 109 LYS A CA  1 
ATOM   816  C C   . LYS A 1 109 ? 15.624  16.667  9.506   1.00 24.08 ? 109 LYS A C   1 
ATOM   817  O O   . LYS A 1 109 ? 16.301  17.696  9.439   1.00 25.00 ? 109 LYS A O   1 
ATOM   818  C CB  . LYS A 1 109 ? 17.198  15.787  7.784   1.00 24.89 ? 109 LYS A CB  1 
ATOM   819  C CG  . LYS A 1 109 ? 17.581  14.739  6.746   1.00 26.11 ? 109 LYS A CG  1 
ATOM   820  C CD  . LYS A 1 109 ? 18.616  13.765  7.273   1.00 27.82 ? 109 LYS A CD  1 
ATOM   821  C CE  . LYS A 1 109 ? 19.168  12.893  6.153   1.00 29.11 ? 109 LYS A CE  1 
ATOM   822  N NZ  . LYS A 1 109 ? 20.196  11.928  6.645   1.00 30.08 ? 109 LYS A NZ  1 
ATOM   823  N N   . SER A 1 110 ? 14.591  16.530  10.339  1.00 23.69 ? 110 SER A N   1 
ATOM   824  C CA  . SER A 1 110 ? 14.161  17.589  11.259  1.00 23.07 ? 110 SER A CA  1 
ATOM   825  C C   . SER A 1 110 ? 13.464  18.753  10.561  1.00 22.59 ? 110 SER A C   1 
ATOM   826  O O   . SER A 1 110 ? 12.543  19.350  11.116  1.00 23.28 ? 110 SER A O   1 
ATOM   827  C CB  . SER A 1 110 ? 15.351  18.137  12.050  1.00 22.74 ? 110 SER A CB  1 
ATOM   828  O OG  . SER A 1 110 ? 15.938  17.129  12.850  1.00 26.28 ? 110 SER A OG  1 
ATOM   829  N N   . LYS A 1 111 ? 13.907  19.073  9.349   1.00 22.08 ? 111 LYS A N   1 
ATOM   830  C CA  . LYS A 1 111 ? 13.338  20.177  8.587   1.00 22.47 ? 111 LYS A CA  1 
ATOM   831  C C   . LYS A 1 111 ? 11.959  19.886  8.027   1.00 22.06 ? 111 LYS A C   1 
ATOM   832  O O   . LYS A 1 111 ? 11.747  18.878  7.364   1.00 21.91 ? 111 LYS A O   1 
ATOM   833  C CB  . LYS A 1 111 ? 14.260  20.549  7.427   1.00 24.06 ? 111 LYS A CB  1 
ATOM   834  C CG  . LYS A 1 111 ? 15.547  21.223  7.838   1.00 27.32 ? 111 LYS A CG  1 
ATOM   835  C CD  . LYS A 1 111 ? 16.509  21.355  6.658   1.00 29.69 ? 111 LYS A CD  1 
ATOM   836  C CE  . LYS A 1 111 ? 17.211  20.031  6.332   1.00 30.82 ? 111 LYS A CE  1 
ATOM   837  N NZ  . LYS A 1 111 ? 16.293  18.951  5.884   1.00 30.08 ? 111 LYS A NZ  1 
ATOM   838  N N   . GLN A 1 112 ? 11.024  20.786  8.297   1.00 22.24 ? 112 GLN A N   1 
ATOM   839  C CA  . GLN A 1 112 ? 9.668   20.659  7.791   1.00 23.32 ? 112 GLN A CA  1 
ATOM   840  C C   . GLN A 1 112 ? 9.737   21.004  6.304   1.00 23.30 ? 112 GLN A C   1 
ATOM   841  O O   . GLN A 1 112 ? 10.414  21.954  5.917   1.00 24.76 ? 112 GLN A O   1 
ATOM   842  C CB  . GLN A 1 112 ? 8.760   21.646  8.520   1.00 25.41 ? 112 GLN A CB  1 
ATOM   843  C CG  . GLN A 1 112 ? 7.338   21.710  8.000   1.00 28.44 ? 112 GLN A CG  1 
ATOM   844  C CD  . GLN A 1 112 ? 6.547   22.819  8.662   1.00 30.77 ? 112 GLN A CD  1 
ATOM   845  O OE1 . GLN A 1 112 ? 6.955   23.984  8.643   1.00 32.61 ? 112 GLN A OE1 1 
ATOM   846  N NE2 . GLN A 1 112 ? 5.410   22.466  9.254   1.00 31.35 ? 112 GLN A NE2 1 
ATOM   847  N N   . GLN A 1 113 ? 9.044   20.238  5.471   1.00 22.62 ? 113 GLN A N   1 
ATOM   848  C CA  . GLN A 1 113 ? 9.059   20.476  4.033   1.00 21.87 ? 113 GLN A CA  1 
ATOM   849  C C   . GLN A 1 113 ? 7.782   21.163  3.559   1.00 21.87 ? 113 GLN A C   1 
ATOM   850  O O   . GLN A 1 113 ? 6.839   21.337  4.329   1.00 20.72 ? 113 GLN A O   1 
ATOM   851  C CB  . GLN A 1 113 ? 9.221   19.150  3.286   1.00 21.84 ? 113 GLN A CB  1 
ATOM   852  C CG  . GLN A 1 113 ? 10.465  18.374  3.631   1.00 22.00 ? 113 GLN A CG  1 
ATOM   853  C CD  . GLN A 1 113 ? 11.719  19.055  3.148   1.00 24.13 ? 113 GLN A CD  1 
ATOM   854  O OE1 . GLN A 1 113 ? 11.909  19.253  1.952   1.00 25.33 ? 113 GLN A OE1 1 
ATOM   855  N NE2 . GLN A 1 113 ? 12.588  19.417  4.078   1.00 26.87 ? 113 GLN A NE2 1 
ATOM   856  N N   . PRO A 1 114 ? 7.742   21.572  2.276   1.00 22.66 ? 114 PRO A N   1 
ATOM   857  C CA  . PRO A 1 114 ? 6.563   22.235  1.719   1.00 23.67 ? 114 PRO A CA  1 
ATOM   858  C C   . PRO A 1 114 ? 5.399   21.257  1.700   1.00 24.86 ? 114 PRO A C   1 
ATOM   859  O O   . PRO A 1 114 ? 5.601   20.045  1.623   1.00 24.67 ? 114 PRO A O   1 
ATOM   860  C CB  . PRO A 1 114 ? 7.012   22.607  0.308   1.00 23.64 ? 114 PRO A CB  1 
ATOM   861  C CG  . PRO A 1 114 ? 8.484   22.785  0.452   1.00 23.29 ? 114 PRO A CG  1 
ATOM   862  C CD  . PRO A 1 114 ? 8.848   21.600  1.305   1.00 23.32 ? 114 PRO A CD  1 
ATOM   863  N N   . PRO A 1 115 ? 4.163   21.771  1.768   1.00 26.06 ? 115 PRO A N   1 
ATOM   864  C CA  . PRO A 1 115 ? 2.972   20.918  1.760   1.00 26.46 ? 115 PRO A CA  1 
ATOM   865  C C   . PRO A 1 115 ? 2.880   20.084  0.487   1.00 26.17 ? 115 PRO A C   1 
ATOM   866  O O   . PRO A 1 115 ? 2.880   20.620  -0.622  1.00 26.45 ? 115 PRO A O   1 
ATOM   867  C CB  . PRO A 1 115 ? 1.828   21.924  1.866   1.00 27.17 ? 115 PRO A CB  1 
ATOM   868  C CG  . PRO A 1 115 ? 2.456   23.085  2.588   1.00 27.35 ? 115 PRO A CG  1 
ATOM   869  C CD  . PRO A 1 115 ? 3.789   23.188  1.904   1.00 26.68 ? 115 PRO A CD  1 
ATOM   870  N N   . MET A 1 116 ? 2.811   18.769  0.651   1.00 25.02 ? 116 MET A N   1 
ATOM   871  C CA  . MET A 1 116 ? 2.709   17.878  -0.489  1.00 24.56 ? 116 MET A CA  1 
ATOM   872  C C   . MET A 1 116 ? 1.439   17.057  -0.395  1.00 25.29 ? 116 MET A C   1 
ATOM   873  O O   . MET A 1 116 ? 0.852   16.946  0.677   1.00 26.90 ? 116 MET A O   1 
ATOM   874  C CB  . MET A 1 116 ? 3.936   16.981  -0.554  1.00 24.17 ? 116 MET A CB  1 
ATOM   875  C CG  . MET A 1 116 ? 5.148   17.736  -1.028  1.00 25.08 ? 116 MET A CG  1 
ATOM   876  S SD  . MET A 1 116 ? 6.639   16.790  -0.959  1.00 26.71 ? 116 MET A SD  1 
ATOM   877  C CE  . MET A 1 116 ? 7.482   17.614  0.377   1.00 26.82 ? 116 MET A CE  1 
ATOM   878  N N   . PHE A 1 117 ? 1.004   16.490  -1.515  1.00 25.82 ? 117 PHE A N   1 
ATOM   879  C CA  . PHE A 1 117 ? -0.223  15.705  -1.521  1.00 25.89 ? 117 PHE A CA  1 
ATOM   880  C C   . PHE A 1 117 ? -0.129  14.488  -2.429  1.00 24.54 ? 117 PHE A C   1 
ATOM   881  O O   . PHE A 1 117 ? 0.772   14.384  -3.260  1.00 23.34 ? 117 PHE A O   1 
ATOM   882  C CB  . PHE A 1 117 ? -1.410  16.563  -2.002  1.00 29.52 ? 117 PHE A CB  1 
ATOM   883  C CG  . PHE A 1 117 ? -1.335  18.016  -1.592  1.00 33.50 ? 117 PHE A CG  1 
ATOM   884  C CD1 . PHE A 1 117 ? -0.485  18.904  -2.258  1.00 34.58 ? 117 PHE A CD1 1 
ATOM   885  C CD2 . PHE A 1 117 ? -2.094  18.495  -0.521  1.00 34.69 ? 117 PHE A CD2 1 
ATOM   886  C CE1 . PHE A 1 117 ? -0.389  20.248  -1.861  1.00 35.17 ? 117 PHE A CE1 1 
ATOM   887  C CE2 . PHE A 1 117 ? -2.006  19.838  -0.113  1.00 34.61 ? 117 PHE A CE2 1 
ATOM   888  C CZ  . PHE A 1 117 ? -1.152  20.714  -0.785  1.00 35.13 ? 117 PHE A CZ  1 
ATOM   889  N N   . ILE A 1 118 ? -1.061  13.560  -2.233  1.00 23.39 ? 118 ILE A N   1 
ATOM   890  C CA  . ILE A 1 118 ? -1.189  12.373  -3.070  1.00 22.80 ? 118 ILE A CA  1 
ATOM   891  C C   . ILE A 1 118 ? -2.683  12.386  -3.345  1.00 22.62 ? 118 ILE A C   1 
ATOM   892  O O   . ILE A 1 118 ? -3.445  12.959  -2.565  1.00 23.00 ? 118 ILE A O   1 
ATOM   893  C CB  . ILE A 1 118 ? -0.821  11.055  -2.350  1.00 21.67 ? 118 ILE A CB  1 
ATOM   894  C CG1 . ILE A 1 118 ? -1.787  10.795  -1.196  1.00 20.86 ? 118 ILE A CG1 1 
ATOM   895  C CG2 . ILE A 1 118 ? 0.622   11.106  -1.890  1.00 22.30 ? 118 ILE A CG2 1 
ATOM   896  C CD1 . ILE A 1 118 ? -1.691  9.400   -0.636  1.00 21.09 ? 118 ILE A CD1 1 
ATOM   897  N N   . THR A 1 119 ? -3.114  11.776  -4.441  1.00 22.73 ? 119 THR A N   1 
ATOM   898  C CA  . THR A 1 119 ? -4.533  11.788  -4.753  1.00 22.54 ? 119 THR A CA  1 
ATOM   899  C C   . THR A 1 119 ? -5.156  10.401  -4.801  1.00 22.16 ? 119 THR A C   1 
ATOM   900  O O   . THR A 1 119 ? -4.515  9.430   -5.201  1.00 22.25 ? 119 THR A O   1 
ATOM   901  C CB  . THR A 1 119 ? -4.791  12.491  -6.099  1.00 22.63 ? 119 THR A CB  1 
ATOM   902  O OG1 . THR A 1 119 ? -4.305  11.672  -7.163  1.00 26.92 ? 119 THR A OG1 1 
ATOM   903  C CG2 . THR A 1 119 ? -4.060  13.817  -6.152  1.00 22.73 ? 119 THR A CG2 1 
ATOM   904  N N   . VAL A 1 120 ? -6.412  10.327  -4.367  1.00 22.08 ? 120 VAL A N   1 
ATOM   905  C CA  . VAL A 1 120 ? -7.197  9.095   -4.372  1.00 21.08 ? 120 VAL A CA  1 
ATOM   906  C C   . VAL A 1 120 ? -8.589  9.515   -4.837  1.00 20.82 ? 120 VAL A C   1 
ATOM   907  O O   . VAL A 1 120 ? -9.020  10.632  -4.561  1.00 20.42 ? 120 VAL A O   1 
ATOM   908  C CB  . VAL A 1 120 ? -7.292  8.459   -2.959  1.00 20.13 ? 120 VAL A CB  1 
ATOM   909  C CG1 . VAL A 1 120 ? -5.911  8.068   -2.470  1.00 18.72 ? 120 VAL A CG1 1 
ATOM   910  C CG2 . VAL A 1 120 ? -7.937  9.426   -1.991  1.00 20.68 ? 120 VAL A CG2 1 
ATOM   911  N N   . ASN A 1 121 ? -9.287  8.645   -5.556  1.00 21.59 ? 121 ASN A N   1 
ATOM   912  C CA  . ASN A 1 121 ? -10.622 8.993   -6.026  1.00 23.19 ? 121 ASN A CA  1 
ATOM   913  C C   . ASN A 1 121 ? -11.687 8.040   -5.519  1.00 22.99 ? 121 ASN A C   1 
ATOM   914  O O   . ASN A 1 121 ? -12.739 7.872   -6.134  1.00 23.44 ? 121 ASN A O   1 
ATOM   915  C CB  . ASN A 1 121 ? -10.656 9.052   -7.553  1.00 25.85 ? 121 ASN A CB  1 
ATOM   916  C CG  . ASN A 1 121 ? -9.965  7.876   -8.194  1.00 29.06 ? 121 ASN A CG  1 
ATOM   917  O OD1 . ASN A 1 121 ? -10.276 6.719   -7.904  1.00 31.54 ? 121 ASN A OD1 1 
ATOM   918  N ND2 . ASN A 1 121 ? -9.018  8.163   -9.077  1.00 31.99 ? 121 ASN A ND2 1 
ATOM   919  N N   . LYS A 1 122 ? -11.404 7.415   -4.387  1.00 23.15 ? 122 LYS A N   1 
ATOM   920  C CA  . LYS A 1 122 ? -12.336 6.493   -3.765  1.00 23.58 ? 122 LYS A CA  1 
ATOM   921  C C   . LYS A 1 122 ? -12.678 7.132   -2.432  1.00 24.65 ? 122 LYS A C   1 
ATOM   922  O O   . LYS A 1 122 ? -11.787 7.605   -1.731  1.00 25.25 ? 122 LYS A O   1 
ATOM   923  C CB  . LYS A 1 122 ? -11.668 5.134   -3.535  1.00 22.85 ? 122 LYS A CB  1 
ATOM   924  C CG  . LYS A 1 122 ? -11.066 4.540   -4.794  1.00 22.55 ? 122 LYS A CG  1 
ATOM   925  C CD  . LYS A 1 122 ? -10.250 3.294   -4.521  1.00 20.35 ? 122 LYS A CD  1 
ATOM   926  C CE  . LYS A 1 122 ? -9.577  2.835   -5.798  1.00 20.20 ? 122 LYS A CE  1 
ATOM   927  N NZ  . LYS A 1 122 ? -8.758  1.627   -5.579  1.00 22.03 ? 122 LYS A NZ  1 
ATOM   928  N N   . PRO A 1 123 ? -13.973 7.181   -2.075  1.00 25.50 ? 123 PRO A N   1 
ATOM   929  C CA  . PRO A 1 123 ? -14.375 7.781   -0.797  1.00 25.04 ? 123 PRO A CA  1 
ATOM   930  C C   . PRO A 1 123 ? -13.714 7.041   0.370   1.00 24.28 ? 123 PRO A C   1 
ATOM   931  O O   . PRO A 1 123 ? -13.429 7.631   1.416   1.00 24.59 ? 123 PRO A O   1 
ATOM   932  C CB  . PRO A 1 123 ? -15.898 7.647   -0.822  1.00 25.91 ? 123 PRO A CB  1 
ATOM   933  C CG  . PRO A 1 123 ? -16.124 6.437   -1.680  1.00 25.90 ? 123 PRO A CG  1 
ATOM   934  C CD  . PRO A 1 123 ? -15.140 6.644   -2.795  1.00 25.99 ? 123 PRO A CD  1 
ATOM   935  N N   . LYS A 1 124 ? -13.476 5.746   0.169   1.00 23.02 ? 124 LYS A N   1 
ATOM   936  C CA  . LYS A 1 124 ? -12.805 4.896   1.150   1.00 22.10 ? 124 LYS A CA  1 
ATOM   937  C C   . LYS A 1 124 ? -11.639 4.214   0.431   1.00 21.66 ? 124 LYS A C   1 
ATOM   938  O O   . LYS A 1 124 ? -11.827 3.530   -0.576  1.00 22.83 ? 124 LYS A O   1 
ATOM   939  C CB  . LYS A 1 124 ? -13.758 3.841   1.717   1.00 22.08 ? 124 LYS A CB  1 
ATOM   940  C CG  . LYS A 1 124 ? -14.716 4.363   2.776   1.00 23.43 ? 124 LYS A CG  1 
ATOM   941  C CD  . LYS A 1 124 ? -15.667 3.275   3.244   0.00 23.08 ? 124 LYS A CD  1 
ATOM   942  C CE  . LYS A 1 124 ? -16.634 3.795   4.294   0.00 23.32 ? 124 LYS A CE  1 
ATOM   943  N NZ  . LYS A 1 124 ? -17.595 2.743   4.729   0.00 23.16 ? 124 LYS A NZ  1 
ATOM   944  N N   . VAL A 1 125 ? -10.434 4.415   0.949   1.00 19.94 ? 125 VAL A N   1 
ATOM   945  C CA  . VAL A 1 125 ? -9.239  3.840   0.352   1.00 17.96 ? 125 VAL A CA  1 
ATOM   946  C C   . VAL A 1 125 ? -8.513  2.998   1.395   1.00 16.61 ? 125 VAL A C   1 
ATOM   947  O O   . VAL A 1 125 ? -8.580  3.297   2.582   1.00 17.54 ? 125 VAL A O   1 
ATOM   948  C CB  . VAL A 1 125 ? -8.312  4.966   -0.173  1.00 17.44 ? 125 VAL A CB  1 
ATOM   949  C CG1 . VAL A 1 125 ? -7.890  5.876   0.971   1.00 16.99 ? 125 VAL A CG1 1 
ATOM   950  C CG2 . VAL A 1 125 ? -7.106  4.370   -0.858  1.00 19.31 ? 125 VAL A CG2 1 
ATOM   951  N N   . THR A 1 126 ? -7.833  1.941   0.959   1.00 14.86 ? 126 THR A N   1 
ATOM   952  C CA  . THR A 1 126 ? -7.104  1.079   1.887   1.00 13.93 ? 126 THR A CA  1 
ATOM   953  C C   . THR A 1 126 ? -5.837  1.761   2.408   1.00 13.64 ? 126 THR A C   1 
ATOM   954  O O   . THR A 1 126 ? -5.327  2.696   1.794   1.00 14.01 ? 126 THR A O   1 
ATOM   955  C CB  . THR A 1 126 ? -6.698  -0.273  1.222   1.00 13.62 ? 126 THR A CB  1 
ATOM   956  O OG1 . THR A 1 126 ? -5.931  -0.022  0.038   1.00 14.02 ? 126 THR A OG1 1 
ATOM   957  C CG2 . THR A 1 126 ? -7.925  -1.091  0.870   1.00 12.71 ? 126 THR A CG2 1 
ATOM   958  N N   . ALA A 1 127 ? -5.339  1.303   3.552   1.00 13.28 ? 127 ALA A N   1 
ATOM   959  C CA  . ALA A 1 127 ? -4.124  1.867   4.112   1.00 12.87 ? 127 ALA A CA  1 
ATOM   960  C C   . ALA A 1 127 ? -3.000  1.589   3.117   1.00 12.70 ? 127 ALA A C   1 
ATOM   961  O O   . ALA A 1 127 ? -2.091  2.400   2.942   1.00 13.26 ? 127 ALA A O   1 
ATOM   962  C CB  . ALA A 1 127 ? -3.812  1.222   5.457   1.00 12.25 ? 127 ALA A CB  1 
ATOM   963  N N   . GLN A 1 128 ? -3.078  0.437   2.456   1.00 12.34 ? 128 GLN A N   1 
ATOM   964  C CA  . GLN A 1 128 ? -2.076  0.042   1.476   1.00 11.07 ? 128 GLN A CA  1 
ATOM   965  C C   . GLN A 1 128 ? -1.960  0.993   0.289   1.00 11.41 ? 128 GLN A C   1 
ATOM   966  O O   . GLN A 1 128 ? -0.852  1.342   -0.124  1.00 11.91 ? 128 GLN A O   1 
ATOM   967  C CB  . GLN A 1 128 ? -2.366  -1.362  0.954   1.00 10.78 ? 128 GLN A CB  1 
ATOM   968  C CG  . GLN A 1 128 ? -1.606  -1.679  -0.321  1.00 11.41 ? 128 GLN A CG  1 
ATOM   969  C CD  . GLN A 1 128 ? -1.738  -3.120  -0.746  1.00 11.08 ? 128 GLN A CD  1 
ATOM   970  O OE1 . GLN A 1 128 ? -2.756  -3.766  -0.491  1.00 12.89 ? 128 GLN A OE1 1 
ATOM   971  N NE2 . GLN A 1 128 ? -0.711  -3.633  -1.413  1.00 9.97  ? 128 GLN A NE2 1 
ATOM   972  N N   . GLU A 1 129 ? -3.090  1.406   -0.275  1.00 11.48 ? 129 GLU A N   1 
ATOM   973  C CA  . GLU A 1 129 ? -3.043  2.313   -1.412  1.00 11.05 ? 129 GLU A CA  1 
ATOM   974  C C   . GLU A 1 129 ? -2.391  3.630   -1.019  1.00 11.56 ? 129 GLU A C   1 
ATOM   975  O O   . GLU A 1 129 ? -1.696  4.249   -1.825  1.00 12.23 ? 129 GLU A O   1 
ATOM   976  C CB  . GLU A 1 129 ? -4.437  2.599   -1.963  1.00 10.64 ? 129 GLU A CB  1 
ATOM   977  C CG  . GLU A 1 129 ? -4.383  3.463   -3.217  1.00 11.10 ? 129 GLU A CG  1 
ATOM   978  C CD  . GLU A 1 129 ? -5.740  3.854   -3.734  1.00 11.03 ? 129 GLU A CD  1 
ATOM   979  O OE1 . GLU A 1 129 ? -6.661  3.013   -3.691  1.00 12.28 ? 129 GLU A OE1 1 
ATOM   980  O OE2 . GLU A 1 129 ? -5.881  5.002   -4.197  1.00 11.73 ? 129 GLU A OE2 1 
ATOM   981  N N   . VAL A 1 130 ? -2.624  4.062   0.216   1.00 11.43 ? 130 VAL A N   1 
ATOM   982  C CA  . VAL A 1 130 ? -2.040  5.309   0.694   1.00 11.58 ? 130 VAL A CA  1 
ATOM   983  C C   . VAL A 1 130 ? -0.524  5.141   0.827   1.00 11.75 ? 130 VAL A C   1 
ATOM   984  O O   . VAL A 1 130 ? 0.250   5.940   0.291   1.00 11.73 ? 130 VAL A O   1 
ATOM   985  C CB  . VAL A 1 130 ? -2.645  5.724   2.058   1.00 11.52 ? 130 VAL A CB  1 
ATOM   986  C CG1 . VAL A 1 130 ? -2.089  7.077   2.492   1.00 11.04 ? 130 VAL A CG1 1 
ATOM   987  C CG2 . VAL A 1 130 ? -4.159  5.790   1.951   1.00 11.16 ? 130 VAL A CG2 1 
ATOM   988  N N   . ASP A 1 131 ? -0.108  4.086   1.524   1.00 10.89 ? 131 ASP A N   1 
ATOM   989  C CA  . ASP A 1 131 ? 1.311   3.807   1.723   1.00 10.36 ? 131 ASP A CA  1 
ATOM   990  C C   . ASP A 1 131 ? 2.041   3.743   0.383   1.00 9.87  ? 131 ASP A C   1 
ATOM   991  O O   . ASP A 1 131 ? 3.034   4.428   0.182   1.00 10.88 ? 131 ASP A O   1 
ATOM   992  C CB  . ASP A 1 131 ? 1.489   2.481   2.467   1.00 10.11 ? 131 ASP A CB  1 
ATOM   993  C CG  . ASP A 1 131 ? 2.895   2.295   3.007   1.00 9.72  ? 131 ASP A CG  1 
ATOM   994  O OD1 . ASP A 1 131 ? 3.237   1.158   3.381   1.00 11.33 ? 131 ASP A OD1 1 
ATOM   995  O OD2 . ASP A 1 131 ? 3.654   3.283   3.071   1.00 10.49 ? 131 ASP A OD2 1 
ATOM   996  N N   . ILE A 1 132 ? 1.552   2.916   -0.533  1.00 9.58  ? 132 ILE A N   1 
ATOM   997  C CA  . ILE A 1 132 ? 2.178   2.791   -1.844  1.00 9.66  ? 132 ILE A CA  1 
ATOM   998  C C   . ILE A 1 132 ? 2.422   4.152   -2.505  1.00 10.29 ? 132 ILE A C   1 
ATOM   999  O O   . ILE A 1 132 ? 3.546   4.479   -2.881  1.00 11.30 ? 132 ILE A O   1 
ATOM   1000 C CB  . ILE A 1 132 ? 1.314   1.936   -2.799  1.00 9.45  ? 132 ILE A CB  1 
ATOM   1001 C CG1 . ILE A 1 132 ? 1.166   0.519   -2.247  1.00 8.87  ? 132 ILE A CG1 1 
ATOM   1002 C CG2 . ILE A 1 132 ? 1.952   1.893   -4.176  1.00 9.58  ? 132 ILE A CG2 1 
ATOM   1003 C CD1 . ILE A 1 132 ? 0.358   -0.408  -3.128  1.00 7.55  ? 132 ILE A CD1 1 
ATOM   1004 N N   . LYS A 1 133 ? 1.368   4.949   -2.643  1.00 10.97 ? 133 LYS A N   1 
ATOM   1005 C CA  . LYS A 1 133 ? 1.489   6.257   -3.275  1.00 10.45 ? 133 LYS A CA  1 
ATOM   1006 C C   . LYS A 1 133 ? 2.463   7.181   -2.553  1.00 10.38 ? 133 LYS A C   1 
ATOM   1007 O O   . LYS A 1 133 ? 3.168   7.960   -3.187  1.00 10.87 ? 133 LYS A O   1 
ATOM   1008 C CB  . LYS A 1 133 ? 0.111   6.914   -3.389  1.00 10.92 ? 133 LYS A CB  1 
ATOM   1009 C CG  . LYS A 1 133 ? -0.793  6.206   -4.377  1.00 10.98 ? 133 LYS A CG  1 
ATOM   1010 C CD  . LYS A 1 133 ? -2.131  6.889   -4.534  1.00 11.35 ? 133 LYS A CD  1 
ATOM   1011 C CE  . LYS A 1 133 ? -2.972  6.150   -5.566  1.00 12.82 ? 133 LYS A CE  1 
ATOM   1012 N NZ  . LYS A 1 133 ? -4.319  6.736   -5.752  1.00 14.20 ? 133 LYS A NZ  1 
ATOM   1013 N N   . VAL A 1 134 ? 2.509   7.104   -1.230  1.00 9.65  ? 134 VAL A N   1 
ATOM   1014 C CA  . VAL A 1 134 ? 3.435   7.949   -0.492  1.00 9.60  ? 134 VAL A CA  1 
ATOM   1015 C C   . VAL A 1 134 ? 4.877   7.512   -0.761  1.00 10.19 ? 134 VAL A C   1 
ATOM   1016 O O   . VAL A 1 134 ? 5.740   8.343   -1.024  1.00 10.74 ? 134 VAL A O   1 
ATOM   1017 C CB  . VAL A 1 134 ? 3.169   7.907   1.035   1.00 9.47  ? 134 VAL A CB  1 
ATOM   1018 C CG1 . VAL A 1 134 ? 4.260   8.666   1.772   1.00 8.54  ? 134 VAL A CG1 1 
ATOM   1019 C CG2 . VAL A 1 134 ? 1.812   8.518   1.347   1.00 7.90  ? 134 VAL A CG2 1 
ATOM   1020 N N   . ARG A 1 135 ? 5.140   6.209   -0.711  1.00 10.70 ? 135 ARG A N   1 
ATOM   1021 C CA  . ARG A 1 135 ? 6.494   5.725   -0.938  1.00 11.51 ? 135 ARG A CA  1 
ATOM   1022 C C   . ARG A 1 135 ? 6.989   6.030   -2.342  1.00 12.61 ? 135 ARG A C   1 
ATOM   1023 O O   . ARG A 1 135 ? 8.180   6.266   -2.545  1.00 12.65 ? 135 ARG A O   1 
ATOM   1024 C CB  . ARG A 1 135 ? 6.592   4.226   -0.652  1.00 11.43 ? 135 ARG A CB  1 
ATOM   1025 C CG  . ARG A 1 135 ? 6.285   3.874   0.792   1.00 12.93 ? 135 ARG A CG  1 
ATOM   1026 C CD  . ARG A 1 135 ? 6.777   2.487   1.157   1.00 13.70 ? 135 ARG A CD  1 
ATOM   1027 N NE  . ARG A 1 135 ? 6.159   2.011   2.394   1.00 16.25 ? 135 ARG A NE  1 
ATOM   1028 C CZ  . ARG A 1 135 ? 6.527   0.907   3.039   1.00 17.10 ? 135 ARG A CZ  1 
ATOM   1029 N NH1 . ARG A 1 135 ? 7.520   0.164   2.570   1.00 19.29 ? 135 ARG A NH1 1 
ATOM   1030 N NH2 . ARG A 1 135 ? 5.897   0.539   4.147   1.00 16.54 ? 135 ARG A NH2 1 
ATOM   1031 N N   . LYS A 1 136 ? 6.087   6.029   -3.317  1.00 13.57 ? 136 LYS A N   1 
ATOM   1032 C CA  . LYS A 1 136 ? 6.489   6.344   -4.681  1.00 13.97 ? 136 LYS A CA  1 
ATOM   1033 C C   . LYS A 1 136 ? 6.923   7.810   -4.704  1.00 13.91 ? 136 LYS A C   1 
ATOM   1034 O O   . LYS A 1 136 ? 7.853   8.189   -5.411  1.00 14.38 ? 136 LYS A O   1 
ATOM   1035 C CB  . LYS A 1 136 ? 5.325   6.122   -5.651  1.00 14.11 ? 136 LYS A CB  1 
ATOM   1036 C CG  . LYS A 1 136 ? 5.008   4.661   -5.926  1.00 14.01 ? 136 LYS A CG  1 
ATOM   1037 C CD  . LYS A 1 136 ? 3.836   4.536   -6.884  1.00 14.57 ? 136 LYS A CD  1 
ATOM   1038 C CE  . LYS A 1 136 ? 3.552   3.088   -7.240  1.00 14.97 ? 136 LYS A CE  1 
ATOM   1039 N NZ  . LYS A 1 136 ? 4.664   2.473   -8.015  1.00 16.57 ? 136 LYS A NZ  1 
ATOM   1040 N N   . LEU A 1 137 ? 6.240   8.621   -3.904  1.00 14.55 ? 137 LEU A N   1 
ATOM   1041 C CA  . LEU A 1 137 ? 6.521   10.048  -3.790  1.00 14.34 ? 137 LEU A CA  1 
ATOM   1042 C C   . LEU A 1 137 ? 7.886   10.302  -3.150  1.00 14.59 ? 137 LEU A C   1 
ATOM   1043 O O   . LEU A 1 137 ? 8.666   11.105  -3.654  1.00 15.24 ? 137 LEU A O   1 
ATOM   1044 C CB  . LEU A 1 137 ? 5.426   10.716  -2.957  1.00 14.95 ? 137 LEU A CB  1 
ATOM   1045 C CG  . LEU A 1 137 ? 5.574   12.184  -2.567  1.00 15.40 ? 137 LEU A CG  1 
ATOM   1046 C CD1 . LEU A 1 137 ? 5.572   13.064  -3.802  1.00 17.65 ? 137 LEU A CD1 1 
ATOM   1047 C CD2 . LEU A 1 137 ? 4.428   12.556  -1.657  1.00 16.34 ? 137 LEU A CD2 1 
ATOM   1048 N N   . LEU A 1 138 ? 8.166   9.618   -2.039  1.00 14.73 ? 138 LEU A N   1 
ATOM   1049 C CA  . LEU A 1 138 ? 9.439   9.759   -1.325  1.00 13.75 ? 138 LEU A CA  1 
ATOM   1050 C C   . LEU A 1 138 ? 10.605  9.220   -2.153  1.00 14.06 ? 138 LEU A C   1 
ATOM   1051 O O   . LEU A 1 138 ? 11.697  9.783   -2.139  1.00 14.97 ? 138 LEU A O   1 
ATOM   1052 C CB  . LEU A 1 138 ? 9.375   9.026   0.018   1.00 12.29 ? 138 LEU A CB  1 
ATOM   1053 C CG  . LEU A 1 138 ? 8.270   9.501   0.962   1.00 11.05 ? 138 LEU A CG  1 
ATOM   1054 C CD1 . LEU A 1 138 ? 8.243   8.630   2.198   1.00 10.81 ? 138 LEU A CD1 1 
ATOM   1055 C CD2 . LEU A 1 138 ? 8.502   10.951  1.331   1.00 10.22 ? 138 LEU A CD2 1 
ATOM   1056 N N   . ILE A 1 139 ? 10.371  8.125   -2.872  1.00 13.95 ? 139 ILE A N   1 
ATOM   1057 C CA  . ILE A 1 139 ? 11.405  7.540   -3.719  1.00 13.98 ? 139 ILE A CA  1 
ATOM   1058 C C   . ILE A 1 139 ? 11.808  8.546   -4.811  1.00 15.54 ? 139 ILE A C   1 
ATOM   1059 O O   . ILE A 1 139 ? 12.995  8.777   -5.057  1.00 15.47 ? 139 ILE A O   1 
ATOM   1060 C CB  . ILE A 1 139 ? 10.905  6.206   -4.357  1.00 12.14 ? 139 ILE A CB  1 
ATOM   1061 C CG1 . ILE A 1 139 ? 10.914  5.099   -3.295  1.00 10.72 ? 139 ILE A CG1 1 
ATOM   1062 C CG2 . ILE A 1 139 ? 11.767  5.817   -5.542  1.00 11.02 ? 139 ILE A CG2 1 
ATOM   1063 C CD1 . ILE A 1 139 ? 10.394  3.767   -3.769  1.00 8.76  ? 139 ILE A CD1 1 
ATOM   1064 N N   . LYS A 1 140 ? 10.812  9.163   -5.437  1.00 16.89 ? 140 LYS A N   1 
ATOM   1065 C CA  . LYS A 1 140 ? 11.047  10.139  -6.496  1.00 18.69 ? 140 LYS A CA  1 
ATOM   1066 C C   . LYS A 1 140 ? 11.682  11.450  -6.032  1.00 19.69 ? 140 LYS A C   1 
ATOM   1067 O O   . LYS A 1 140 ? 12.631  11.933  -6.652  1.00 20.64 ? 140 LYS A O   1 
ATOM   1068 C CB  . LYS A 1 140 ? 9.732   10.451  -7.215  1.00 19.47 ? 140 LYS A CB  1 
ATOM   1069 C CG  . LYS A 1 140 ? 9.147   9.273   -7.967  1.00 21.63 ? 140 LYS A CG  1 
ATOM   1070 C CD  . LYS A 1 140 ? 7.781   9.618   -8.535  1.00 24.29 ? 140 LYS A CD  1 
ATOM   1071 C CE  . LYS A 1 140 ? 7.182   8.436   -9.278  1.00 25.45 ? 140 LYS A CE  1 
ATOM   1072 N NZ  . LYS A 1 140 ? 5.780   8.708   -9.681  1.00 25.92 ? 140 LYS A NZ  1 
ATOM   1073 N N   . LYS A 1 141 ? 11.160  12.025  -4.951  1.00 20.45 ? 141 LYS A N   1 
ATOM   1074 C CA  . LYS A 1 141 ? 11.668  13.297  -4.444  1.00 20.35 ? 141 LYS A CA  1 
ATOM   1075 C C   . LYS A 1 141 ? 12.903  13.192  -3.555  1.00 19.06 ? 141 LYS A C   1 
ATOM   1076 O O   . LYS A 1 141 ? 13.830  13.987  -3.695  1.00 18.85 ? 141 LYS A O   1 
ATOM   1077 C CB  . LYS A 1 141 ? 10.572  14.045  -3.677  1.00 22.42 ? 141 LYS A CB  1 
ATOM   1078 C CG  . LYS A 1 141 ? 9.277   14.260  -4.450  1.00 25.00 ? 141 LYS A CG  1 
ATOM   1079 C CD  . LYS A 1 141 ? 9.480   15.125  -5.678  1.00 28.07 ? 141 LYS A CD  1 
ATOM   1080 C CE  . LYS A 1 141 ? 8.160   15.369  -6.405  1.00 29.90 ? 141 LYS A CE  1 
ATOM   1081 N NZ  . LYS A 1 141 ? 7.169   16.093  -5.554  1.00 31.21 ? 141 LYS A NZ  1 
ATOM   1082 N N   . TYR A 1 142 ? 12.926  12.219  -2.649  1.00 17.89 ? 142 TYR A N   1 
ATOM   1083 C CA  . TYR A 1 142 ? 14.061  12.077  -1.744  1.00 18.31 ? 142 TYR A CA  1 
ATOM   1084 C C   . TYR A 1 142 ? 15.004  10.919  -2.036  1.00 19.24 ? 142 TYR A C   1 
ATOM   1085 O O   . TYR A 1 142 ? 16.143  10.917  -1.567  1.00 20.34 ? 142 TYR A O   1 
ATOM   1086 C CB  . TYR A 1 142 ? 13.569  11.971  -0.301  1.00 17.90 ? 142 TYR A CB  1 
ATOM   1087 C CG  . TYR A 1 142 ? 12.672  13.113  0.100   1.00 17.51 ? 142 TYR A CG  1 
ATOM   1088 C CD1 . TYR A 1 142 ? 11.294  13.043  -0.091  1.00 17.02 ? 142 TYR A CD1 1 
ATOM   1089 C CD2 . TYR A 1 142 ? 13.208  14.287  0.620   1.00 17.44 ? 142 TYR A CD2 1 
ATOM   1090 C CE1 . TYR A 1 142 ? 10.471  14.114  0.222   1.00 17.38 ? 142 TYR A CE1 1 
ATOM   1091 C CE2 . TYR A 1 142 ? 12.398  15.364  0.935   1.00 18.54 ? 142 TYR A CE2 1 
ATOM   1092 C CZ  . TYR A 1 142 ? 11.032  15.274  0.734   1.00 18.43 ? 142 TYR A CZ  1 
ATOM   1093 O OH  . TYR A 1 142 ? 10.234  16.352  1.039   1.00 19.65 ? 142 TYR A OH  1 
ATOM   1094 N N   . ASP A 1 143 ? 14.538  9.937   -2.803  1.00 19.71 ? 143 ASP A N   1 
ATOM   1095 C CA  . ASP A 1 143 ? 15.372  8.787   -3.139  1.00 19.60 ? 143 ASP A CA  1 
ATOM   1096 C C   . ASP A 1 143 ? 15.829  8.113   -1.840  1.00 18.73 ? 143 ASP A C   1 
ATOM   1097 O O   . ASP A 1 143 ? 17.015  7.839   -1.647  1.00 18.40 ? 143 ASP A O   1 
ATOM   1098 C CB  . ASP A 1 143 ? 16.582  9.259   -3.944  1.00 20.21 ? 143 ASP A CB  1 
ATOM   1099 C CG  . ASP A 1 143 ? 17.274  8.133   -4.663  1.00 21.92 ? 143 ASP A CG  1 
ATOM   1100 O OD1 . ASP A 1 143 ? 18.342  8.382   -5.257  1.00 23.92 ? 143 ASP A OD1 1 
ATOM   1101 O OD2 . ASP A 1 143 ? 16.751  7.000   -4.644  1.00 23.38 ? 143 ASP A OD2 1 
ATOM   1102 N N   . ILE A 1 144 ? 14.864  7.839   -0.965  1.00 18.26 ? 144 ILE A N   1 
ATOM   1103 C CA  . ILE A 1 144 ? 15.116  7.239   0.344   1.00 18.29 ? 144 ILE A CA  1 
ATOM   1104 C C   . ILE A 1 144 ? 15.730  5.842   0.394   1.00 18.24 ? 144 ILE A C   1 
ATOM   1105 O O   . ILE A 1 144 ? 16.208  5.418   1.445   1.00 18.35 ? 144 ILE A O   1 
ATOM   1106 C CB  . ILE A 1 144 ? 13.819  7.213   1.200   1.00 17.93 ? 144 ILE A CB  1 
ATOM   1107 C CG1 . ILE A 1 144 ? 12.722  6.431   0.474   1.00 16.68 ? 144 ILE A CG1 1 
ATOM   1108 C CG2 . ILE A 1 144 ? 13.369  8.635   1.496   1.00 17.82 ? 144 ILE A CG2 1 
ATOM   1109 C CD1 . ILE A 1 144 ? 11.437  6.315   1.246   1.00 15.74 ? 144 ILE A CD1 1 
ATOM   1110 N N   . TYR A 1 145 ? 15.725  5.124   -0.722  1.00 18.18 ? 145 TYR A N   1 
ATOM   1111 C CA  . TYR A 1 145 ? 16.282  3.773   -0.735  1.00 18.47 ? 145 TYR A CA  1 
ATOM   1112 C C   . TYR A 1 145 ? 17.570  3.687   -1.542  1.00 20.00 ? 145 TYR A C   1 
ATOM   1113 O O   . TYR A 1 145 ? 18.046  2.594   -1.844  1.00 20.15 ? 145 TYR A O   1 
ATOM   1114 C CB  . TYR A 1 145 ? 15.255  2.792   -1.300  1.00 16.89 ? 145 TYR A CB  1 
ATOM   1115 C CG  . TYR A 1 145 ? 14.016  2.625   -0.447  1.00 15.74 ? 145 TYR A CG  1 
ATOM   1116 C CD1 . TYR A 1 145 ? 12.749  2.599   -1.027  1.00 15.38 ? 145 TYR A CD1 1 
ATOM   1117 C CD2 . TYR A 1 145 ? 14.112  2.438   0.933   1.00 15.69 ? 145 TYR A CD2 1 
ATOM   1118 C CE1 . TYR A 1 145 ? 11.610  2.389   -0.260  1.00 15.77 ? 145 TYR A CE1 1 
ATOM   1119 C CE2 . TYR A 1 145 ? 12.979  2.226   1.710   1.00 15.62 ? 145 TYR A CE2 1 
ATOM   1120 C CZ  . TYR A 1 145 ? 11.731  2.200   1.105   1.00 15.96 ? 145 TYR A CZ  1 
ATOM   1121 O OH  . TYR A 1 145 ? 10.603  1.966   1.858   1.00 16.84 ? 145 TYR A OH  1 
ATOM   1122 N N   . ASN A 1 146 ? 18.127  4.844   -1.885  1.00 21.86 ? 146 ASN A N   1 
ATOM   1123 C CA  . ASN A 1 146 ? 19.361  4.918   -2.657  1.00 23.70 ? 146 ASN A CA  1 
ATOM   1124 C C   . ASN A 1 146 ? 20.464  4.086   -2.002  1.00 24.51 ? 146 ASN A C   1 
ATOM   1125 O O   . ASN A 1 146 ? 20.633  4.120   -0.783  1.00 24.83 ? 146 ASN A O   1 
ATOM   1126 C CB  . ASN A 1 146 ? 19.790  6.385   -2.780  1.00 24.59 ? 146 ASN A CB  1 
ATOM   1127 C CG  . ASN A 1 146 ? 21.118  6.554   -3.493  1.00 26.10 ? 146 ASN A CG  1 
ATOM   1128 O OD1 . ASN A 1 146 ? 22.165  6.167   -2.979  1.00 27.12 ? 146 ASN A OD1 1 
ATOM   1129 N ND2 . ASN A 1 146 ? 21.080  7.142   -4.684  1.00 26.24 ? 146 ASN A ND2 1 
ATOM   1130 N N   . ASN A 1 147 ? 21.203  3.330   -2.813  1.00 25.36 ? 147 ASN A N   1 
ATOM   1131 C CA  . ASN A 1 147 ? 22.287  2.492   -2.301  1.00 26.20 ? 147 ASN A CA  1 
ATOM   1132 C C   . ASN A 1 147 ? 23.670  3.065   -2.585  1.00 26.82 ? 147 ASN A C   1 
ATOM   1133 O O   . ASN A 1 147 ? 24.676  2.516   -2.135  1.00 27.57 ? 147 ASN A O   1 
ATOM   1134 C CB  . ASN A 1 147 ? 22.209  1.071   -2.880  1.00 25.84 ? 147 ASN A CB  1 
ATOM   1135 C CG  . ASN A 1 147 ? 21.291  0.158   -2.080  1.00 24.98 ? 147 ASN A CG  1 
ATOM   1136 O OD1 . ASN A 1 147 ? 21.350  0.123   -0.851  1.00 25.34 ? 147 ASN A OD1 1 
ATOM   1137 N ND2 . ASN A 1 147 ? 20.451  -0.598  -2.777  1.00 24.66 ? 147 ASN A ND2 1 
ATOM   1138 N N   . ARG A 1 148 ? 23.720  4.161   -3.335  1.00 27.80 ? 148 ARG A N   1 
ATOM   1139 C CA  . ARG A 1 148 ? 24.989  4.805   -3.651  1.00 28.81 ? 148 ARG A CA  1 
ATOM   1140 C C   . ARG A 1 148 ? 25.450  5.599   -2.435  1.00 29.06 ? 148 ARG A C   1 
ATOM   1141 O O   . ARG A 1 148 ? 26.457  5.269   -1.813  1.00 30.06 ? 148 ARG A O   1 
ATOM   1142 C CB  . ARG A 1 148 ? 24.842  5.739   -4.858  1.00 28.94 ? 148 ARG A CB  1 
ATOM   1143 C CG  . ARG A 1 148 ? 24.413  5.039   -6.133  0.00 29.44 ? 148 ARG A CG  1 
ATOM   1144 C CD  . ARG A 1 148 ? 24.301  6.020   -7.286  0.00 29.78 ? 148 ARG A CD  1 
ATOM   1145 N NE  . ARG A 1 148 ? 23.903  5.359   -8.524  0.00 30.15 ? 148 ARG A NE  1 
ATOM   1146 C CZ  . ARG A 1 148 ? 23.745  5.984   -9.687  0.00 30.33 ? 148 ARG A CZ  1 
ATOM   1147 N NH1 . ARG A 1 148 ? 23.950  7.291   -9.773  0.00 30.49 ? 148 ARG A NH1 1 
ATOM   1148 N NH2 . ARG A 1 148 ? 23.381  5.301   -10.764 0.00 30.49 ? 148 ARG A NH2 1 
ATOM   1149 N N   . GLU A 1 149 ? 24.702  6.639   -2.087  1.00 29.31 ? 149 GLU A N   1 
ATOM   1150 C CA  . GLU A 1 149 ? 25.050  7.460   -0.940  1.00 30.45 ? 149 GLU A CA  1 
ATOM   1151 C C   . GLU A 1 149 ? 24.433  6.942   0.358   1.00 29.78 ? 149 GLU A C   1 
ATOM   1152 O O   . GLU A 1 149 ? 25.034  7.059   1.425   1.00 30.73 ? 149 GLU A O   1 
ATOM   1153 C CB  . GLU A 1 149 ? 24.617  8.905   -1.184  1.00 33.21 ? 149 GLU A CB  1 
ATOM   1154 C CG  . GLU A 1 149 ? 25.439  9.613   -2.253  1.00 39.17 ? 149 GLU A CG  1 
ATOM   1155 C CD  . GLU A 1 149 ? 24.600  10.114  -3.413  1.00 42.17 ? 149 GLU A CD  1 
ATOM   1156 O OE1 . GLU A 1 149 ? 23.749  11.007  -3.194  1.00 43.22 ? 149 GLU A OE1 1 
ATOM   1157 O OE2 . GLU A 1 149 ? 24.794  9.615   -4.545  1.00 44.92 ? 149 GLU A OE2 1 
ATOM   1158 N N   . GLN A 1 150 ? 23.243  6.355   0.261   1.00 28.19 ? 150 GLN A N   1 
ATOM   1159 C CA  . GLN A 1 150 ? 22.537  5.833   1.429   1.00 24.72 ? 150 GLN A CA  1 
ATOM   1160 C C   . GLN A 1 150 ? 22.403  6.928   2.479   1.00 23.89 ? 150 GLN A C   1 
ATOM   1161 O O   . GLN A 1 150 ? 22.842  6.767   3.618   1.00 23.91 ? 150 GLN A O   1 
ATOM   1162 C CB  . GLN A 1 150 ? 23.279  4.632   2.027   1.00 22.78 ? 150 GLN A CB  1 
ATOM   1163 C CG  . GLN A 1 150 ? 23.393  3.437   1.101   1.00 21.92 ? 150 GLN A CG  1 
ATOM   1164 C CD  . GLN A 1 150 ? 23.822  2.173   1.826   1.00 22.95 ? 150 GLN A CD  1 
ATOM   1165 O OE1 . GLN A 1 150 ? 24.815  2.164   2.555   1.00 24.69 ? 150 GLN A OE1 1 
ATOM   1166 N NE2 . GLN A 1 150 ? 23.075  1.094   1.627   1.00 23.08 ? 150 GLN A NE2 1 
ATOM   1167 N N   . LYS A 1 151 ? 21.794  8.044   2.083   1.00 22.82 ? 151 LYS A N   1 
ATOM   1168 C CA  . LYS A 1 151 ? 21.600  9.184   2.975   1.00 22.10 ? 151 LYS A CA  1 
ATOM   1169 C C   . LYS A 1 151 ? 20.486  8.949   3.997   1.00 21.54 ? 151 LYS A C   1 
ATOM   1170 O O   . LYS A 1 151 ? 20.501  9.542   5.079   1.00 21.13 ? 151 LYS A O   1 
ATOM   1171 C CB  . LYS A 1 151 ? 21.289  10.447  2.161   1.00 21.97 ? 151 LYS A CB  1 
ATOM   1172 C CG  . LYS A 1 151 ? 22.380  10.857  1.188   0.00 22.13 ? 151 LYS A CG  1 
ATOM   1173 C CD  . LYS A 1 151 ? 21.975  12.108  0.423   0.00 22.18 ? 151 LYS A CD  1 
ATOM   1174 C CE  . LYS A 1 151 ? 23.058  12.542  -0.550  0.00 22.27 ? 151 LYS A CE  1 
ATOM   1175 N NZ  . LYS A 1 151 ? 22.660  13.763  -1.305  0.00 22.28 ? 151 LYS A NZ  1 
ATOM   1176 N N   . TYR A 1 152 ? 19.523  8.091   3.655   1.00 20.71 ? 152 TYR A N   1 
ATOM   1177 C CA  . TYR A 1 152 ? 18.414  7.792   4.559   1.00 19.65 ? 152 TYR A CA  1 
ATOM   1178 C C   . TYR A 1 152 ? 18.476  6.348   5.032   1.00 19.16 ? 152 TYR A C   1 
ATOM   1179 O O   . TYR A 1 152 ? 18.920  5.469   4.294   1.00 19.57 ? 152 TYR A O   1 
ATOM   1180 C CB  . TYR A 1 152 ? 17.066  8.070   3.880   1.00 19.54 ? 152 TYR A CB  1 
ATOM   1181 C CG  . TYR A 1 152 ? 16.875  9.524   3.496   1.00 19.98 ? 152 TYR A CG  1 
ATOM   1182 C CD1 . TYR A 1 152 ? 17.281  9.995   2.249   1.00 20.85 ? 152 TYR A CD1 1 
ATOM   1183 C CD2 . TYR A 1 152 ? 16.353  10.441  4.406   1.00 19.66 ? 152 TYR A CD2 1 
ATOM   1184 C CE1 . TYR A 1 152 ? 17.178  11.341  1.920   1.00 21.37 ? 152 TYR A CE1 1 
ATOM   1185 C CE2 . TYR A 1 152 ? 16.246  11.792  4.087   1.00 20.45 ? 152 TYR A CE2 1 
ATOM   1186 C CZ  . TYR A 1 152 ? 16.663  12.236  2.844   1.00 21.52 ? 152 TYR A CZ  1 
ATOM   1187 O OH  . TYR A 1 152 ? 16.589  13.575  2.525   1.00 23.16 ? 152 TYR A OH  1 
ATOM   1188 N N   . SER A 1 153 ? 18.031  6.112   6.265   1.00 18.62 ? 153 SER A N   1 
ATOM   1189 C CA  . SER A 1 153 ? 18.058  4.777   6.854   1.00 17.97 ? 153 SER A CA  1 
ATOM   1190 C C   . SER A 1 153 ? 16.982  4.556   7.911   1.00 17.30 ? 153 SER A C   1 
ATOM   1191 O O   . SER A 1 153 ? 16.790  3.437   8.379   1.00 17.84 ? 153 SER A O   1 
ATOM   1192 C CB  . SER A 1 153 ? 19.426  4.532   7.483   1.00 19.56 ? 153 SER A CB  1 
ATOM   1193 O OG  . SER A 1 153 ? 19.755  5.575   8.388   1.00 20.38 ? 153 SER A OG  1 
ATOM   1194 N N   . LYS A 1 154 ? 16.300  5.629   8.300   1.00 16.91 ? 154 LYS A N   1 
ATOM   1195 C CA  . LYS A 1 154 ? 15.232  5.554   9.298   1.00 16.00 ? 154 LYS A CA  1 
ATOM   1196 C C   . LYS A 1 154 ? 14.031  6.353   8.813   1.00 14.61 ? 154 LYS A C   1 
ATOM   1197 O O   . LYS A 1 154 ? 14.182  7.458   8.293   1.00 14.16 ? 154 LYS A O   1 
ATOM   1198 C CB  . LYS A 1 154 ? 15.696  6.116   10.655  1.00 16.75 ? 154 LYS A CB  1 
ATOM   1199 C CG  . LYS A 1 154 ? 16.669  5.227   11.421  1.00 18.30 ? 154 LYS A CG  1 
ATOM   1200 C CD  . LYS A 1 154 ? 16.980  5.788   12.799  0.00 17.75 ? 154 LYS A CD  1 
ATOM   1201 C CE  . LYS A 1 154 ? 17.925  4.873   13.564  0.00 17.91 ? 154 LYS A CE  1 
ATOM   1202 N NZ  . LYS A 1 154 ? 18.227  5.388   14.927  0.00 17.78 ? 154 LYS A NZ  1 
ATOM   1203 N N   . GLY A 1 155 ? 12.837  5.801   8.983   1.00 13.49 ? 155 GLY A N   1 
ATOM   1204 C CA  . GLY A 1 155 ? 11.660  6.520   8.547   1.00 12.73 ? 155 GLY A CA  1 
ATOM   1205 C C   . GLY A 1 155 ? 10.342  5.822   8.795   1.00 12.57 ? 155 GLY A C   1 
ATOM   1206 O O   . GLY A 1 155 ? 10.289  4.606   8.960   1.00 11.90 ? 155 GLY A O   1 
ATOM   1207 N N   . THR A 1 156 ? 9.269   6.607   8.821   1.00 12.71 ? 156 THR A N   1 
ATOM   1208 C CA  . THR A 1 156 ? 7.930   6.080   9.036   1.00 12.06 ? 156 THR A CA  1 
ATOM   1209 C C   . THR A 1 156 ? 6.884   6.857   8.247   1.00 11.73 ? 156 THR A C   1 
ATOM   1210 O O   . THR A 1 156 ? 7.094   8.006   7.853   1.00 11.54 ? 156 THR A O   1 
ATOM   1211 C CB  . THR A 1 156 ? 7.529   6.115   10.532  1.00 11.21 ? 156 THR A CB  1 
ATOM   1212 O OG1 . THR A 1 156 ? 7.640   7.451   11.036  1.00 11.92 ? 156 THR A OG1 1 
ATOM   1213 C CG2 . THR A 1 156 ? 8.416   5.196   11.343  1.00 12.19 ? 156 THR A CG2 1 
ATOM   1214 N N   . VAL A 1 157 ? 5.761   6.198   8.004   1.00 11.98 ? 157 VAL A N   1 
ATOM   1215 C CA  . VAL A 1 157 ? 4.642   6.796   7.301   1.00 13.74 ? 157 VAL A CA  1 
ATOM   1216 C C   . VAL A 1 157 ? 3.476   6.622   8.265   1.00 14.97 ? 157 VAL A C   1 
ATOM   1217 O O   . VAL A 1 157 ? 3.048   5.498   8.520   1.00 16.02 ? 157 VAL A O   1 
ATOM   1218 C CB  . VAL A 1 157 ? 4.339   6.055   5.981   1.00 13.58 ? 157 VAL A CB  1 
ATOM   1219 C CG1 . VAL A 1 157 ? 3.109   6.650   5.324   1.00 12.99 ? 157 VAL A CG1 1 
ATOM   1220 C CG2 . VAL A 1 157 ? 5.530   6.153   5.046   1.00 14.13 ? 157 VAL A CG2 1 
ATOM   1221 N N   . THR A 1 158 ? 2.985   7.726   8.825   1.00 15.21 ? 158 THR A N   1 
ATOM   1222 C CA  . THR A 1 158 ? 1.884   7.661   9.777   1.00 14.61 ? 158 THR A CA  1 
ATOM   1223 C C   . THR A 1 158 ? 0.607   8.254   9.234   1.00 15.05 ? 158 THR A C   1 
ATOM   1224 O O   . THR A 1 158 ? 0.574   9.415   8.836   1.00 15.90 ? 158 THR A O   1 
ATOM   1225 C CB  . THR A 1 158 ? 2.201   8.415   11.076  1.00 14.55 ? 158 THR A CB  1 
ATOM   1226 O OG1 . THR A 1 158 ? 3.411   7.911   11.646  1.00 15.92 ? 158 THR A OG1 1 
ATOM   1227 C CG2 . THR A 1 158 ? 1.064   8.240   12.073  1.00 14.39 ? 158 THR A CG2 1 
ATOM   1228 N N   . LEU A 1 159 ? -0.447  7.447   9.218   1.00 15.97 ? 159 LEU A N   1 
ATOM   1229 C CA  . LEU A 1 159 ? -1.747  7.912   8.765   1.00 16.31 ? 159 LEU A CA  1 
ATOM   1230 C C   . LEU A 1 159 ? -2.482  8.358   10.017  1.00 17.03 ? 159 LEU A C   1 
ATOM   1231 O O   . LEU A 1 159 ? -2.944  7.536   10.809  1.00 16.26 ? 159 LEU A O   1 
ATOM   1232 C CB  . LEU A 1 159 ? -2.520  6.795   8.066   1.00 15.49 ? 159 LEU A CB  1 
ATOM   1233 C CG  . LEU A 1 159 ? -2.007  6.377   6.685   1.00 15.88 ? 159 LEU A CG  1 
ATOM   1234 C CD1 . LEU A 1 159 ? -0.668  5.667   6.807   1.00 16.30 ? 159 LEU A CD1 1 
ATOM   1235 C CD2 . LEU A 1 159 ? -3.028  5.466   6.036   1.00 16.56 ? 159 LEU A CD2 1 
ATOM   1236 N N   . ASP A 1 160 ? -2.563  9.671   10.195  1.00 18.71 ? 160 ASP A N   1 
ATOM   1237 C CA  . ASP A 1 160 ? -3.221  10.257  11.352  1.00 21.52 ? 160 ASP A CA  1 
ATOM   1238 C C   . ASP A 1 160 ? -4.720  10.382  11.071  1.00 22.27 ? 160 ASP A C   1 
ATOM   1239 O O   . ASP A 1 160 ? -5.140  11.238  10.293  1.00 22.51 ? 160 ASP A O   1 
ATOM   1240 C CB  . ASP A 1 160 ? -2.604  11.632  11.631  1.00 23.74 ? 160 ASP A CB  1 
ATOM   1241 C CG  . ASP A 1 160 ? -2.844  12.108  13.051  1.00 25.97 ? 160 ASP A CG  1 
ATOM   1242 O OD1 . ASP A 1 160 ? -2.446  13.249  13.373  1.00 27.66 ? 160 ASP A OD1 1 
ATOM   1243 O OD2 . ASP A 1 160 ? -3.425  11.342  13.848  1.00 28.10 ? 160 ASP A OD2 1 
ATOM   1244 N N   . LEU A 1 161 ? -5.520  9.527   11.705  1.00 22.92 ? 161 LEU A N   1 
ATOM   1245 C CA  . LEU A 1 161 ? -6.971  9.522   11.507  1.00 23.54 ? 161 LEU A CA  1 
ATOM   1246 C C   . LEU A 1 161 ? -7.689  10.419  12.511  1.00 24.94 ? 161 LEU A C   1 
ATOM   1247 O O   . LEU A 1 161 ? -7.283  10.502  13.670  1.00 25.54 ? 161 LEU A O   1 
ATOM   1248 C CB  . LEU A 1 161 ? -7.507  8.095   11.638  1.00 22.87 ? 161 LEU A CB  1 
ATOM   1249 C CG  . LEU A 1 161 ? -6.742  6.991   10.903  1.00 22.59 ? 161 LEU A CG  1 
ATOM   1250 C CD1 . LEU A 1 161 ? -7.427  5.661   11.140  1.00 22.22 ? 161 LEU A CD1 1 
ATOM   1251 C CD2 . LEU A 1 161 ? -6.680  7.302   9.418   1.00 23.50 ? 161 LEU A CD2 1 
ATOM   1252 N N   . ASN A 1 162 ? -8.760  11.076  12.067  1.00 26.45 ? 162 ASN A N   1 
ATOM   1253 C CA  . ASN A 1 162 ? -9.529  11.967  12.935  1.00 27.57 ? 162 ASN A CA  1 
ATOM   1254 C C   . ASN A 1 162 ? -10.215 11.217  14.070  1.00 29.16 ? 162 ASN A C   1 
ATOM   1255 O O   . ASN A 1 162 ? -10.574 11.806  15.090  1.00 29.78 ? 162 ASN A O   1 
ATOM   1256 C CB  . ASN A 1 162 ? -10.596 12.722  12.137  1.00 26.05 ? 162 ASN A CB  1 
ATOM   1257 C CG  . ASN A 1 162 ? -10.013 13.541  11.002  1.00 25.76 ? 162 ASN A CG  1 
ATOM   1258 O OD1 . ASN A 1 162 ? -8.841  13.912  11.021  1.00 25.83 ? 162 ASN A OD1 1 
ATOM   1259 N ND2 . ASN A 1 162 ? -10.840 13.843  10.014  1.00 27.08 ? 162 ASN A ND2 1 
ATOM   1260 N N   . SER A 1 163 ? -10.393 9.913   13.888  1.00 31.39 ? 163 SER A N   1 
ATOM   1261 C CA  . SER A 1 163 ? -11.047 9.078   14.889  1.00 34.33 ? 163 SER A CA  1 
ATOM   1262 C C   . SER A 1 163 ? -10.130 8.727   16.053  1.00 35.34 ? 163 SER A C   1 
ATOM   1263 O O   . SER A 1 163 ? -10.434 7.832   16.845  1.00 35.91 ? 163 SER A O   1 
ATOM   1264 C CB  . SER A 1 163 ? -11.551 7.792   14.237  1.00 35.52 ? 163 SER A CB  1 
ATOM   1265 O OG  . SER A 1 163 ? -10.487 7.108   13.600  1.00 37.28 ? 163 SER A OG  1 
ATOM   1266 N N   . GLY A 1 164 ? -9.008  9.431   16.152  1.00 36.40 ? 164 GLY A N   1 
ATOM   1267 C CA  . GLY A 1 164 ? -8.067  9.176   17.227  1.00 36.88 ? 164 GLY A CA  1 
ATOM   1268 C C   . GLY A 1 164 ? -7.372  7.831   17.121  1.00 36.97 ? 164 GLY A C   1 
ATOM   1269 O O   . GLY A 1 164 ? -7.426  7.029   18.053  1.00 38.48 ? 164 GLY A O   1 
ATOM   1270 N N   . LYS A 1 165 ? -6.720  7.585   15.986  1.00 36.08 ? 165 LYS A N   1 
ATOM   1271 C CA  . LYS A 1 165 ? -5.998  6.335   15.744  1.00 34.33 ? 165 LYS A CA  1 
ATOM   1272 C C   . LYS A 1 165 ? -4.931  6.564   14.681  1.00 32.88 ? 165 LYS A C   1 
ATOM   1273 O O   . LYS A 1 165 ? -5.171  7.254   13.690  1.00 33.62 ? 165 LYS A O   1 
ATOM   1274 C CB  . LYS A 1 165 ? -6.962  5.233   15.273  1.00 34.02 ? 165 LYS A CB  1 
ATOM   1275 C CG  . LYS A 1 165 ? -6.285  3.919   14.887  1.00 33.16 ? 165 LYS A CG  1 
ATOM   1276 C CD  . LYS A 1 165 ? -7.297  2.858   14.487  0.00 33.51 ? 165 LYS A CD  1 
ATOM   1277 C CE  . LYS A 1 165 ? -6.602  1.554   14.123  0.00 33.56 ? 165 LYS A CE  1 
ATOM   1278 N NZ  . LYS A 1 165 ? -7.567  0.492   13.725  0.00 33.54 ? 165 LYS A NZ  1 
ATOM   1279 N N   . ASP A 1 166 ? -3.747  6.002   14.892  1.00 30.66 ? 166 ASP A N   1 
ATOM   1280 C CA  . ASP A 1 166 ? -2.674  6.141   13.921  1.00 28.48 ? 166 ASP A CA  1 
ATOM   1281 C C   . ASP A 1 166 ? -2.348  4.782   13.334  1.00 26.51 ? 166 ASP A C   1 
ATOM   1282 O O   . ASP A 1 166 ? -2.433  3.763   14.015  1.00 27.58 ? 166 ASP A O   1 
ATOM   1283 C CB  . ASP A 1 166 ? -1.415  6.730   14.562  1.00 29.42 ? 166 ASP A CB  1 
ATOM   1284 C CG  . ASP A 1 166 ? -1.598  8.171   15.002  1.00 31.33 ? 166 ASP A CG  1 
ATOM   1285 O OD1 . ASP A 1 166 ? -2.446  8.874   14.419  1.00 32.41 ? 166 ASP A OD1 1 
ATOM   1286 O OD2 . ASP A 1 166 ? -0.881  8.611   15.920  1.00 32.73 ? 166 ASP A OD2 1 
ATOM   1287 N N   . ILE A 1 167 ? -1.995  4.768   12.058  1.00 23.82 ? 167 ILE A N   1 
ATOM   1288 C CA  . ILE A 1 167 ? -1.625  3.536   11.379  1.00 21.25 ? 167 ILE A CA  1 
ATOM   1289 C C   . ILE A 1 167 ? -0.226  3.822   10.854  1.00 20.53 ? 167 ILE A C   1 
ATOM   1290 O O   . ILE A 1 167 ? -0.062  4.598   9.916   1.00 21.34 ? 167 ILE A O   1 
ATOM   1291 C CB  . ILE A 1 167 ? -2.572  3.245   10.205  1.00 20.44 ? 167 ILE A CB  1 
ATOM   1292 C CG1 . ILE A 1 167 ? -4.013  3.166   10.715  1.00 19.25 ? 167 ILE A CG1 1 
ATOM   1293 C CG2 . ILE A 1 167 ? -2.173  1.950   9.523   1.00 20.37 ? 167 ILE A CG2 1 
ATOM   1294 C CD1 . ILE A 1 167 ? -5.055  3.169   9.618   1.00 17.93 ? 167 ILE A CD1 1 
ATOM   1295 N N   . VAL A 1 168 ? 0.782   3.207   11.468  1.00 18.96 ? 168 VAL A N   1 
ATOM   1296 C CA  . VAL A 1 168 ? 2.169   3.444   11.081  1.00 17.77 ? 168 VAL A CA  1 
ATOM   1297 C C   . VAL A 1 168 ? 2.830   2.352   10.250  1.00 17.44 ? 168 VAL A C   1 
ATOM   1298 O O   . VAL A 1 168 ? 2.638   1.163   10.492  1.00 17.93 ? 168 VAL A O   1 
ATOM   1299 C CB  . VAL A 1 168 ? 3.041   3.687   12.326  1.00 16.95 ? 168 VAL A CB  1 
ATOM   1300 C CG1 . VAL A 1 168 ? 4.472   3.946   11.916  1.00 16.88 ? 168 VAL A CG1 1 
ATOM   1301 C CG2 . VAL A 1 168 ? 2.497   4.862   13.116  1.00 17.85 ? 168 VAL A CG2 1 
ATOM   1302 N N   . PHE A 1 169 ? 3.616   2.780   9.264   1.00 17.02 ? 169 PHE A N   1 
ATOM   1303 C CA  . PHE A 1 169 ? 4.350   1.872   8.389   1.00 16.42 ? 169 PHE A CA  1 
ATOM   1304 C C   . PHE A 1 169 ? 5.833   2.210   8.475   1.00 16.62 ? 169 PHE A C   1 
ATOM   1305 O O   . PHE A 1 169 ? 6.216   3.367   8.314   1.00 16.48 ? 169 PHE A O   1 
ATOM   1306 C CB  . PHE A 1 169 ? 3.905   2.023   6.932   1.00 15.78 ? 169 PHE A CB  1 
ATOM   1307 C CG  . PHE A 1 169 ? 2.535   1.482   6.648   1.00 15.31 ? 169 PHE A CG  1 
ATOM   1308 C CD1 . PHE A 1 169 ? 1.487   2.344   6.335   1.00 14.66 ? 169 PHE A CD1 1 
ATOM   1309 C CD2 . PHE A 1 169 ? 2.300   0.112   6.655   1.00 14.95 ? 169 PHE A CD2 1 
ATOM   1310 C CE1 . PHE A 1 169 ? 0.225   1.847   6.030   1.00 14.74 ? 169 PHE A CE1 1 
ATOM   1311 C CE2 . PHE A 1 169 ? 1.043   -0.396  6.352   1.00 14.99 ? 169 PHE A CE2 1 
ATOM   1312 C CZ  . PHE A 1 169 ? 0.003   0.473   6.038   1.00 14.77 ? 169 PHE A CZ  1 
ATOM   1313 N N   . ASP A 1 170 ? 6.661   1.205   8.734   1.00 16.93 ? 170 ASP A N   1 
ATOM   1314 C CA  . ASP A 1 170 ? 8.100   1.418   8.816   1.00 17.26 ? 170 ASP A CA  1 
ATOM   1315 C C   . ASP A 1 170 ? 8.632   1.364   7.393   1.00 16.06 ? 170 ASP A C   1 
ATOM   1316 O O   . ASP A 1 170 ? 8.502   0.343   6.722   1.00 16.97 ? 170 ASP A O   1 
ATOM   1317 C CB  . ASP A 1 170 ? 8.754   0.325   9.670   1.00 19.69 ? 170 ASP A CB  1 
ATOM   1318 C CG  . ASP A 1 170 ? 10.250  0.539   9.860   1.00 21.15 ? 170 ASP A CG  1 
ATOM   1319 O OD1 . ASP A 1 170 ? 10.848  -0.183  10.687  1.00 24.13 ? 170 ASP A OD1 1 
ATOM   1320 O OD2 . ASP A 1 170 ? 10.832  1.416   9.188   1.00 21.95 ? 170 ASP A OD2 1 
ATOM   1321 N N   . LEU A 1 171 ? 9.214   2.469   6.938   1.00 15.19 ? 171 LEU A N   1 
ATOM   1322 C CA  . LEU A 1 171 ? 9.756   2.566   5.588   1.00 13.95 ? 171 LEU A CA  1 
ATOM   1323 C C   . LEU A 1 171 ? 10.933  1.634   5.345   1.00 14.73 ? 171 LEU A C   1 
ATOM   1324 O O   . LEU A 1 171 ? 11.326  1.416   4.198   1.00 14.22 ? 171 LEU A O   1 
ATOM   1325 C CB  . LEU A 1 171 ? 10.168  4.008   5.291   1.00 11.95 ? 171 LEU A CB  1 
ATOM   1326 C CG  . LEU A 1 171 ? 9.015   4.987   5.067   1.00 10.17 ? 171 LEU A CG  1 
ATOM   1327 C CD1 . LEU A 1 171 ? 9.535   6.421   5.006   1.00 9.12  ? 171 LEU A CD1 1 
ATOM   1328 C CD2 . LEU A 1 171 ? 8.295   4.604   3.783   1.00 10.28 ? 171 LEU A CD2 1 
ATOM   1329 N N   . TYR A 1 172 ? 11.494  1.082   6.418   1.00 15.61 ? 172 TYR A N   1 
ATOM   1330 C CA  . TYR A 1 172 ? 12.625  0.174   6.279   1.00 16.09 ? 172 TYR A CA  1 
ATOM   1331 C C   . TYR A 1 172 ? 12.409  -1.227  6.855   1.00 17.53 ? 172 TYR A C   1 
ATOM   1332 O O   . TYR A 1 172 ? 13.308  -1.800  7.478   1.00 18.88 ? 172 TYR A O   1 
ATOM   1333 C CB  . TYR A 1 172 ? 13.889  0.808   6.868   1.00 13.99 ? 172 TYR A CB  1 
ATOM   1334 C CG  . TYR A 1 172 ? 14.283  2.075   6.148   1.00 14.59 ? 172 TYR A CG  1 
ATOM   1335 C CD1 . TYR A 1 172 ? 13.772  3.317   6.544   1.00 14.55 ? 172 TYR A CD1 1 
ATOM   1336 C CD2 . TYR A 1 172 ? 15.112  2.035   5.024   1.00 14.81 ? 172 TYR A CD2 1 
ATOM   1337 C CE1 . TYR A 1 172 ? 14.074  4.484   5.839   1.00 13.29 ? 172 TYR A CE1 1 
ATOM   1338 C CE2 . TYR A 1 172 ? 15.417  3.202   4.307   1.00 13.91 ? 172 TYR A CE2 1 
ATOM   1339 C CZ  . TYR A 1 172 ? 14.893  4.421   4.723   1.00 13.56 ? 172 TYR A CZ  1 
ATOM   1340 O OH  . TYR A 1 172 ? 15.177  5.573   4.022   1.00 13.27 ? 172 TYR A OH  1 
ATOM   1341 N N   . TYR A 1 173 ? 11.209  -1.768  6.642   1.00 18.73 ? 173 TYR A N   1 
ATOM   1342 C CA  . TYR A 1 173 ? 10.862  -3.122  7.079   1.00 18.31 ? 173 TYR A CA  1 
ATOM   1343 C C   . TYR A 1 173 ? 11.050  -4.018  5.857   1.00 18.06 ? 173 TYR A C   1 
ATOM   1344 O O   . TYR A 1 173 ? 10.346  -3.875  4.857   1.00 17.54 ? 173 TYR A O   1 
ATOM   1345 C CB  . TYR A 1 173 ? 9.401   -3.195  7.548   1.00 19.28 ? 173 TYR A CB  1 
ATOM   1346 C CG  . TYR A 1 173 ? 8.889   -4.613  7.775   1.00 20.43 ? 173 TYR A CG  1 
ATOM   1347 C CD1 . TYR A 1 173 ? 9.309   -5.370  8.873   1.00 20.98 ? 173 TYR A CD1 1 
ATOM   1348 C CD2 . TYR A 1 173 ? 8.003   -5.207  6.874   1.00 20.84 ? 173 TYR A CD2 1 
ATOM   1349 C CE1 . TYR A 1 173 ? 8.859   -6.683  9.062   1.00 20.46 ? 173 TYR A CE1 1 
ATOM   1350 C CE2 . TYR A 1 173 ? 7.549   -6.518  7.056   1.00 20.46 ? 173 TYR A CE2 1 
ATOM   1351 C CZ  . TYR A 1 173 ? 7.981   -7.247  8.149   1.00 20.64 ? 173 TYR A CZ  1 
ATOM   1352 O OH  . TYR A 1 173 ? 7.534   -8.537  8.324   1.00 21.23 ? 173 TYR A OH  1 
ATOM   1353 N N   . PHE A 1 174 ? 12.004  -4.937  5.934   1.00 18.60 ? 174 PHE A N   1 
ATOM   1354 C CA  . PHE A 1 174 ? 12.273  -5.830  4.820   1.00 19.30 ? 174 PHE A CA  1 
ATOM   1355 C C   . PHE A 1 174 ? 11.706  -7.231  5.042   1.00 20.70 ? 174 PHE A C   1 
ATOM   1356 O O   . PHE A 1 174 ? 11.962  -8.136  4.247   1.00 21.61 ? 174 PHE A O   1 
ATOM   1357 C CB  . PHE A 1 174 ? 13.779  -5.924  4.583   1.00 18.62 ? 174 PHE A CB  1 
ATOM   1358 C CG  . PHE A 1 174 ? 14.475  -4.592  4.566   1.00 18.99 ? 174 PHE A CG  1 
ATOM   1359 C CD1 . PHE A 1 174 ? 15.276  -4.200  5.635   1.00 18.97 ? 174 PHE A CD1 1 
ATOM   1360 C CD2 . PHE A 1 174 ? 14.341  -3.734  3.480   1.00 18.74 ? 174 PHE A CD2 1 
ATOM   1361 C CE1 . PHE A 1 174 ? 15.936  -2.977  5.621   1.00 19.43 ? 174 PHE A CE1 1 
ATOM   1362 C CE2 . PHE A 1 174 ? 14.997  -2.507  3.455   1.00 18.74 ? 174 PHE A CE2 1 
ATOM   1363 C CZ  . PHE A 1 174 ? 15.797  -2.128  4.529   1.00 19.04 ? 174 PHE A CZ  1 
ATOM   1364 N N   . GLY A 1 175 ? 10.936  -7.402  6.116   1.00 21.70 ? 175 GLY A N   1 
ATOM   1365 C CA  . GLY A 1 175 ? 10.358  -8.703  6.419   1.00 23.24 ? 175 GLY A CA  1 
ATOM   1366 C C   . GLY A 1 175 ? 11.442  -9.755  6.553   1.00 24.09 ? 175 GLY A C   1 
ATOM   1367 O O   . GLY A 1 175 ? 12.302  -9.664  7.428   1.00 24.12 ? 175 GLY A O   1 
ATOM   1368 N N   . ASN A 1 176 ? 11.401  -10.764 5.692   1.00 24.55 ? 176 ASN A N   1 
ATOM   1369 C CA  . ASN A 1 176 ? 12.417  -11.797 5.713   1.00 25.75 ? 176 ASN A CA  1 
ATOM   1370 C C   . ASN A 1 176 ? 13.229  -11.735 4.415   1.00 26.11 ? 176 ASN A C   1 
ATOM   1371 O O   . ASN A 1 176 ? 14.081  -12.587 4.159   1.00 26.76 ? 176 ASN A O   1 
ATOM   1372 C CB  . ASN A 1 176 ? 11.783  -13.182 5.882   1.00 26.30 ? 176 ASN A CB  1 
ATOM   1373 C CG  . ASN A 1 176 ? 10.779  -13.504 4.797   1.00 27.63 ? 176 ASN A CG  1 
ATOM   1374 O OD1 . ASN A 1 176 ? 10.970  -13.161 3.628   1.00 28.25 ? 176 ASN A OD1 1 
ATOM   1375 N ND2 . ASN A 1 176 ? 9.706   -14.187 5.174   1.00 28.33 ? 176 ASN A ND2 1 
ATOM   1376 N N   . GLY A 1 177 ? 12.953  -10.719 3.597   1.00 25.92 ? 177 GLY A N   1 
ATOM   1377 C CA  . GLY A 1 177 ? 13.676  -10.555 2.347   1.00 25.02 ? 177 GLY A CA  1 
ATOM   1378 C C   . GLY A 1 177 ? 12.884  -10.795 1.073   1.00 25.18 ? 177 GLY A C   1 
ATOM   1379 O O   . GLY A 1 177 ? 13.302  -10.366 -0.005  1.00 25.71 ? 177 GLY A O   1 
ATOM   1380 N N   . ASP A 1 178 ? 11.747  -11.476 1.182   1.00 24.58 ? 178 ASP A N   1 
ATOM   1381 C CA  . ASP A 1 178 ? 10.920  -11.765 0.012   1.00 24.20 ? 178 ASP A CA  1 
ATOM   1382 C C   . ASP A 1 178 ? 9.747   -10.801 -0.111  1.00 23.28 ? 178 ASP A C   1 
ATOM   1383 O O   . ASP A 1 178 ? 9.272   -10.263 0.888   1.00 22.97 ? 178 ASP A O   1 
ATOM   1384 C CB  . ASP A 1 178 ? 10.394  -13.193 0.093   1.00 26.60 ? 178 ASP A CB  1 
ATOM   1385 C CG  . ASP A 1 178 ? 11.460  -14.179 0.513   1.00 29.88 ? 178 ASP A CG  1 
ATOM   1386 O OD1 . ASP A 1 178 ? 12.531  -14.198 -0.129  1.00 32.65 ? 178 ASP A OD1 1 
ATOM   1387 O OD2 . ASP A 1 178 ? 11.231  -14.936 1.483   1.00 31.64 ? 178 ASP A OD2 1 
ATOM   1388 N N   . PHE A 1 179 ? 9.272   -10.597 -1.336  1.00 22.49 ? 179 PHE A N   1 
ATOM   1389 C CA  . PHE A 1 179 ? 8.157   -9.690  -1.574  1.00 22.70 ? 179 PHE A CA  1 
ATOM   1390 C C   . PHE A 1 179 ? 6.913   -10.026 -0.753  1.00 22.86 ? 179 PHE A C   1 
ATOM   1391 O O   . PHE A 1 179 ? 6.267   -9.133  -0.214  1.00 24.60 ? 179 PHE A O   1 
ATOM   1392 C CB  . PHE A 1 179 ? 7.789   -9.649  -3.068  1.00 22.63 ? 179 PHE A CB  1 
ATOM   1393 C CG  . PHE A 1 179 ? 8.658   -8.725  -3.899  1.00 23.92 ? 179 PHE A CG  1 
ATOM   1394 C CD1 . PHE A 1 179 ? 8.229   -8.294  -5.157  1.00 24.38 ? 179 PHE A CD1 1 
ATOM   1395 C CD2 . PHE A 1 179 ? 9.904   -8.292  -3.436  1.00 23.57 ? 179 PHE A CD2 1 
ATOM   1396 C CE1 . PHE A 1 179 ? 9.025   -7.444  -5.940  1.00 23.58 ? 179 PHE A CE1 1 
ATOM   1397 C CE2 . PHE A 1 179 ? 10.705  -7.447  -4.210  1.00 22.68 ? 179 PHE A CE2 1 
ATOM   1398 C CZ  . PHE A 1 179 ? 10.262  -7.023  -5.463  1.00 22.85 ? 179 PHE A CZ  1 
ATOM   1399 N N   . ASN A 1 180 ? 6.568   -11.302 -0.649  1.00 22.73 ? 180 ASN A N   1 
ATOM   1400 C CA  . ASN A 1 180 ? 5.383   -11.675 0.113   1.00 22.61 ? 180 ASN A CA  1 
ATOM   1401 C C   . ASN A 1 180 ? 5.517   -11.317 1.587   1.00 21.59 ? 180 ASN A C   1 
ATOM   1402 O O   . ASN A 1 180 ? 4.525   -11.052 2.259   1.00 21.92 ? 180 ASN A O   1 
ATOM   1403 C CB  . ASN A 1 180 ? 5.088   -13.174 -0.043  1.00 25.65 ? 180 ASN A CB  1 
ATOM   1404 C CG  . ASN A 1 180 ? 6.322   -14.043 0.154   1.00 28.01 ? 180 ASN A CG  1 
ATOM   1405 O OD1 . ASN A 1 180 ? 6.979   -13.987 1.195   1.00 29.99 ? 180 ASN A OD1 1 
ATOM   1406 N ND2 . ASN A 1 180 ? 6.638   -14.853 -0.850  1.00 29.84 ? 180 ASN A ND2 1 
ATOM   1407 N N   . SER A 1 181 ? 6.748   -11.304 2.085   1.00 20.95 ? 181 SER A N   1 
ATOM   1408 C CA  . SER A 1 181 ? 6.991   -10.973 3.484   1.00 20.98 ? 181 SER A CA  1 
ATOM   1409 C C   . SER A 1 181 ? 6.810   -9.476  3.733   1.00 20.44 ? 181 SER A C   1 
ATOM   1410 O O   . SER A 1 181 ? 6.352   -9.061  4.802   1.00 20.82 ? 181 SER A O   1 
ATOM   1411 C CB  . SER A 1 181 ? 8.410   -11.396 3.886   1.00 20.82 ? 181 SER A CB  1 
ATOM   1412 O OG  . SER A 1 181 ? 8.696   -11.035 5.230   1.00 20.91 ? 181 SER A OG  1 
ATOM   1413 N N   . MET A 1 182 ? 7.165   -8.671  2.735   1.00 19.35 ? 182 MET A N   1 
ATOM   1414 C CA  . MET A 1 182 ? 7.062   -7.220  2.841   1.00 18.12 ? 182 MET A CA  1 
ATOM   1415 C C   . MET A 1 182 ? 5.637   -6.738  2.605   1.00 17.21 ? 182 MET A C   1 
ATOM   1416 O O   . MET A 1 182 ? 5.256   -5.657  3.054   1.00 17.17 ? 182 MET A O   1 
ATOM   1417 C CB  . MET A 1 182 ? 7.999   -6.558  1.823   1.00 18.63 ? 182 MET A CB  1 
ATOM   1418 C CG  . MET A 1 182 ? 9.416   -7.116  1.817   1.00 18.28 ? 182 MET A CG  1 
ATOM   1419 S SD  . MET A 1 182 ? 10.438  -6.420  0.509   1.00 18.80 ? 182 MET A SD  1 
ATOM   1420 C CE  . MET A 1 182 ? 11.950  -6.147  1.379   1.00 18.39 ? 182 MET A CE  1 
ATOM   1421 N N   . LEU A 1 183 ? 4.855   -7.551  1.905   1.00 16.57 ? 183 LEU A N   1 
ATOM   1422 C CA  . LEU A 1 183 ? 3.478   -7.209  1.581   1.00 16.05 ? 183 LEU A CA  1 
ATOM   1423 C C   . LEU A 1 183 ? 2.461   -7.743  2.576   1.00 16.60 ? 183 LEU A C   1 
ATOM   1424 O O   . LEU A 1 183 ? 1.351   -7.230  2.655   1.00 17.32 ? 183 LEU A O   1 
ATOM   1425 C CB  . LEU A 1 183 ? 3.125   -7.738  0.191   1.00 15.30 ? 183 LEU A CB  1 
ATOM   1426 C CG  . LEU A 1 183 ? 3.977   -7.274  -0.986  1.00 14.23 ? 183 LEU A CG  1 
ATOM   1427 C CD1 . LEU A 1 183 ? 3.585   -8.071  -2.212  1.00 13.82 ? 183 LEU A CD1 1 
ATOM   1428 C CD2 . LEU A 1 183 ? 3.791   -5.774  -1.215  1.00 15.49 ? 183 LEU A CD2 1 
ATOM   1429 N N   . LYS A 1 184 ? 2.832   -8.769  3.336   1.00 17.81 ? 184 LYS A N   1 
ATOM   1430 C CA  . LYS A 1 184 ? 1.904   -9.350  4.300   1.00 19.23 ? 184 LYS A CA  1 
ATOM   1431 C C   . LYS A 1 184 ? 1.394   -8.346  5.334   1.00 20.28 ? 184 LYS A C   1 
ATOM   1432 O O   . LYS A 1 184 ? 0.440   -8.628  6.058   1.00 21.78 ? 184 LYS A O   1 
ATOM   1433 C CB  . LYS A 1 184 ? 2.540   -10.537 5.024   1.00 18.92 ? 184 LYS A CB  1 
ATOM   1434 C CG  . LYS A 1 184 ? 1.592   -11.150 6.034   1.00 20.74 ? 184 LYS A CG  1 
ATOM   1435 C CD  . LYS A 1 184 ? 2.156   -12.344 6.762   1.00 23.14 ? 184 LYS A CD  1 
ATOM   1436 C CE  . LYS A 1 184 ? 1.114   -12.864 7.743   1.00 25.46 ? 184 LYS A CE  1 
ATOM   1437 N NZ  . LYS A 1 184 ? 1.406   -14.229 8.248   1.00 27.01 ? 184 LYS A NZ  1 
ATOM   1438 N N   . ILE A 1 185 ? 2.020   -7.174  5.400   1.00 20.60 ? 185 ILE A N   1 
ATOM   1439 C CA  . ILE A 1 185 ? 1.618   -6.149  6.361   1.00 20.09 ? 185 ILE A CA  1 
ATOM   1440 C C   . ILE A 1 185 ? 0.277   -5.517  6.005   1.00 20.54 ? 185 ILE A C   1 
ATOM   1441 O O   . ILE A 1 185 ? -0.359  -4.868  6.842   1.00 21.22 ? 185 ILE A O   1 
ATOM   1442 C CB  . ILE A 1 185 ? 2.680   -5.040  6.457   1.00 19.42 ? 185 ILE A CB  1 
ATOM   1443 C CG1 . ILE A 1 185 ? 2.859   -4.365  5.095   1.00 20.00 ? 185 ILE A CG1 1 
ATOM   1444 C CG2 . ILE A 1 185 ? 3.990   -5.629  6.926   1.00 19.37 ? 185 ILE A CG2 1 
ATOM   1445 C CD1 . ILE A 1 185 ? 3.929   -3.293  5.073   1.00 20.30 ? 185 ILE A CD1 1 
ATOM   1446 N N   . TYR A 1 186 ? -0.151  -5.714  4.762   1.00 19.56 ? 186 TYR A N   1 
ATOM   1447 C CA  . TYR A 1 186 ? -1.411  -5.158  4.279   1.00 19.82 ? 186 TYR A CA  1 
ATOM   1448 C C   . TYR A 1 186 ? -2.566  -6.177  4.321   1.00 20.05 ? 186 TYR A C   1 
ATOM   1449 O O   . TYR A 1 186 ? -3.688  -5.877  3.896   1.00 19.37 ? 186 TYR A O   1 
ATOM   1450 C CB  . TYR A 1 186 ? -1.233  -4.661  2.842   1.00 19.12 ? 186 TYR A CB  1 
ATOM   1451 C CG  . TYR A 1 186 ? -0.143  -3.627  2.635   1.00 18.21 ? 186 TYR A CG  1 
ATOM   1452 C CD1 . TYR A 1 186 ? 0.853   -3.826  1.679   1.00 18.35 ? 186 TYR A CD1 1 
ATOM   1453 C CD2 . TYR A 1 186 ? -0.142  -2.425  3.342   1.00 17.79 ? 186 TYR A CD2 1 
ATOM   1454 C CE1 . TYR A 1 186 ? 1.819   -2.856  1.425   1.00 17.48 ? 186 TYR A CE1 1 
ATOM   1455 C CE2 . TYR A 1 186 ? 0.820   -1.444  3.097   1.00 17.34 ? 186 TYR A CE2 1 
ATOM   1456 C CZ  . TYR A 1 186 ? 1.796   -1.669  2.134   1.00 17.55 ? 186 TYR A CZ  1 
ATOM   1457 O OH  . TYR A 1 186 ? 2.738   -0.703  1.860   1.00 17.70 ? 186 TYR A OH  1 
ATOM   1458 N N   . SER A 1 187 ? -2.289  -7.369  4.844   1.00 20.56 ? 187 SER A N   1 
ATOM   1459 C CA  . SER A 1 187 ? -3.276  -8.443  4.915   1.00 21.62 ? 187 SER A CA  1 
ATOM   1460 C C   . SER A 1 187 ? -4.569  -8.107  5.650   1.00 22.09 ? 187 SER A C   1 
ATOM   1461 O O   . SER A 1 187 ? -5.572  -8.803  5.492   1.00 22.98 ? 187 SER A O   1 
ATOM   1462 C CB  . SER A 1 187 ? -2.650  -9.684  5.553   1.00 21.72 ? 187 SER A CB  1 
ATOM   1463 O OG  . SER A 1 187 ? -2.226  -9.410  6.878   1.00 24.93 ? 187 SER A OG  1 
ATOM   1464 N N   . ASN A 1 188 ? -4.556  -7.056  6.461   1.00 22.73 ? 188 ASN A N   1 
ATOM   1465 C CA  . ASN A 1 188 ? -5.756  -6.678  7.203   1.00 22.37 ? 188 ASN A CA  1 
ATOM   1466 C C   . ASN A 1 188 ? -6.786  -5.987  6.309   1.00 21.93 ? 188 ASN A C   1 
ATOM   1467 O O   . ASN A 1 188 ? -7.916  -5.742  6.730   1.00 23.27 ? 188 ASN A O   1 
ATOM   1468 C CB  . ASN A 1 188 ? -5.391  -5.772  8.385   1.00 24.04 ? 188 ASN A CB  1 
ATOM   1469 C CG  . ASN A 1 188 ? -4.549  -4.575  7.973   1.00 26.09 ? 188 ASN A CG  1 
ATOM   1470 O OD1 . ASN A 1 188 ? -4.927  -3.808  7.088   1.00 27.69 ? 188 ASN A OD1 1 
ATOM   1471 N ND2 . ASN A 1 188 ? -3.403  -4.409  8.621   1.00 28.02 ? 188 ASN A ND2 1 
ATOM   1472 N N   . ASN A 1 189 ? -6.394  -5.683  5.074   1.00 20.84 ? 189 ASN A N   1 
ATOM   1473 C CA  . ASN A 1 189 ? -7.284  -5.023  4.124   1.00 20.60 ? 189 ASN A CA  1 
ATOM   1474 C C   . ASN A 1 189 ? -7.987  -3.852  4.809   1.00 21.22 ? 189 ASN A C   1 
ATOM   1475 O O   . ASN A 1 189 ? -9.140  -3.536  4.519   1.00 22.42 ? 189 ASN A O   1 
ATOM   1476 C CB  . ASN A 1 189 ? -8.312  -6.026  3.582   1.00 19.40 ? 189 ASN A CB  1 
ATOM   1477 C CG  . ASN A 1 189 ? -9.168  -5.449  2.468   1.00 18.83 ? 189 ASN A CG  1 
ATOM   1478 O OD1 . ASN A 1 189 ? -8.658  -4.902  1.493   1.00 18.17 ? 189 ASN A OD1 1 
ATOM   1479 N ND2 . ASN A 1 189 ? -10.479 -5.580  2.604   1.00 20.80 ? 189 ASN A ND2 1 
ATOM   1480 N N   . GLU A 1 190 ? -7.273  -3.211  5.725   1.00 21.38 ? 190 GLU A N   1 
ATOM   1481 C CA  . GLU A 1 190 ? -7.799  -2.080  6.472   1.00 21.58 ? 190 GLU A CA  1 
ATOM   1482 C C   . GLU A 1 190 ? -8.088  -0.890  5.565   1.00 21.04 ? 190 GLU A C   1 
ATOM   1483 O O   . GLU A 1 190 ? -7.272  -0.535  4.715   1.00 20.58 ? 190 GLU A O   1 
ATOM   1484 C CB  . GLU A 1 190 ? -6.801  -1.698  7.555   1.00 22.30 ? 190 GLU A CB  1 
ATOM   1485 C CG  . GLU A 1 190 ? -7.134  -0.458  8.328   1.00 25.80 ? 190 GLU A CG  1 
ATOM   1486 C CD  . GLU A 1 190 ? -6.227  -0.304  9.521   1.00 27.96 ? 190 GLU A CD  1 
ATOM   1487 O OE1 . GLU A 1 190 ? -5.029  -0.627  9.386   1.00 30.64 ? 190 GLU A OE1 1 
ATOM   1488 O OE2 . GLU A 1 190 ? -6.701  0.139   10.589  1.00 31.13 ? 190 GLU A OE2 1 
ATOM   1489 N N   . ARG A 1 191 ? -9.257  -0.284  5.754   1.00 20.94 ? 191 ARG A N   1 
ATOM   1490 C CA  . ARG A 1 191 ? -9.687  0.862   4.961   1.00 21.64 ? 191 ARG A CA  1 
ATOM   1491 C C   . ARG A 1 191 ? -10.000 2.064   5.841   1.00 21.70 ? 191 ARG A C   1 
ATOM   1492 O O   . ARG A 1 191 ? -10.272 1.918   7.032   1.00 21.83 ? 191 ARG A O   1 
ATOM   1493 C CB  . ARG A 1 191 ? -10.927 0.504   4.149   1.00 23.45 ? 191 ARG A CB  1 
ATOM   1494 C CG  . ARG A 1 191 ? -10.671 -0.462  3.017   1.00 26.16 ? 191 ARG A CG  1 
ATOM   1495 C CD  . ARG A 1 191 ? -11.923 -1.265  2.729   1.00 28.44 ? 191 ARG A CD  1 
ATOM   1496 N NE  . ARG A 1 191 ? -12.200 -2.198  3.815   1.00 30.28 ? 191 ARG A NE  1 
ATOM   1497 C CZ  . ARG A 1 191 ? -13.268 -2.983  3.874   1.00 30.76 ? 191 ARG A CZ  1 
ATOM   1498 N NH1 . ARG A 1 191 ? -14.174 -2.947  2.906   1.00 30.37 ? 191 ARG A NH1 1 
ATOM   1499 N NH2 . ARG A 1 191 ? -13.417 -3.817  4.896   1.00 31.50 ? 191 ARG A NH2 1 
ATOM   1500 N N   . ILE A 1 192 ? -9.974  3.248   5.235   1.00 21.77 ? 192 ILE A N   1 
ATOM   1501 C CA  . ILE A 1 192 ? -10.229 4.495   5.948   1.00 21.34 ? 192 ILE A CA  1 
ATOM   1502 C C   . ILE A 1 192 ? -10.914 5.523   5.063   1.00 20.35 ? 192 ILE A C   1 
ATOM   1503 O O   . ILE A 1 192 ? -10.820 5.472   3.842   1.00 19.97 ? 192 ILE A O   1 
ATOM   1504 C CB  . ILE A 1 192 ? -8.913  5.116   6.466   1.00 22.38 ? 192 ILE A CB  1 
ATOM   1505 C CG1 . ILE A 1 192 ? -7.934  5.298   5.306   1.00 23.47 ? 192 ILE A CG1 1 
ATOM   1506 C CG2 . ILE A 1 192 ? -8.293  4.222   7.527   1.00 23.52 ? 192 ILE A CG2 1 
ATOM   1507 C CD1 . ILE A 1 192 ? -6.559  5.752   5.737   1.00 25.56 ? 192 ILE A CD1 1 
ATOM   1508 N N   . ASP A 1 193 ? -11.596 6.463   5.697   1.00 20.84 ? 193 ASP A N   1 
ATOM   1509 C CA  . ASP A 1 193 ? -12.297 7.508   4.975   1.00 20.93 ? 193 ASP A CA  1 
ATOM   1510 C C   . ASP A 1 193 ? -11.286 8.505   4.411   1.00 19.69 ? 193 ASP A C   1 
ATOM   1511 O O   . ASP A 1 193 ? -10.546 9.144   5.157   1.00 19.20 ? 193 ASP A O   1 
ATOM   1512 C CB  . ASP A 1 193 ? -13.273 8.199   5.914   1.00 24.25 ? 193 ASP A CB  1 
ATOM   1513 C CG  . ASP A 1 193 ? -14.230 9.095   5.185   1.00 29.66 ? 193 ASP A CG  1 
ATOM   1514 O OD1 . ASP A 1 193 ? -13.774 10.122  4.633   1.00 32.89 ? 193 ASP A OD1 1 
ATOM   1515 O OD2 . ASP A 1 193 ? -15.437 8.768   5.151   1.00 33.27 ? 193 ASP A OD2 1 
ATOM   1516 N N   . SER A 1 194 ? -11.271 8.630   3.087   1.00 18.23 ? 194 SER A N   1 
ATOM   1517 C CA  . SER A 1 194 ? -10.339 9.499   2.376   1.00 17.96 ? 194 SER A CA  1 
ATOM   1518 C C   . SER A 1 194 ? -10.158 10.940  2.824   1.00 18.23 ? 194 SER A C   1 
ATOM   1519 O O   . SER A 1 194 ? -9.061  11.482  2.716   1.00 17.93 ? 194 SER A O   1 
ATOM   1520 C CB  . SER A 1 194 ? -10.675 9.487   0.891   1.00 17.92 ? 194 SER A CB  1 
ATOM   1521 O OG  . SER A 1 194 ? -10.483 8.192   0.362   1.00 20.02 ? 194 SER A OG  1 
ATOM   1522 N N   . THR A 1 195 ? -11.216 11.577  3.311   1.00 19.28 ? 195 THR A N   1 
ATOM   1523 C CA  . THR A 1 195 ? -11.093 12.966  3.747   1.00 20.31 ? 195 THR A CA  1 
ATOM   1524 C C   . THR A 1 195 ? -11.045 13.097  5.261   1.00 20.49 ? 195 THR A C   1 
ATOM   1525 O O   . THR A 1 195 ? -11.147 14.196  5.796   1.00 21.57 ? 195 THR A O   1 
ATOM   1526 C CB  . THR A 1 195 ? -12.263 13.831  3.225   1.00 20.65 ? 195 THR A CB  1 
ATOM   1527 O OG1 . THR A 1 195 ? -13.495 13.340  3.763   1.00 20.65 ? 195 THR A OG1 1 
ATOM   1528 C CG2 . THR A 1 195 ? -12.322 13.798  1.705   1.00 20.20 ? 195 THR A CG2 1 
ATOM   1529 N N   . GLN A 1 196 ? -10.876 11.976  5.950   1.00 20.94 ? 196 GLN A N   1 
ATOM   1530 C CA  . GLN A 1 196 ? -10.826 11.980  7.407   1.00 21.29 ? 196 GLN A CA  1 
ATOM   1531 C C   . GLN A 1 196 ? -9.459  11.603  7.979   1.00 20.44 ? 196 GLN A C   1 
ATOM   1532 O O   . GLN A 1 196 ? -9.366  10.886  8.981   1.00 19.60 ? 196 GLN A O   1 
ATOM   1533 C CB  . GLN A 1 196 ? -11.903 11.042  7.954   1.00 23.94 ? 196 GLN A CB  1 
ATOM   1534 C CG  . GLN A 1 196 ? -13.319 11.579  7.800   1.00 26.75 ? 196 GLN A CG  1 
ATOM   1535 C CD  . GLN A 1 196 ? -14.381 10.545  8.131   1.00 27.96 ? 196 GLN A CD  1 
ATOM   1536 O OE1 . GLN A 1 196 ? -14.196 9.703   9.010   1.00 29.12 ? 196 GLN A OE1 1 
ATOM   1537 N NE2 . GLN A 1 196 ? -15.511 10.616  7.435   1.00 28.50 ? 196 GLN A NE2 1 
ATOM   1538 N N   . PHE A 1 197 ? -8.400  12.101  7.349   1.00 19.42 ? 197 PHE A N   1 
ATOM   1539 C CA  . PHE A 1 197 ? -7.050  11.818  7.807   1.00 18.05 ? 197 PHE A CA  1 
ATOM   1540 C C   . PHE A 1 197 ? -6.036  12.533  6.930   1.00 17.48 ? 197 PHE A C   1 
ATOM   1541 O O   . PHE A 1 197 ? -6.372  13.034  5.860   1.00 18.69 ? 197 PHE A O   1 
ATOM   1542 C CB  . PHE A 1 197 ? -6.789  10.311  7.743   1.00 18.80 ? 197 PHE A CB  1 
ATOM   1543 C CG  . PHE A 1 197 ? -6.524  9.804   6.352   1.00 19.06 ? 197 PHE A CG  1 
ATOM   1544 C CD1 . PHE A 1 197 ? -5.252  9.376   5.986   1.00 18.66 ? 197 PHE A CD1 1 
ATOM   1545 C CD2 . PHE A 1 197 ? -7.532  9.802   5.396   1.00 18.91 ? 197 PHE A CD2 1 
ATOM   1546 C CE1 . PHE A 1 197 ? -4.987  8.956   4.688   1.00 18.93 ? 197 PHE A CE1 1 
ATOM   1547 C CE2 . PHE A 1 197 ? -7.276  9.383   4.092   1.00 19.16 ? 197 PHE A CE2 1 
ATOM   1548 C CZ  . PHE A 1 197 ? -6.003  8.960   3.737   1.00 18.57 ? 197 PHE A CZ  1 
ATOM   1549 N N   . HIS A 1 198 ? -4.795  12.582  7.400   1.00 16.80 ? 198 HIS A N   1 
ATOM   1550 C CA  . HIS A 1 198 ? -3.697  13.176  6.646   1.00 16.95 ? 198 HIS A CA  1 
ATOM   1551 C C   . HIS A 1 198 ? -2.467  12.311  6.908   1.00 16.39 ? 198 HIS A C   1 
ATOM   1552 O O   . HIS A 1 198 ? -2.477  11.456  7.794   1.00 16.07 ? 198 HIS A O   1 
ATOM   1553 C CB  . HIS A 1 198 ? -3.426  14.622  7.068   1.00 18.09 ? 198 HIS A CB  1 
ATOM   1554 C CG  . HIS A 1 198 ? -2.957  14.766  8.482   1.00 20.14 ? 198 HIS A CG  1 
ATOM   1555 N ND1 . HIS A 1 198 ? -3.824  14.816  9.553   1.00 20.55 ? 198 HIS A ND1 1 
ATOM   1556 C CD2 . HIS A 1 198 ? -1.711  14.866  9.001   1.00 20.73 ? 198 HIS A CD2 1 
ATOM   1557 C CE1 . HIS A 1 198 ? -3.132  14.942  10.671  1.00 20.77 ? 198 HIS A CE1 1 
ATOM   1558 N NE2 . HIS A 1 198 ? -1.846  14.973  10.364  1.00 21.31 ? 198 HIS A NE2 1 
ATOM   1559 N N   . VAL A 1 199 ? -1.405  12.534  6.147   1.00 15.84 ? 199 VAL A N   1 
ATOM   1560 C CA  . VAL A 1 199 ? -0.203  11.731  6.307   1.00 15.36 ? 199 VAL A CA  1 
ATOM   1561 C C   . VAL A 1 199 ? 1.023   12.496  6.831   1.00 15.88 ? 199 VAL A C   1 
ATOM   1562 O O   . VAL A 1 199 ? 1.327   13.597  6.384   1.00 16.20 ? 199 VAL A O   1 
ATOM   1563 C CB  . VAL A 1 199 ? 0.149   11.044  4.955   1.00 14.69 ? 199 VAL A CB  1 
ATOM   1564 C CG1 . VAL A 1 199 ? 1.295   10.065  5.140   1.00 13.88 ? 199 VAL A CG1 1 
ATOM   1565 C CG2 . VAL A 1 199 ? -1.076  10.329  4.400   1.00 12.21 ? 199 VAL A CG2 1 
ATOM   1566 N N   . ASP A 1 200 ? 1.716   11.901  7.795   1.00 16.66 ? 200 ASP A N   1 
ATOM   1567 C CA  . ASP A 1 200 ? 2.922   12.487  8.364   1.00 18.23 ? 200 ASP A CA  1 
ATOM   1568 C C   . ASP A 1 200 ? 4.073   11.538  8.064   1.00 19.04 ? 200 ASP A C   1 
ATOM   1569 O O   . ASP A 1 200 ? 4.052   10.381  8.479   1.00 19.73 ? 200 ASP A O   1 
ATOM   1570 C CB  . ASP A 1 200 ? 2.782   12.639  9.876   1.00 20.15 ? 200 ASP A CB  1 
ATOM   1571 C CG  . ASP A 1 200 ? 1.806   13.721  10.264  1.00 23.04 ? 200 ASP A CG  1 
ATOM   1572 O OD1 . ASP A 1 200 ? 1.300   13.672  11.406  1.00 26.40 ? 200 ASP A OD1 1 
ATOM   1573 O OD2 . ASP A 1 200 ? 1.554   14.626  9.441   1.00 24.45 ? 200 ASP A OD2 1 
ATOM   1574 N N   . VAL A 1 201 ? 5.072   12.020  7.334   1.00 19.54 ? 201 VAL A N   1 
ATOM   1575 C CA  . VAL A 1 201 ? 6.222   11.194  6.995   1.00 19.16 ? 201 VAL A CA  1 
ATOM   1576 C C   . VAL A 1 201 ? 7.464   11.754  7.648   1.00 19.83 ? 201 VAL A C   1 
ATOM   1577 O O   . VAL A 1 201 ? 7.668   12.963  7.669   1.00 20.00 ? 201 VAL A O   1 
ATOM   1578 C CB  . VAL A 1 201 ? 6.471   11.166  5.481   1.00 18.75 ? 201 VAL A CB  1 
ATOM   1579 C CG1 . VAL A 1 201 ? 7.652   10.254  5.159   1.00 16.53 ? 201 VAL A CG1 1 
ATOM   1580 C CG2 . VAL A 1 201 ? 5.215   10.715  4.769   1.00 18.65 ? 201 VAL A CG2 1 
ATOM   1581 N N   . SER A 1 202 ? 8.293   10.868  8.178   1.00 21.25 ? 202 SER A N   1 
ATOM   1582 C CA  . SER A 1 202 ? 9.535   11.279  8.814   1.00 20.79 ? 202 SER A CA  1 
ATOM   1583 C C   . SER A 1 202 ? 10.685  10.461  8.253   1.00 19.72 ? 202 SER A C   1 
ATOM   1584 O O   . SER A 1 202 ? 10.760  9.256   8.473   1.00 20.35 ? 202 SER A O   1 
ATOM   1585 C CB  . SER A 1 202 ? 9.458   11.074  10.320  1.00 22.01 ? 202 SER A CB  1 
ATOM   1586 O OG  . SER A 1 202 ? 10.674  11.469  10.920  1.00 25.25 ? 202 SER A OG  1 
ATOM   1587 N N   . ILE A 1 203 ? 11.574  11.122  7.521   1.00 18.54 ? 203 ILE A N   1 
ATOM   1588 C CA  . ILE A 1 203 ? 12.720  10.451  6.924   1.00 17.07 ? 203 ILE A CA  1 
ATOM   1589 C C   . ILE A 1 203 ? 14.041  11.074  7.385   1.00 17.84 ? 203 ILE A C   1 
ATOM   1590 O O   . ILE A 1 203 ? 14.187  12.294  7.422   1.00 17.45 ? 203 ILE A O   1 
ATOM   1591 C CB  . ILE A 1 203 ? 12.626  10.481  5.372   1.00 15.07 ? 203 ILE A CB  1 
ATOM   1592 C CG1 . ILE A 1 203 ? 12.402  11.914  4.875   1.00 12.26 ? 203 ILE A CG1 1 
ATOM   1593 C CG2 . ILE A 1 203 ? 11.491  9.572   4.915   1.00 14.47 ? 203 ILE A CG2 1 
ATOM   1594 C CD1 . ILE A 1 203 ? 12.305  12.036  3.371   1.00 10.63 ? 203 ILE A CD1 1 
ATOM   1595 N N   . SER A 1 204 ? 14.994  10.225  7.757   1.00 18.48 ? 204 SER A N   1 
ATOM   1596 C CA  . SER A 1 204 ? 16.296  10.697  8.212   1.00 19.70 ? 204 SER A CA  1 
ATOM   1597 C C   . SER A 1 204 ? 17.380  9.660   7.937   1.00 19.99 ? 204 SER A C   1 
ATOM   1598 O O   . SER A 1 204 ? 18.568  10.048  7.859   1.00 20.97 ? 204 SER A O   1 
ATOM   1599 C CB  . SER A 1 204 ? 16.251  11.027  9.705   1.00 19.93 ? 204 SER A CB  1 
ATOM   1600 O OG  . SER A 1 204 ? 15.860  9.903   10.470  1.00 23.12 ? 204 SER A OG  1 
ATOM   1601 O OXT . SER A 1 204 ? 17.025  8.469   7.813   1.00 19.42 ? 204 SER A OXT 1 
HETATM 1602 O O   . HOH B 2 .   ? -7.597  1.258   -2.065  1.00 10.17 ? 205 HOH A O   1 
HETATM 1603 O O   . HOH B 2 .   ? 14.959  5.532   -3.424  1.00 8.80  ? 206 HOH A O   1 
HETATM 1604 O O   . HOH B 2 .   ? -4.738  -3.560  2.399   1.00 12.81 ? 207 HOH A O   1 
HETATM 1605 O O   . HOH B 2 .   ? 8.288   -2.227  3.870   1.00 10.95 ? 208 HOH A O   1 
HETATM 1606 O O   . HOH B 2 .   ? 5.112   -0.534  -7.593  1.00 22.24 ? 209 HOH A O   1 
HETATM 1607 O O   . HOH B 2 .   ? 5.591   9.653   10.471  1.00 17.86 ? 210 HOH A O   1 
HETATM 1608 O O   . HOH B 2 .   ? -9.100  -0.430  -3.373  1.00 16.36 ? 211 HOH A O   1 
HETATM 1609 O O   . HOH B 2 .   ? -4.745  -1.632  4.103   1.00 16.03 ? 212 HOH A O   1 
HETATM 1610 O O   . HOH B 2 .   ? 6.504   -1.309  6.131   1.00 15.53 ? 213 HOH A O   1 
HETATM 1611 O O   . HOH B 2 .   ? 12.923  3.205   10.065  1.00 19.86 ? 214 HOH A O   1 
HETATM 1612 O O   . HOH B 2 .   ? -2.941  -2.409  6.053   1.00 13.15 ? 215 HOH A O   1 
HETATM 1613 O O   . HOH B 2 .   ? -11.458 -13.540 4.181   1.00 32.78 ? 216 HOH A O   1 
HETATM 1614 O O   . HOH B 2 .   ? 12.883  14.121  10.626  1.00 19.13 ? 217 HOH A O   1 
HETATM 1615 O O   . HOH B 2 .   ? -0.065  -6.773  -1.618  1.00 12.19 ? 218 HOH A O   1 
HETATM 1616 O O   . HOH B 2 .   ? -12.584 -16.149 -5.955  1.00 17.58 ? 219 HOH A O   1 
HETATM 1617 O O   . HOH B 2 .   ? -8.164  0.968   -8.198  1.00 16.27 ? 220 HOH A O   1 
HETATM 1618 O O   . HOH B 2 .   ? 1.979   9.231   -5.694  1.00 25.94 ? 221 HOH A O   1 
HETATM 1619 O O   . HOH B 2 .   ? 7.747   -6.632  -11.535 1.00 31.79 ? 222 HOH A O   1 
HETATM 1620 O O   . HOH B 2 .   ? 7.926   -13.405 -2.698  1.00 15.21 ? 223 HOH A O   1 
HETATM 1621 O O   . HOH B 2 .   ? 15.358  1.902   10.331  1.00 24.99 ? 224 HOH A O   1 
HETATM 1622 O O   . HOH B 2 .   ? -14.068 3.090   -2.388  1.00 27.60 ? 225 HOH A O   1 
HETATM 1623 O O   . HOH B 2 .   ? 5.846   -1.639  8.856   1.00 29.18 ? 226 HOH A O   1 
HETATM 1624 O O   . HOH B 2 .   ? 24.171  -7.065  0.946   1.00 23.76 ? 227 HOH A O   1 
HETATM 1625 O O   . HOH B 2 .   ? -8.034  5.840   -5.998  1.00 24.36 ? 228 HOH A O   1 
HETATM 1626 O O   . HOH B 2 .   ? 7.515   -1.114  -14.535 1.00 30.11 ? 229 HOH A O   1 
HETATM 1627 O O   . HOH B 2 .   ? -14.250 10.332  -4.173  1.00 24.83 ? 230 HOH A O   1 
HETATM 1628 O O   . HOH B 2 .   ? 17.948  1.303   -4.160  1.00 35.64 ? 231 HOH A O   1 
HETATM 1629 O O   . HOH B 2 .   ? -15.106 -9.919  -6.157  1.00 23.63 ? 232 HOH A O   1 
HETATM 1630 O O   . HOH B 2 .   ? 11.198  3.830   12.485  1.00 39.85 ? 233 HOH A O   1 
HETATM 1631 O O   . HOH B 2 .   ? -11.737 -12.050 -12.009 1.00 24.26 ? 234 HOH A O   1 
HETATM 1632 O O   . HOH B 2 .   ? 13.742  -5.514  8.464   1.00 32.95 ? 235 HOH A O   1 
HETATM 1633 O O   . HOH B 2 .   ? -13.239 1.637   -4.426  1.00 19.89 ? 236 HOH A O   1 
HETATM 1634 O O   . HOH B 2 .   ? 7.614   -10.338 -7.828  1.00 28.46 ? 237 HOH A O   1 
HETATM 1635 O O   . HOH B 2 .   ? -5.438  9.937   16.370  1.00 29.60 ? 238 HOH A O   1 
HETATM 1636 O O   . HOH B 2 .   ? -11.390 -0.916  7.676   1.00 28.01 ? 239 HOH A O   1 
HETATM 1637 O O   . HOH B 2 .   ? -13.203 -16.812 0.560   1.00 26.16 ? 240 HOH A O   1 
HETATM 1638 O O   . HOH B 2 .   ? 2.019   -16.633 1.005   1.00 43.17 ? 241 HOH A O   1 
HETATM 1639 O O   . HOH B 2 .   ? -21.432 -6.026  -7.283  1.00 33.42 ? 242 HOH A O   1 
HETATM 1640 O O   . HOH B 2 .   ? -0.668  10.993  -6.037  1.00 23.69 ? 243 HOH A O   1 
HETATM 1641 O O   . HOH B 2 .   ? 11.157  -11.385 -3.962  1.00 31.58 ? 244 HOH A O   1 
HETATM 1642 O O   . HOH B 2 .   ? -18.208 -14.142 -9.037  1.00 38.04 ? 245 HOH A O   1 
HETATM 1643 O O   . HOH B 2 .   ? 22.458  7.617   6.343   1.00 44.28 ? 246 HOH A O   1 
HETATM 1644 O O   . HOH B 2 .   ? 19.395  7.298   0.633   1.00 22.39 ? 247 HOH A O   1 
HETATM 1645 O O   . HOH B 2 .   ? 14.491  8.756   -7.475  1.00 56.51 ? 248 HOH A O   1 
HETATM 1646 O O   . HOH B 2 .   ? -14.822 -18.330 -4.905  1.00 38.04 ? 249 HOH A O   1 
HETATM 1647 O O   . HOH B 2 .   ? -12.006 6.492   8.740   1.00 39.57 ? 250 HOH A O   1 
HETATM 1648 O O   . HOH B 2 .   ? -7.624  13.740  3.581   1.00 29.24 ? 251 HOH A O   1 
HETATM 1649 O O   . HOH B 2 .   ? 0.682   -1.343  -13.527 1.00 34.91 ? 252 HOH A O   1 
HETATM 1650 O O   . HOH B 2 .   ? 11.580  -18.151 2.499   1.00 33.46 ? 253 HOH A O   1 
HETATM 1651 O O   . HOH B 2 .   ? 6.363   -3.413  2.517   1.00 18.83 ? 254 HOH A O   1 
HETATM 1652 O O   . HOH B 2 .   ? 5.635   -8.565  -8.893  1.00 21.38 ? 255 HOH A O   1 
HETATM 1653 O O   . HOH B 2 .   ? 3.438   -5.985  -15.139 1.00 32.99 ? 256 HOH A O   1 
HETATM 1654 O O   . HOH B 2 .   ? 15.387  -8.863  0.270   1.00 40.47 ? 257 HOH A O   1 
HETATM 1655 O O   . HOH B 2 .   ? 6.824   -2.704  10.964  1.00 29.34 ? 258 HOH A O   1 
HETATM 1656 O O   . HOH B 2 .   ? 20.500  8.188   8.043   1.00 26.00 ? 259 HOH A O   1 
HETATM 1657 O O   . HOH B 2 .   ? 4.339   7.552   14.719  1.00 42.67 ? 260 HOH A O   1 
HETATM 1658 O O   . HOH B 2 .   ? 8.477   19.106  -6.225  1.00 32.72 ? 261 HOH A O   1 
HETATM 1659 O O   . HOH B 2 .   ? -5.898  14.322  12.039  1.00 34.03 ? 262 HOH A O   1 
HETATM 1660 O O   . HOH B 2 .   ? 5.608   17.898  3.375   1.00 37.18 ? 263 HOH A O   1 
HETATM 1661 O O   . HOH B 2 .   ? 19.279  -0.210  -5.740  1.00 50.67 ? 264 HOH A O   1 
HETATM 1662 O O   . HOH B 2 .   ? -17.464 -17.048 -5.724  1.00 29.87 ? 265 HOH A O   1 
HETATM 1663 O O   . HOH B 2 .   ? 6.955   5.208   -9.029  1.00 38.60 ? 266 HOH A O   1 
HETATM 1664 O O   . HOH B 2 .   ? 18.883  4.729   -5.900  1.00 34.87 ? 267 HOH A O   1 
HETATM 1665 O O   . HOH B 2 .   ? 7.353   1.862   -13.469 1.00 37.65 ? 268 HOH A O   1 
HETATM 1666 O O   . HOH B 2 .   ? -15.252 -1.227  0.312   1.00 38.99 ? 269 HOH A O   1 
HETATM 1667 O O   . HOH B 2 .   ? 9.810   1.541   -13.945 1.00 35.63 ? 270 HOH A O   1 
HETATM 1668 O O   . HOH B 2 .   ? -15.013 -22.238 -2.146  1.00 38.18 ? 271 HOH A O   1 
HETATM 1669 O O   . HOH B 2 .   ? -10.396 16.753  5.751   1.00 46.91 ? 272 HOH A O   1 
HETATM 1670 O O   . HOH B 2 .   ? 3.343   17.202  -4.349  1.00 58.85 ? 273 HOH A O   1 
HETATM 1671 O O   . HOH B 2 .   ? -8.958  1.356   11.215  1.00 50.18 ? 274 HOH A O   1 
HETATM 1672 O O   . HOH B 2 .   ? 11.687  8.148   12.157  1.00 31.83 ? 275 HOH A O   1 
HETATM 1673 O O   . HOH B 2 .   ? -0.946  4.350   -9.279  1.00 31.15 ? 276 HOH A O   1 
HETATM 1674 O O   . HOH B 2 .   ? 8.901   -15.297 2.339   1.00 41.57 ? 277 HOH A O   1 
HETATM 1675 O O   . HOH B 2 .   ? -0.408  15.022  12.939  1.00 58.80 ? 278 HOH A O   1 
HETATM 1676 O O   . HOH B 2 .   ? 3.895   16.437  9.681   1.00 40.39 ? 279 HOH A O   1 
HETATM 1677 O O   . HOH B 2 .   ? -1.843  -20.576 -4.890  1.00 56.69 ? 280 HOH A O   1 
HETATM 1678 O O   . HOH B 2 .   ? 12.708  15.749  13.363  1.00 26.74 ? 281 HOH A O   1 
HETATM 1679 O O   . HOH B 2 .   ? -7.048  15.182  9.449   1.00 36.52 ? 282 HOH A O   1 
# 
